data_3R5D
#
_entry.id   3R5D
#
_cell.length_a   83.038
_cell.length_b   102.002
_cell.length_c   134.903
_cell.angle_alpha   90.00
_cell.angle_beta   89.97
_cell.angle_gamma   90.00
#
_symmetry.space_group_name_H-M   'P 1 21 1'
#
loop_
_entity.id
_entity.type
_entity.pdbx_description
1 polymer 'Tetrahydrodipicolinate N-succinyletransferase'
2 non-polymer GLYCEROL
3 water water
#
_entity_poly.entity_id   1
_entity_poly.type   'polypeptide(L)'
_entity_poly.pdbx_seq_one_letter_code
;GSHMSQSLFSLAFGVGTQNRQEAWLEVFYALPLLKPSSEIVAAVAPILGYAAGNQALTFTSQQAYQLADALKGIDAAQSA
LLSRLAESQKPLVATLLAEDAAPSSTAEAYLKLHLLSHRLVKPHAVNLSGIFPLLPNVAWTNIGAVDLAELAELQLEARL
KGKLLEVFSVDKFPKMTDYVVPAGVRIADTARVRLGAYIGEGTTVMHEGFVNFNAGTEGPGMIEGRVSAGVFVGKGSDLG
GGCSTMGTLSGGGNIVISVGEGCLIGANAGIGIPLGDRNIVEAGLYITAGTKVALLDEQNALVKVVKARDLAGQPDLLFR
RNSQNGAVECKTNKTAIELNEALHAHN
;
_entity_poly.pdbx_strand_id   A,B,C,D,E,F
#
# COMPACT_ATOMS: atom_id res chain seq x y z
N GLN A 6 46.09 50.24 36.36
CA GLN A 6 45.78 49.21 37.40
C GLN A 6 45.92 47.80 36.81
N SER A 7 45.55 46.79 37.60
CA SER A 7 45.47 45.41 37.13
C SER A 7 44.24 45.25 36.24
N LEU A 8 44.43 45.37 34.93
CA LEU A 8 43.33 45.18 33.97
C LEU A 8 42.62 43.86 34.24
N PHE A 9 41.30 43.85 34.06
CA PHE A 9 40.54 42.62 34.12
C PHE A 9 40.83 41.74 32.90
N SER A 10 40.98 42.37 31.73
CA SER A 10 41.22 41.64 30.50
C SER A 10 41.68 42.56 29.36
N LEU A 11 42.38 41.98 28.40
CA LEU A 11 42.59 42.65 27.12
C LEU A 11 42.71 41.62 26.01
N ALA A 12 42.42 42.06 24.79
CA ALA A 12 42.51 41.19 23.63
C ALA A 12 42.59 41.99 22.36
N PHE A 13 43.39 41.47 21.43
CA PHE A 13 43.56 42.06 20.13
C PHE A 13 42.70 41.25 19.17
N GLY A 14 41.83 41.94 18.45
CA GLY A 14 40.81 41.30 17.65
C GLY A 14 40.79 41.78 16.21
N VAL A 15 40.38 40.89 15.32
CA VAL A 15 40.09 41.25 13.94
C VAL A 15 38.59 41.02 13.80
N GLY A 16 37.90 41.98 13.19
CA GLY A 16 36.45 41.94 13.16
C GLY A 16 35.84 42.26 11.81
N THR A 17 34.54 42.51 11.83
CA THR A 17 33.83 42.90 10.62
C THR A 17 32.93 44.08 10.93
N GLN A 18 32.97 45.06 10.04
CA GLN A 18 32.13 46.25 10.11
C GLN A 18 31.19 46.27 8.91
N ASN A 19 30.02 46.87 9.08
CA ASN A 19 29.12 47.13 7.97
C ASN A 19 29.53 48.43 7.26
N ARG A 20 28.70 48.90 6.34
CA ARG A 20 29.03 50.10 5.55
C ARG A 20 29.00 51.40 6.34
N GLN A 21 28.26 51.43 7.46
CA GLN A 21 28.18 52.63 8.31
C GLN A 21 29.20 52.63 9.46
N GLU A 22 30.10 51.63 9.46
CA GLU A 22 31.17 51.51 10.46
C GLU A 22 30.70 50.95 11.82
N ALA A 23 29.55 50.29 11.85
CA ALA A 23 29.12 49.59 13.06
C ALA A 23 29.76 48.21 13.08
N TRP A 24 30.33 47.84 14.23
CA TRP A 24 30.92 46.52 14.42
C TRP A 24 29.84 45.42 14.44
N LEU A 25 30.06 44.36 13.68
CA LEU A 25 29.14 43.22 13.64
C LEU A 25 29.62 42.08 14.52
N GLU A 26 30.94 41.87 14.54
CA GLU A 26 31.56 40.81 15.33
C GLU A 26 33.06 41.04 15.38
N VAL A 27 33.68 40.47 16.40
CA VAL A 27 35.13 40.46 16.52
C VAL A 27 35.59 39.05 16.84
N PHE A 28 36.75 38.70 16.30
CA PHE A 28 37.43 37.43 16.49
C PHE A 28 38.71 37.75 17.27
N TYR A 29 38.80 37.26 18.50
CA TYR A 29 40.01 37.39 19.30
C TYR A 29 40.72 36.04 19.32
N ALA A 30 41.92 35.98 18.73
CA ALA A 30 42.68 34.73 18.69
C ALA A 30 43.18 34.31 20.07
N LEU A 31 43.65 35.27 20.86
CA LEU A 31 44.39 35.00 22.08
C LEU A 31 43.97 35.93 23.22
N PRO A 32 42.68 35.89 23.61
CA PRO A 32 42.22 36.77 24.68
C PRO A 32 42.94 36.52 26.00
N LEU A 33 43.19 37.58 26.75
CA LEU A 33 43.93 37.52 28.00
C LEU A 33 43.07 37.97 29.18
N LEU A 34 42.97 37.10 30.17
CA LEU A 34 42.34 37.42 31.44
C LEU A 34 43.45 37.82 32.40
N LYS A 35 43.24 38.95 33.08
CA LYS A 35 44.26 39.51 33.96
C LYS A 35 45.62 39.57 33.27
N PRO A 36 45.72 40.35 32.19
CA PRO A 36 47.01 40.49 31.55
C PRO A 36 48.04 41.04 32.56
N SER A 37 49.31 40.85 32.28
CA SER A 37 50.37 41.38 33.14
C SER A 37 50.52 42.87 32.88
N SER A 38 50.87 43.64 33.91
CA SER A 38 51.04 45.10 33.74
C SER A 38 52.18 45.42 32.78
N GLU A 39 53.11 44.48 32.62
CA GLU A 39 54.18 44.56 31.62
C GLU A 39 53.64 44.70 30.20
N ILE A 40 52.64 43.88 29.88
CA ILE A 40 52.01 43.88 28.55
C ILE A 40 51.22 45.16 28.33
N VAL A 41 50.49 45.58 29.36
CA VAL A 41 49.62 46.76 29.28
C VAL A 41 50.43 48.03 29.14
N ALA A 42 51.41 48.23 30.02
CA ALA A 42 52.32 49.39 29.91
C ALA A 42 53.09 49.40 28.58
N ALA A 43 53.34 48.22 28.01
CA ALA A 43 53.95 48.11 26.68
C ALA A 43 52.99 48.50 25.55
N VAL A 44 51.69 48.34 25.79
CA VAL A 44 50.66 48.56 24.75
C VAL A 44 49.89 49.89 24.89
N ALA A 45 49.68 50.36 26.12
CA ALA A 45 48.75 51.48 26.37
C ALA A 45 49.05 52.77 25.61
N PRO A 46 50.31 53.26 25.65
CA PRO A 46 50.63 54.49 24.92
C PRO A 46 50.44 54.43 23.39
N ILE A 47 50.75 53.29 22.78
CA ILE A 47 50.63 53.12 21.32
C ILE A 47 49.17 53.16 20.86
N LEU A 48 48.25 52.74 21.74
CA LEU A 48 46.80 52.77 21.46
C LEU A 48 46.12 54.08 21.88
N GLY A 49 46.65 54.72 22.92
CA GLY A 49 46.04 55.90 23.53
C GLY A 49 45.14 55.55 24.71
N TYR A 50 45.39 54.39 25.32
CA TYR A 50 44.58 53.90 26.43
C TYR A 50 45.01 54.55 27.74
N ALA A 51 44.06 55.22 28.41
CA ALA A 51 44.28 55.85 29.71
C ALA A 51 43.69 54.98 30.80
N ALA A 52 42.36 54.86 30.79
CA ALA A 52 41.63 54.13 31.82
C ALA A 52 40.31 53.63 31.27
N GLY A 53 39.56 52.94 32.12
CA GLY A 53 38.20 52.52 31.83
C GLY A 53 38.13 51.29 30.95
N ASN A 54 36.94 51.00 30.43
CA ASN A 54 36.72 49.88 29.55
C ASN A 54 36.50 50.37 28.13
N GLN A 55 37.52 50.17 27.28
CA GLN A 55 37.61 50.82 25.97
C GLN A 55 37.82 49.83 24.84
N ALA A 56 37.16 50.08 23.70
CA ALA A 56 37.37 49.31 22.48
C ALA A 56 38.04 50.22 21.43
N LEU A 57 39.37 50.14 21.36
CA LEU A 57 40.17 51.09 20.60
C LEU A 57 40.54 50.52 19.24
N THR A 58 40.03 51.12 18.18
CA THR A 58 40.39 50.70 16.83
C THR A 58 41.83 51.09 16.57
N PHE A 59 42.58 50.20 15.93
CA PHE A 59 43.93 50.54 15.56
C PHE A 59 44.26 50.19 14.12
N THR A 60 45.31 50.82 13.63
CA THR A 60 45.65 50.81 12.23
C THR A 60 46.66 49.71 11.97
N SER A 61 46.98 49.47 10.70
CA SER A 61 47.95 48.43 10.35
C SER A 61 49.32 48.76 10.92
N GLN A 62 49.65 50.05 10.96
CA GLN A 62 50.95 50.53 11.45
C GLN A 62 51.08 50.20 12.92
N GLN A 63 50.04 50.54 13.68
CA GLN A 63 49.99 50.29 15.12
C GLN A 63 50.24 48.81 15.41
N ALA A 64 49.67 47.93 14.58
CA ALA A 64 49.89 46.49 14.68
C ALA A 64 51.38 46.14 14.64
N TYR A 65 52.10 46.62 13.64
CA TYR A 65 53.57 46.43 13.59
C TYR A 65 54.22 46.89 14.88
N GLN A 66 53.93 48.13 15.26
CA GLN A 66 54.50 48.78 16.43
C GLN A 66 54.22 47.99 17.72
N LEU A 67 52.99 47.49 17.86
CA LEU A 67 52.60 46.69 19.03
C LEU A 67 53.32 45.35 19.07
N ALA A 68 53.47 44.70 17.91
CA ALA A 68 54.24 43.47 17.81
C ALA A 68 55.67 43.73 18.25
N ASP A 69 56.21 44.85 17.77
CA ASP A 69 57.58 45.29 18.06
C ASP A 69 57.77 45.64 19.54
N ALA A 70 56.71 46.13 20.18
CA ALA A 70 56.76 46.45 21.61
C ALA A 70 56.69 45.20 22.49
N LEU A 71 56.09 44.13 21.97
CA LEU A 71 55.87 42.90 22.74
C LEU A 71 56.81 41.74 22.37
N LYS A 72 57.69 41.94 21.37
CA LYS A 72 58.78 40.99 21.14
C LYS A 72 59.68 41.02 22.37
N GLY A 73 59.69 39.93 23.14
CA GLY A 73 60.52 39.85 24.35
C GLY A 73 59.71 39.76 25.63
N ILE A 74 58.47 40.25 25.60
CA ILE A 74 57.57 40.18 26.75
C ILE A 74 56.56 39.04 26.60
N ASP A 75 55.88 39.00 25.45
CA ASP A 75 54.94 37.92 25.13
C ASP A 75 55.02 37.63 23.64
N ALA A 76 55.71 36.55 23.30
CA ALA A 76 55.98 36.21 21.90
C ALA A 76 54.76 35.69 21.13
N ALA A 77 53.79 35.10 21.85
CA ALA A 77 52.55 34.65 21.24
C ALA A 77 51.69 35.84 20.80
N GLN A 78 51.53 36.81 21.71
CA GLN A 78 50.83 38.07 21.43
C GLN A 78 51.57 38.88 20.36
N SER A 79 52.90 38.80 20.38
CA SER A 79 53.72 39.42 19.36
C SER A 79 53.49 38.78 18.00
N ALA A 80 53.59 37.44 17.97
CA ALA A 80 53.33 36.68 16.74
C ALA A 80 51.94 36.98 16.21
N LEU A 81 50.94 36.96 17.10
CA LEU A 81 49.58 37.37 16.73
C LEU A 81 49.52 38.76 16.09
N LEU A 82 50.11 39.76 16.73
CA LEU A 82 49.97 41.15 16.25
C LEU A 82 50.60 41.37 14.86
N SER A 83 51.67 40.64 14.54
CA SER A 83 52.29 40.75 13.22
C SER A 83 51.40 40.12 12.14
N ARG A 84 50.64 39.09 12.50
CA ARG A 84 49.64 38.51 11.59
C ARG A 84 48.52 39.52 11.36
N LEU A 85 48.06 40.16 12.44
CA LEU A 85 46.99 41.16 12.34
C LEU A 85 47.37 42.38 11.48
N ALA A 86 48.65 42.73 11.43
CA ALA A 86 49.10 43.85 10.61
C ALA A 86 48.83 43.60 9.12
N GLU A 87 48.84 42.33 8.71
CA GLU A 87 48.61 41.95 7.31
C GLU A 87 47.12 41.71 7.02
N SER A 88 46.23 42.15 7.91
CA SER A 88 44.80 41.85 7.76
C SER A 88 44.12 42.71 6.71
N GLN A 89 43.10 42.11 6.09
CA GLN A 89 42.23 42.79 5.13
C GLN A 89 40.98 43.38 5.82
N LYS A 90 40.97 43.32 7.15
CA LYS A 90 39.79 43.69 7.93
C LYS A 90 40.19 44.52 9.15
N PRO A 91 39.25 45.34 9.68
CA PRO A 91 39.58 46.27 10.75
C PRO A 91 39.92 45.62 12.09
N LEU A 92 40.83 46.26 12.83
CA LEU A 92 41.36 45.73 14.06
C LEU A 92 40.80 46.52 15.24
N VAL A 93 40.69 45.87 16.40
CA VAL A 93 40.28 46.54 17.63
C VAL A 93 41.02 46.03 18.85
N ALA A 94 41.55 46.94 19.66
CA ALA A 94 42.11 46.58 20.93
C ALA A 94 41.05 46.82 22.00
N THR A 95 40.76 45.79 22.77
CA THR A 95 39.76 45.88 23.84
CA THR A 95 39.76 45.85 23.83
C THR A 95 40.43 45.72 25.19
N LEU A 96 40.56 46.83 25.90
CA LEU A 96 41.21 46.85 27.19
C LEU A 96 40.16 47.18 28.26
N LEU A 97 40.04 46.31 29.25
CA LEU A 97 38.99 46.42 30.26
C LEU A 97 39.61 46.58 31.64
N ALA A 98 39.46 47.76 32.23
CA ALA A 98 39.85 48.00 33.63
C ALA A 98 39.09 47.05 34.56
N GLU A 99 37.78 46.97 34.37
CA GLU A 99 36.92 46.19 35.26
C GLU A 99 35.92 45.31 34.52
N ASP A 100 35.59 44.18 35.15
CA ASP A 100 34.51 43.32 34.70
C ASP A 100 33.18 44.02 35.02
N ALA A 101 32.70 44.83 34.09
CA ALA A 101 31.45 45.59 34.28
C ALA A 101 30.43 45.27 33.20
N ALA A 102 29.27 45.92 33.28
CA ALA A 102 28.22 45.76 32.28
C ALA A 102 28.76 46.23 30.94
N PRO A 103 28.73 45.36 29.91
CA PRO A 103 29.37 45.73 28.64
C PRO A 103 28.82 47.00 27.99
N SER A 104 29.71 47.80 27.38
CA SER A 104 29.32 49.09 26.78
C SER A 104 29.56 49.16 25.26
N SER A 105 30.22 48.13 24.71
CA SER A 105 30.50 48.05 23.27
C SER A 105 30.35 46.63 22.76
N THR A 106 30.07 46.50 21.47
CA THR A 106 30.00 45.19 20.84
C THR A 106 31.33 44.44 20.96
N ALA A 107 32.44 45.16 20.80
CA ALA A 107 33.76 44.54 20.93
C ALA A 107 33.95 43.91 22.31
N GLU A 108 33.52 44.62 23.34
CA GLU A 108 33.58 44.17 24.73
C GLU A 108 32.63 43.00 24.99
N ALA A 109 31.43 43.06 24.43
CA ALA A 109 30.48 41.95 24.50
C ALA A 109 31.09 40.69 23.88
N TYR A 110 31.69 40.84 22.69
CA TYR A 110 32.37 39.71 22.06
C TYR A 110 33.53 39.15 22.90
N LEU A 111 34.32 40.03 23.49
CA LEU A 111 35.48 39.59 24.27
C LEU A 111 35.00 38.71 25.44
N LYS A 112 33.97 39.14 26.15
CA LYS A 112 33.51 38.40 27.32
C LYS A 112 32.97 37.04 26.95
N LEU A 113 32.35 36.94 25.77
CA LEU A 113 31.90 35.66 25.28
C LEU A 113 33.10 34.75 24.96
N HIS A 114 34.21 35.32 24.45
CA HIS A 114 35.44 34.54 24.21
C HIS A 114 36.08 34.07 25.51
N LEU A 115 36.05 34.92 26.55
CA LEU A 115 36.63 34.54 27.84
C LEU A 115 35.95 33.26 28.37
N LEU A 116 34.64 33.15 28.16
CA LEU A 116 33.92 31.95 28.53
C LEU A 116 34.29 30.76 27.64
N SER A 117 34.22 30.93 26.33
CA SER A 117 34.40 29.79 25.43
C SER A 117 35.84 29.28 25.37
N HIS A 118 36.80 30.17 25.62
CA HIS A 118 38.20 29.78 25.81
C HIS A 118 38.48 29.09 27.16
N ARG A 119 37.45 29.08 28.03
CA ARG A 119 37.51 28.53 29.39
C ARG A 119 38.40 29.34 30.34
N LEU A 120 38.56 30.63 30.09
CA LEU A 120 39.38 31.47 30.96
C LEU A 120 38.58 31.95 32.18
N VAL A 121 37.25 31.97 32.03
CA VAL A 121 36.35 32.19 33.16
C VAL A 121 35.14 31.24 33.04
N LYS A 122 34.53 30.93 34.17
CA LYS A 122 33.36 30.06 34.20
C LYS A 122 32.08 30.86 34.08
N PRO A 123 30.97 30.18 33.74
CA PRO A 123 29.64 30.82 33.79
C PRO A 123 29.39 31.48 35.13
N HIS A 124 28.76 32.66 35.06
CA HIS A 124 28.49 33.53 36.24
C HIS A 124 29.67 34.36 36.74
N ALA A 125 30.88 34.06 36.29
CA ALA A 125 32.08 34.74 36.78
C ALA A 125 32.27 36.12 36.16
N VAL A 126 31.65 36.32 35.00
CA VAL A 126 31.80 37.56 34.22
C VAL A 126 30.45 38.27 34.11
N ASN A 127 30.48 39.60 34.08
CA ASN A 127 29.27 40.43 33.98
C ASN A 127 28.79 40.55 32.53
N LEU A 128 27.58 40.05 32.26
CA LEU A 128 26.99 40.09 30.91
C LEU A 128 25.71 40.93 30.84
N SER A 129 25.47 41.76 31.85
CA SER A 129 24.23 42.52 31.92
C SER A 129 24.16 43.49 30.75
N GLY A 130 23.00 43.54 30.12
CA GLY A 130 22.79 44.43 28.99
C GLY A 130 23.44 43.99 27.69
N ILE A 131 23.87 42.74 27.62
CA ILE A 131 24.61 42.27 26.45
C ILE A 131 23.77 42.25 25.18
N PHE A 132 22.48 41.99 25.31
CA PHE A 132 21.61 41.78 24.15
C PHE A 132 21.56 42.96 23.17
N PRO A 133 21.40 44.21 23.67
CA PRO A 133 21.44 45.30 22.69
C PRO A 133 22.84 45.67 22.15
N LEU A 134 23.91 45.13 22.74
CA LEU A 134 25.25 45.36 22.19
C LEU A 134 25.65 44.32 21.13
N LEU A 135 24.87 43.25 21.00
CA LEU A 135 25.14 42.22 20.01
C LEU A 135 24.17 42.42 18.85
N PRO A 136 24.65 43.00 17.73
CA PRO A 136 23.72 43.21 16.64
C PRO A 136 23.14 41.89 16.12
N ASN A 137 21.91 41.97 15.63
CA ASN A 137 21.31 40.86 14.91
C ASN A 137 21.90 40.82 13.50
N VAL A 138 22.59 39.72 13.20
CA VAL A 138 23.44 39.60 12.04
C VAL A 138 23.12 38.31 11.27
N ALA A 139 23.36 38.32 9.96
CA ALA A 139 23.25 37.11 9.14
C ALA A 139 24.61 36.45 9.08
N TRP A 140 24.71 35.23 9.60
CA TRP A 140 25.98 34.50 9.57
C TRP A 140 26.01 33.67 8.31
N THR A 141 27.00 33.94 7.45
CA THR A 141 27.09 33.29 6.15
C THR A 141 28.42 32.61 5.94
N ASN A 142 28.54 31.91 4.82
CA ASN A 142 29.80 31.28 4.45
C ASN A 142 30.93 32.28 4.18
N ILE A 143 30.60 33.54 3.93
CA ILE A 143 31.63 34.55 3.70
C ILE A 143 31.92 35.39 4.95
N GLY A 144 31.18 35.09 6.02
CA GLY A 144 31.33 35.80 7.29
C GLY A 144 30.02 36.39 7.78
N ALA A 145 30.12 37.36 8.68
CA ALA A 145 28.96 38.09 9.17
C ALA A 145 28.56 39.17 8.17
N VAL A 146 27.25 39.36 8.03
CA VAL A 146 26.68 40.28 7.05
C VAL A 146 25.54 41.07 7.67
N ASP A 147 25.57 42.39 7.49
CA ASP A 147 24.48 43.27 7.93
C ASP A 147 23.19 42.87 7.24
N LEU A 148 22.11 42.75 8.02
CA LEU A 148 20.81 42.37 7.45
C LEU A 148 20.34 43.32 6.34
N ALA A 149 20.66 44.61 6.47
CA ALA A 149 20.25 45.62 5.47
C ALA A 149 20.98 45.46 4.14
N GLU A 150 22.16 44.85 4.18
CA GLU A 150 22.99 44.62 3.00
C GLU A 150 22.79 43.22 2.39
N LEU A 151 22.11 42.33 3.12
CA LEU A 151 22.08 40.91 2.78
C LEU A 151 21.40 40.57 1.45
N ALA A 152 20.26 41.21 1.16
CA ALA A 152 19.47 40.86 -0.03
C ALA A 152 20.29 41.03 -1.31
N GLU A 153 21.09 42.09 -1.35
CA GLU A 153 21.92 42.38 -2.51
C GLU A 153 22.99 41.29 -2.72
N LEU A 154 23.60 40.83 -1.64
CA LEU A 154 24.65 39.81 -1.74
C LEU A 154 24.06 38.42 -2.06
N GLN A 155 22.84 38.18 -1.59
CA GLN A 155 22.10 36.98 -1.95
C GLN A 155 21.82 36.95 -3.45
N LEU A 156 21.13 37.95 -3.97
CA LEU A 156 20.84 38.01 -5.40
C LEU A 156 22.11 37.87 -6.24
N GLU A 157 23.10 38.73 -5.97
CA GLU A 157 24.33 38.74 -6.75
C GLU A 157 25.00 37.36 -6.79
N ALA A 158 25.03 36.67 -5.66
CA ALA A 158 25.57 35.31 -5.58
C ALA A 158 24.85 34.36 -6.54
N ARG A 159 23.53 34.45 -6.59
CA ARG A 159 22.72 33.61 -7.51
C ARG A 159 23.01 33.87 -8.99
N LEU A 160 23.32 35.11 -9.33
CA LEU A 160 23.64 35.49 -10.72
C LEU A 160 24.85 34.72 -11.30
N LYS A 161 25.79 34.34 -10.42
CA LYS A 161 26.98 33.59 -10.83
C LYS A 161 26.80 32.08 -10.71
N GLY A 162 25.59 31.63 -10.39
CA GLY A 162 25.33 30.22 -10.12
C GLY A 162 25.92 29.77 -8.79
N LYS A 163 26.17 30.73 -7.89
CA LYS A 163 26.73 30.44 -6.58
C LYS A 163 25.65 30.64 -5.53
N LEU A 164 25.99 30.36 -4.28
CA LEU A 164 25.09 30.52 -3.17
C LEU A 164 25.79 31.25 -2.04
N LEU A 165 25.18 32.33 -1.59
CA LEU A 165 25.51 32.90 -0.30
C LEU A 165 24.67 32.15 0.73
N GLU A 166 25.28 31.21 1.45
CA GLU A 166 24.54 30.44 2.43
C GLU A 166 24.34 31.24 3.70
N VAL A 167 23.10 31.24 4.21
CA VAL A 167 22.76 31.87 5.48
C VAL A 167 22.35 30.81 6.52
N PHE A 168 23.30 30.42 7.36
CA PHE A 168 23.08 29.32 8.33
C PHE A 168 22.58 29.74 9.74
N SER A 169 22.65 31.03 10.05
CA SER A 169 22.07 31.54 11.29
C SER A 169 21.77 33.02 11.12
N VAL A 170 20.67 33.47 11.72
CA VAL A 170 20.38 34.89 11.79
C VAL A 170 20.14 35.23 13.26
N ASP A 171 21.15 35.78 13.92
CA ASP A 171 21.11 35.88 15.37
C ASP A 171 22.15 36.84 15.93
N LYS A 172 22.00 37.14 17.20
CA LYS A 172 22.91 37.95 17.97
C LYS A 172 24.15 37.15 18.42
N PHE A 173 24.04 35.83 18.45
CA PHE A 173 25.13 34.96 18.90
C PHE A 173 25.59 34.03 17.78
N PRO A 174 26.84 34.17 17.30
CA PRO A 174 27.35 33.17 16.37
C PRO A 174 27.65 31.84 17.06
N LYS A 175 28.01 30.81 16.29
CA LYS A 175 28.33 29.51 16.89
C LYS A 175 29.76 29.52 17.40
N MET A 176 29.98 28.94 18.58
CA MET A 176 31.27 28.99 19.27
C MET A 176 32.43 28.51 18.41
N THR A 177 32.18 27.48 17.59
CA THR A 177 33.25 26.81 16.86
CA THR A 177 33.23 26.80 16.85
C THR A 177 33.75 27.64 15.67
N ASP A 178 32.99 28.62 15.23
CA ASP A 178 33.50 29.54 14.20
C ASP A 178 34.52 30.52 14.79
N TYR A 179 34.71 30.48 16.12
CA TYR A 179 35.70 31.32 16.83
C TYR A 179 36.75 30.48 17.58
N VAL A 180 36.32 29.42 18.26
CA VAL A 180 37.21 28.61 19.11
C VAL A 180 36.70 27.18 19.34
N VAL A 181 37.60 26.21 19.18
CA VAL A 181 37.34 24.84 19.59
C VAL A 181 38.29 24.54 20.75
N PRO A 182 37.75 24.49 22.00
CA PRO A 182 38.57 24.17 23.16
C PRO A 182 39.09 22.74 23.12
N ALA A 183 40.21 22.50 23.81
CA ALA A 183 40.84 21.18 23.81
C ALA A 183 39.98 20.14 24.52
N GLY A 184 39.95 18.93 23.95
CA GLY A 184 39.33 17.77 24.59
C GLY A 184 37.82 17.81 24.58
N VAL A 185 37.26 18.20 23.44
CA VAL A 185 35.82 18.42 23.31
C VAL A 185 35.30 17.82 22.03
N ARG A 186 34.08 17.28 22.10
CA ARG A 186 33.33 16.86 20.92
C ARG A 186 32.00 17.62 20.88
N ILE A 187 31.63 18.12 19.71
CA ILE A 187 30.35 18.80 19.50
C ILE A 187 29.82 18.38 18.12
N ALA A 188 28.89 17.43 18.10
CA ALA A 188 28.48 16.78 16.85
C ALA A 188 27.89 17.78 15.85
N ASP A 189 26.99 18.63 16.32
CA ASP A 189 26.43 19.72 15.51
C ASP A 189 26.75 21.04 16.23
N THR A 190 27.74 21.74 15.69
CA THR A 190 28.25 22.96 16.33
C THR A 190 27.29 24.15 16.25
N ALA A 191 26.27 24.07 15.40
CA ALA A 191 25.19 25.08 15.37
C ALA A 191 24.43 25.19 16.70
N ARG A 192 24.55 24.19 17.57
CA ARG A 192 23.82 24.15 18.82
C ARG A 192 24.64 24.53 20.05
N VAL A 193 25.81 25.11 19.82
CA VAL A 193 26.63 25.65 20.89
C VAL A 193 26.93 27.10 20.54
N ARG A 194 26.36 28.02 21.32
CA ARG A 194 26.60 29.45 21.09
C ARG A 194 27.96 29.86 21.61
N LEU A 195 28.54 30.86 20.96
CA LEU A 195 29.68 31.58 21.49
C LEU A 195 29.27 32.11 22.85
N GLY A 196 30.16 31.94 23.82
CA GLY A 196 29.85 32.18 25.22
C GLY A 196 29.57 30.92 26.00
N ALA A 197 29.49 29.77 25.33
CA ALA A 197 29.37 28.49 26.02
C ALA A 197 30.73 28.03 26.57
N TYR A 198 30.68 27.33 27.70
CA TYR A 198 31.86 26.75 28.35
C TYR A 198 31.73 25.24 28.21
N ILE A 199 32.56 24.64 27.37
CA ILE A 199 32.49 23.21 27.11
C ILE A 199 33.73 22.53 27.68
N GLY A 200 33.57 22.01 28.89
CA GLY A 200 34.68 21.49 29.69
C GLY A 200 35.41 20.32 29.06
N GLU A 201 36.67 20.16 29.46
CA GLU A 201 37.47 19.05 29.01
C GLU A 201 36.76 17.74 29.36
N GLY A 202 36.49 16.94 28.33
CA GLY A 202 35.81 15.66 28.48
C GLY A 202 34.32 15.68 28.18
N THR A 203 33.84 16.76 27.58
CA THR A 203 32.42 16.89 27.24
C THR A 203 32.16 16.44 25.81
N THR A 204 31.08 15.67 25.65
CA THR A 204 30.58 15.29 24.33
C THR A 204 29.14 15.81 24.22
N VAL A 205 28.98 16.91 23.49
CA VAL A 205 27.65 17.40 23.12
C VAL A 205 27.24 16.61 21.89
N MET A 206 26.20 15.79 22.02
CA MET A 206 25.65 15.09 20.86
C MET A 206 24.73 16.04 20.08
N HIS A 207 24.03 15.51 19.08
CA HIS A 207 23.33 16.31 18.08
C HIS A 207 22.12 17.04 18.67
N GLU A 208 21.46 16.40 19.63
CA GLU A 208 20.30 16.99 20.28
C GLU A 208 20.74 17.87 21.45
N GLY A 209 22.01 17.74 21.85
CA GLY A 209 22.59 18.64 22.84
C GLY A 209 22.61 20.09 22.37
N PHE A 210 22.22 21.00 23.26
CA PHE A 210 22.31 22.45 23.03
C PHE A 210 22.91 23.15 24.24
N VAL A 211 23.86 24.04 24.01
CA VAL A 211 24.44 24.84 25.09
C VAL A 211 24.41 26.33 24.73
N ASN A 212 23.65 27.11 25.51
CA ASN A 212 23.53 28.55 25.34
C ASN A 212 24.76 29.28 25.90
N PHE A 213 24.81 30.59 25.76
CA PHE A 213 25.90 31.39 26.32
C PHE A 213 25.82 31.45 27.85
N ASN A 214 26.94 31.74 28.49
CA ASN A 214 27.02 31.81 29.96
C ASN A 214 26.53 30.52 30.62
N ALA A 215 26.87 29.38 30.00
CA ALA A 215 26.34 28.09 30.41
C ALA A 215 27.23 26.97 29.90
N GLY A 216 27.13 25.80 30.51
CA GLY A 216 27.85 24.63 30.02
C GLY A 216 28.32 23.67 31.09
N THR A 217 29.47 23.04 30.82
CA THR A 217 29.90 21.85 31.55
C THR A 217 31.28 22.00 32.14
N GLU A 218 31.43 21.52 33.37
CA GLU A 218 32.74 21.39 34.00
C GLU A 218 33.56 20.36 33.24
N GLY A 219 32.90 19.27 32.86
CA GLY A 219 33.55 18.17 32.15
C GLY A 219 34.14 17.17 33.14
N PRO A 220 34.17 15.87 32.76
CA PRO A 220 33.63 15.32 31.53
C PRO A 220 32.10 15.22 31.58
N GLY A 221 31.47 14.93 30.44
CA GLY A 221 30.01 14.80 30.40
C GLY A 221 29.46 14.40 29.04
N MET A 222 28.20 13.98 29.03
CA MET A 222 27.48 13.62 27.82
C MET A 222 26.19 14.45 27.73
N ILE A 223 26.26 15.54 26.97
CA ILE A 223 25.12 16.47 26.83
C ILE A 223 24.32 16.18 25.56
N GLU A 224 23.20 15.47 25.72
CA GLU A 224 22.25 15.23 24.63
C GLU A 224 20.97 16.02 24.87
N GLY A 225 21.00 16.88 25.90
CA GLY A 225 19.87 17.72 26.26
C GLY A 225 20.23 19.20 26.19
N ARG A 226 19.36 20.04 26.73
CA ARG A 226 19.47 21.48 26.53
C ARG A 226 19.92 22.21 27.80
N VAL A 227 21.13 22.76 27.73
CA VAL A 227 21.73 23.52 28.83
C VAL A 227 21.42 25.00 28.61
N SER A 228 20.46 25.53 29.36
CA SER A 228 19.99 26.90 29.20
C SER A 228 20.97 27.92 29.75
N ALA A 229 20.81 29.17 29.36
CA ALA A 229 21.70 30.26 29.78
C ALA A 229 21.74 30.36 31.31
N GLY A 230 22.95 30.41 31.84
CA GLY A 230 23.18 30.47 33.28
C GLY A 230 23.30 29.11 33.95
N VAL A 231 23.03 28.05 33.20
CA VAL A 231 23.02 26.70 33.76
C VAL A 231 24.39 26.07 33.64
N PHE A 232 24.96 25.67 34.77
CA PHE A 232 26.25 24.98 34.79
C PHE A 232 26.02 23.53 35.21
N VAL A 233 26.77 22.63 34.60
CA VAL A 233 26.62 21.18 34.80
C VAL A 233 27.93 20.61 35.32
N GLY A 234 27.88 19.96 36.48
CA GLY A 234 29.07 19.44 37.14
C GLY A 234 29.66 18.22 36.45
N LYS A 235 30.91 17.92 36.81
CA LYS A 235 31.67 16.81 36.20
C LYS A 235 30.93 15.48 36.32
N GLY A 236 31.07 14.63 35.28
CA GLY A 236 30.52 13.28 35.27
C GLY A 236 28.99 13.21 35.20
N SER A 237 28.37 14.31 34.77
CA SER A 237 26.91 14.39 34.73
C SER A 237 26.40 14.33 33.31
N ASP A 238 25.51 13.37 33.06
CA ASP A 238 25.04 13.05 31.71
C ASP A 238 23.58 13.46 31.53
N LEU A 239 23.34 14.30 30.52
CA LEU A 239 22.01 14.80 30.18
C LEU A 239 21.48 14.03 28.96
N GLY A 240 20.32 13.42 29.12
CA GLY A 240 19.74 12.56 28.08
C GLY A 240 19.11 13.31 26.92
N GLY A 241 18.56 12.54 25.98
CA GLY A 241 18.07 13.07 24.71
C GLY A 241 16.86 13.95 24.81
N GLY A 242 17.07 15.26 24.60
CA GLY A 242 15.98 16.21 24.57
C GLY A 242 15.49 16.64 25.95
N CYS A 243 16.29 16.41 26.99
CA CYS A 243 15.99 16.90 28.33
C CYS A 243 16.26 18.40 28.40
N SER A 244 15.80 19.05 29.46
CA SER A 244 15.87 20.50 29.57
C SER A 244 16.24 20.98 30.98
N THR A 245 16.95 22.10 31.03
CA THR A 245 17.16 22.86 32.25
C THR A 245 16.38 24.16 32.12
N MET A 246 16.15 24.85 33.24
CA MET A 246 15.41 26.11 33.24
C MET A 246 16.32 27.32 33.03
N GLY A 247 16.02 28.10 31.99
CA GLY A 247 16.74 29.34 31.69
C GLY A 247 15.99 30.54 32.22
N ASN A 254 14.81 34.77 40.66
CA ASN A 254 14.92 33.31 40.54
C ASN A 254 16.24 32.78 41.08
N ILE A 255 16.18 31.60 41.70
CA ILE A 255 17.40 30.89 42.12
C ILE A 255 18.23 30.49 40.90
N VAL A 256 19.53 30.31 41.10
CA VAL A 256 20.42 29.86 40.04
C VAL A 256 20.23 28.37 39.82
N ILE A 257 19.80 27.99 38.62
CA ILE A 257 19.59 26.58 38.27
C ILE A 257 20.91 25.95 37.85
N SER A 258 21.28 24.85 38.50
CA SER A 258 22.51 24.13 38.18
C SER A 258 22.30 22.62 38.31
N VAL A 259 23.30 21.87 37.87
CA VAL A 259 23.31 20.42 38.05
C VAL A 259 24.65 20.05 38.67
N GLY A 260 24.59 19.29 39.76
CA GLY A 260 25.79 18.89 40.47
C GLY A 260 26.59 17.84 39.73
N GLU A 261 27.53 17.23 40.45
CA GLU A 261 28.46 16.26 39.87
C GLU A 261 27.86 14.86 39.90
N GLY A 262 28.27 14.04 38.93
CA GLY A 262 27.82 12.65 38.84
C GLY A 262 26.32 12.43 38.68
N CYS A 263 25.63 13.40 38.09
CA CYS A 263 24.18 13.32 37.88
C CYS A 263 23.80 12.57 36.62
N LEU A 264 22.59 12.01 36.63
CA LEU A 264 21.98 11.40 35.45
C LEU A 264 20.61 12.03 35.25
N ILE A 265 20.38 12.58 34.05
CA ILE A 265 19.09 13.18 33.72
C ILE A 265 18.54 12.47 32.49
N GLY A 266 17.41 11.79 32.66
CA GLY A 266 16.81 10.96 31.62
C GLY A 266 16.24 11.73 30.45
N ALA A 267 16.11 11.05 29.33
CA ALA A 267 15.67 11.67 28.08
C ALA A 267 14.31 12.35 28.23
N ASN A 268 14.22 13.58 27.68
CA ASN A 268 13.01 14.40 27.70
C ASN A 268 12.41 14.68 29.09
N ALA A 269 13.29 14.76 30.09
CA ALA A 269 12.91 15.17 31.44
C ALA A 269 13.21 16.65 31.59
N GLY A 270 12.53 17.32 32.52
CA GLY A 270 12.76 18.74 32.79
C GLY A 270 13.16 18.96 34.23
N ILE A 271 14.16 19.80 34.44
CA ILE A 271 14.58 20.16 35.80
C ILE A 271 14.54 21.67 36.03
N GLY A 272 13.48 22.11 36.72
CA GLY A 272 13.31 23.51 37.09
C GLY A 272 13.75 23.81 38.50
N ILE A 273 14.59 22.93 39.05
CA ILE A 273 15.24 23.18 40.35
C ILE A 273 16.69 22.73 40.25
N PRO A 274 17.58 23.37 41.02
CA PRO A 274 18.97 22.92 41.09
C PRO A 274 19.07 21.47 41.59
N LEU A 275 19.91 20.66 40.96
CA LEU A 275 20.14 19.28 41.37
C LEU A 275 21.48 19.15 42.08
N GLY A 276 21.46 18.63 43.30
CA GLY A 276 22.69 18.37 44.05
C GLY A 276 23.46 17.22 43.46
N ASP A 277 24.61 16.91 44.06
CA ASP A 277 25.51 15.89 43.56
C ASP A 277 24.87 14.49 43.53
N ARG A 278 25.15 13.75 42.47
CA ARG A 278 24.73 12.36 42.31
C ARG A 278 23.21 12.14 42.27
N ASN A 279 22.48 13.16 41.84
CA ASN A 279 21.04 13.04 41.64
C ASN A 279 20.71 12.33 40.33
N ILE A 280 19.71 11.44 40.37
CA ILE A 280 19.16 10.83 39.17
C ILE A 280 17.76 11.43 38.93
N VAL A 281 17.40 11.62 37.67
CA VAL A 281 16.04 11.99 37.30
C VAL A 281 15.57 11.10 36.16
N GLU A 282 14.38 10.52 36.31
CA GLU A 282 13.85 9.55 35.37
C GLU A 282 13.45 10.23 34.06
N ALA A 283 13.59 9.50 32.96
CA ALA A 283 13.23 10.00 31.64
C ALA A 283 11.72 10.24 31.52
N GLY A 284 11.34 11.49 31.24
CA GLY A 284 9.94 11.85 31.04
C GLY A 284 9.36 12.69 32.16
N LEU A 285 9.99 12.64 33.33
CA LEU A 285 9.47 13.35 34.51
C LEU A 285 9.84 14.84 34.46
N TYR A 286 8.85 15.67 34.77
CA TYR A 286 9.02 17.13 34.72
C TYR A 286 8.80 17.78 36.08
N ILE A 287 9.90 18.21 36.69
CA ILE A 287 9.85 18.76 38.04
C ILE A 287 10.19 20.24 38.07
N THR A 288 9.21 21.05 38.45
CA THR A 288 9.39 22.47 38.70
C THR A 288 9.42 22.69 40.21
N ALA A 289 9.66 23.92 40.63
CA ALA A 289 9.79 24.25 42.06
C ALA A 289 8.59 23.80 42.90
N GLY A 290 7.38 23.94 42.36
CA GLY A 290 6.14 23.61 43.08
C GLY A 290 5.58 22.23 42.78
N THR A 291 6.45 21.30 42.37
CA THR A 291 6.02 19.93 42.06
C THR A 291 5.95 19.10 43.35
N LYS A 292 4.76 18.65 43.68
CA LYS A 292 4.53 17.87 44.90
C LYS A 292 5.06 16.46 44.70
N VAL A 293 6.09 16.10 45.47
CA VAL A 293 6.77 14.82 45.34
C VAL A 293 6.51 13.95 46.56
N ALA A 294 6.29 12.66 46.32
CA ALA A 294 6.17 11.67 47.38
C ALA A 294 7.57 11.20 47.80
N LEU A 295 8.14 11.88 48.79
CA LEU A 295 9.43 11.48 49.34
C LEU A 295 9.30 10.08 49.93
N LEU A 296 10.24 9.20 49.57
CA LEU A 296 10.26 7.82 50.07
C LEU A 296 11.55 7.56 50.85
N ASP A 297 11.63 6.39 51.47
CA ASP A 297 12.79 6.02 52.29
C ASP A 297 13.46 4.74 51.78
N GLU A 298 14.46 4.29 52.52
CA GLU A 298 15.17 3.04 52.26
C GLU A 298 14.23 1.90 51.83
N ASN A 300 11.12 1.15 49.79
CA ASN A 300 10.53 2.38 49.27
C ASN A 300 9.24 2.74 50.00
N ALA A 301 9.32 2.79 51.33
CA ALA A 301 8.19 3.19 52.16
C ALA A 301 8.00 4.71 52.10
N LEU A 302 6.75 5.15 52.30
CA LEU A 302 6.41 6.57 52.22
C LEU A 302 6.91 7.35 53.44
N VAL A 303 6.95 8.68 53.31
CA VAL A 303 7.19 9.56 54.47
C VAL A 303 6.21 10.75 54.46
N LYS A 304 6.27 11.59 53.42
CA LYS A 304 5.33 12.72 53.29
C LYS A 304 5.26 13.29 51.87
N VAL A 305 4.45 14.35 51.72
CA VAL A 305 4.30 15.06 50.45
C VAL A 305 4.92 16.46 50.57
N VAL A 306 6.10 16.62 49.96
CA VAL A 306 6.83 17.90 49.95
C VAL A 306 6.92 18.46 48.53
N LYS A 307 7.23 19.75 48.45
CA LYS A 307 7.44 20.41 47.15
C LYS A 307 8.89 20.25 46.73
N ALA A 308 9.11 20.03 45.43
CA ALA A 308 10.46 19.80 44.89
C ALA A 308 11.47 20.88 45.28
N ARG A 309 11.02 22.12 45.41
CA ARG A 309 11.89 23.25 45.83
C ARG A 309 12.65 22.97 47.13
N ASP A 310 11.99 22.26 48.07
CA ASP A 310 12.59 21.95 49.37
C ASP A 310 13.64 20.86 49.26
N LEU A 311 13.56 20.05 48.20
CA LEU A 311 14.56 19.02 47.93
C LEU A 311 15.61 19.48 46.91
N ALA A 312 15.77 20.80 46.77
CA ALA A 312 16.72 21.37 45.79
C ALA A 312 18.13 21.38 46.37
N GLY A 313 19.09 20.85 45.61
CA GLY A 313 20.49 20.81 46.02
C GLY A 313 20.81 19.70 46.99
N GLN A 314 19.90 18.74 47.13
CA GLN A 314 20.09 17.59 48.02
C GLN A 314 20.88 16.51 47.28
N PRO A 315 21.86 15.89 47.95
CA PRO A 315 22.66 14.84 47.31
C PRO A 315 21.95 13.48 47.24
N ASP A 316 22.27 12.71 46.21
CA ASP A 316 21.84 11.30 46.09
C ASP A 316 20.32 11.09 46.05
N LEU A 317 19.61 11.92 45.29
CA LEU A 317 18.17 11.78 45.10
C LEU A 317 17.83 11.04 43.81
N LEU A 318 16.69 10.36 43.80
CA LEU A 318 16.21 9.62 42.63
C LEU A 318 14.76 9.98 42.35
N PHE A 319 14.52 10.88 41.40
CA PHE A 319 13.18 11.33 41.03
C PHE A 319 12.60 10.44 39.92
N ARG A 320 11.37 9.96 40.12
CA ARG A 320 10.71 9.07 39.16
C ARG A 320 9.20 9.23 39.15
N ARG A 321 8.57 8.67 38.10
CA ARG A 321 7.12 8.62 37.97
C ARG A 321 6.63 7.18 38.23
N ASN A 322 5.57 7.06 39.02
CA ASN A 322 4.95 5.76 39.31
C ASN A 322 4.15 5.29 38.08
N SER A 323 4.62 4.23 37.42
CA SER A 323 4.01 3.76 36.17
C SER A 323 2.62 3.13 36.35
N GLN A 324 2.20 2.97 37.60
CA GLN A 324 0.92 2.34 37.93
C GLN A 324 -0.16 3.32 38.38
N ASN A 325 0.23 4.43 39.03
CA ASN A 325 -0.75 5.48 39.43
C ASN A 325 -0.32 6.94 39.15
N GLY A 326 0.80 7.13 38.45
CA GLY A 326 1.22 8.45 37.99
C GLY A 326 1.93 9.36 38.99
N ALA A 327 2.02 8.93 40.25
CA ALA A 327 2.57 9.79 41.32
C ALA A 327 4.08 10.05 41.15
N VAL A 328 4.50 11.29 41.40
CA VAL A 328 5.91 11.68 41.37
C VAL A 328 6.58 11.37 42.71
N GLU A 329 7.71 10.66 42.65
CA GLU A 329 8.35 10.11 43.85
C GLU A 329 9.86 10.40 43.89
N CYS A 330 10.38 10.55 45.11
CA CYS A 330 11.83 10.70 45.32
C CYS A 330 12.35 9.65 46.29
N LYS A 331 13.32 8.85 45.84
CA LYS A 331 13.85 7.73 46.61
C LYS A 331 15.28 8.01 47.10
N THR A 332 15.42 8.24 48.41
CA THR A 332 16.72 8.53 49.01
C THR A 332 17.58 7.27 49.12
N GLN B 6 42.26 -15.58 -1.68
CA GLN B 6 40.87 -16.02 -1.33
C GLN B 6 39.85 -15.00 -1.82
N SER B 7 38.56 -15.31 -1.66
CA SER B 7 37.50 -14.35 -1.93
C SER B 7 37.59 -13.22 -0.90
N LEU B 8 37.94 -12.01 -1.35
CA LEU B 8 38.05 -10.86 -0.45
C LEU B 8 36.67 -10.40 0.00
N PHE B 9 36.59 -9.96 1.25
CA PHE B 9 35.37 -9.40 1.82
C PHE B 9 35.01 -8.08 1.15
N SER B 10 36.01 -7.22 0.98
CA SER B 10 35.76 -5.88 0.46
C SER B 10 37.04 -5.24 -0.05
N LEU B 11 36.88 -4.31 -1.01
CA LEU B 11 37.97 -3.47 -1.46
C LEU B 11 37.44 -2.16 -2.00
N ALA B 12 38.20 -1.10 -1.79
CA ALA B 12 37.83 0.23 -2.25
C ALA B 12 39.03 1.14 -2.40
N PHE B 13 39.05 1.89 -3.51
CA PHE B 13 40.09 2.86 -3.76
C PHE B 13 39.64 4.23 -3.27
N GLY B 14 40.39 4.78 -2.32
CA GLY B 14 39.94 5.97 -1.62
C GLY B 14 40.89 7.12 -1.80
N VAL B 15 40.34 8.32 -1.67
CA VAL B 15 41.13 9.55 -1.58
C VAL B 15 40.82 10.14 -0.20
N GLY B 16 41.86 10.46 0.56
CA GLY B 16 41.65 10.89 1.94
C GLY B 16 42.44 12.11 2.34
N THR B 17 42.45 12.37 3.64
CA THR B 17 43.15 13.52 4.20
C THR B 17 44.06 13.06 5.33
N GLN B 18 45.27 13.59 5.32
CA GLN B 18 46.24 13.32 6.36
C GLN B 18 46.66 14.63 7.01
N ASN B 19 46.95 14.57 8.30
CA ASN B 19 47.49 15.70 9.02
C ASN B 19 49.00 15.85 8.78
N ARG B 20 49.62 16.80 9.43
CA ARG B 20 51.06 17.07 9.23
C ARG B 20 52.00 15.97 9.72
N GLN B 21 51.53 15.08 10.60
CA GLN B 21 52.32 13.90 11.02
C GLN B 21 51.94 12.63 10.26
N GLU B 22 51.19 12.78 9.16
CA GLU B 22 50.75 11.64 8.32
C GLU B 22 49.69 10.73 8.94
N ALA B 23 48.98 11.21 9.96
CA ALA B 23 47.85 10.47 10.51
C ALA B 23 46.66 10.69 9.59
N TRP B 24 46.00 9.61 9.18
CA TRP B 24 44.79 9.71 8.35
C TRP B 24 43.64 10.23 9.18
N LEU B 25 42.97 11.27 8.70
CA LEU B 25 41.80 11.83 9.36
C LEU B 25 40.49 11.27 8.80
N GLU B 26 40.47 11.02 7.50
CA GLU B 26 39.29 10.50 6.82
C GLU B 26 39.66 9.98 5.44
N VAL B 27 38.78 9.16 4.88
CA VAL B 27 38.96 8.63 3.53
C VAL B 27 37.60 8.71 2.83
N PHE B 28 37.62 9.18 1.59
CA PHE B 28 36.44 9.20 0.74
C PHE B 28 36.61 8.08 -0.28
N TYR B 29 35.67 7.15 -0.28
CA TYR B 29 35.60 6.06 -1.25
C TYR B 29 34.39 6.29 -2.14
N ALA B 30 34.62 6.51 -3.43
CA ALA B 30 33.53 6.78 -4.36
C ALA B 30 32.74 5.52 -4.70
N LEU B 31 33.43 4.39 -4.77
CA LEU B 31 32.86 3.16 -5.33
C LEU B 31 33.32 1.92 -4.57
N PRO B 32 32.99 1.83 -3.28
CA PRO B 32 33.40 0.66 -2.52
C PRO B 32 32.71 -0.60 -3.00
N LEU B 33 33.43 -1.72 -2.92
CA LEU B 33 32.95 -3.00 -3.42
C LEU B 33 32.85 -4.04 -2.31
N LEU B 34 31.70 -4.70 -2.25
CA LEU B 34 31.50 -5.86 -1.40
C LEU B 34 31.67 -7.11 -2.25
N LYS B 35 32.50 -8.03 -1.75
CA LYS B 35 32.81 -9.28 -2.42
C LYS B 35 33.35 -9.04 -3.84
N PRO B 36 34.41 -8.24 -3.96
CA PRO B 36 34.99 -7.97 -5.27
C PRO B 36 35.37 -9.25 -6.00
N SER B 37 35.19 -9.28 -7.32
CA SER B 37 35.50 -10.47 -8.10
C SER B 37 36.99 -10.77 -8.03
N SER B 38 37.35 -12.04 -8.17
CA SER B 38 38.77 -12.44 -8.08
C SER B 38 39.57 -11.84 -9.23
N GLU B 39 38.90 -11.55 -10.35
CA GLU B 39 39.53 -10.92 -11.50
C GLU B 39 40.04 -9.51 -11.17
N ILE B 40 39.21 -8.72 -10.50
CA ILE B 40 39.63 -7.39 -10.08
C ILE B 40 40.81 -7.48 -9.12
N VAL B 41 40.71 -8.39 -8.15
CA VAL B 41 41.74 -8.50 -7.11
C VAL B 41 43.06 -8.97 -7.68
N ALA B 42 43.02 -9.98 -8.55
CA ALA B 42 44.22 -10.49 -9.21
C ALA B 42 44.88 -9.42 -10.08
N ALA B 43 44.06 -8.56 -10.69
CA ALA B 43 44.56 -7.49 -11.56
C ALA B 43 45.30 -6.37 -10.81
N VAL B 44 44.91 -6.15 -9.55
CA VAL B 44 45.38 -5.00 -8.77
C VAL B 44 46.42 -5.34 -7.69
N ALA B 45 46.43 -6.59 -7.22
CA ALA B 45 47.25 -6.98 -6.06
C ALA B 45 48.77 -6.79 -6.26
N PRO B 46 49.31 -7.21 -7.41
CA PRO B 46 50.75 -7.01 -7.64
C PRO B 46 51.18 -5.55 -7.67
N ILE B 47 50.32 -4.69 -8.21
CA ILE B 47 50.66 -3.28 -8.32
C ILE B 47 50.71 -2.61 -6.95
N LEU B 48 49.81 -3.02 -6.05
CA LEU B 48 49.71 -2.43 -4.71
C LEU B 48 50.67 -3.05 -3.70
N GLY B 49 51.12 -4.29 -3.97
CA GLY B 49 51.91 -5.05 -3.01
C GLY B 49 51.06 -5.78 -1.99
N TYR B 50 49.78 -6.03 -2.32
CA TYR B 50 48.89 -6.80 -1.46
C TYR B 50 49.23 -8.29 -1.56
N ALA B 51 49.36 -8.94 -0.41
CA ALA B 51 49.60 -10.40 -0.36
C ALA B 51 48.44 -11.10 0.31
N ALA B 52 48.06 -10.63 1.50
CA ALA B 52 46.98 -11.25 2.26
C ALA B 52 46.49 -10.32 3.36
N GLY B 53 45.40 -10.71 4.00
CA GLY B 53 44.91 -10.04 5.21
C GLY B 53 44.15 -8.75 4.90
N ASN B 54 43.98 -7.94 5.95
CA ASN B 54 43.22 -6.70 5.86
C ASN B 54 44.19 -5.53 5.88
N GLN B 55 44.40 -4.90 4.73
CA GLN B 55 45.45 -3.90 4.58
C GLN B 55 44.90 -2.58 4.05
N ALA B 56 45.43 -1.48 4.58
CA ALA B 56 45.22 -0.16 4.01
C ALA B 56 46.55 0.24 3.37
N LEU B 57 46.57 0.22 2.04
CA LEU B 57 47.79 0.40 1.26
C LEU B 57 47.82 1.72 0.50
N THR B 58 48.65 2.65 0.96
CA THR B 58 48.81 3.94 0.29
C THR B 58 49.40 3.73 -1.10
N PHE B 59 48.87 4.41 -2.11
CA PHE B 59 49.43 4.29 -3.46
C PHE B 59 49.57 5.64 -4.16
N THR B 60 50.58 5.74 -5.03
CA THR B 60 50.95 6.98 -5.67
C THR B 60 50.08 7.26 -6.88
N SER B 61 50.23 8.45 -7.45
CA SER B 61 49.57 8.81 -8.68
C SER B 61 49.95 7.84 -9.81
N GLN B 62 51.23 7.48 -9.87
CA GLN B 62 51.71 6.57 -10.91
C GLN B 62 51.02 5.20 -10.84
N GLN B 63 50.95 4.64 -9.63
CA GLN B 63 50.23 3.40 -9.40
C GLN B 63 48.76 3.51 -9.78
N ALA B 64 48.17 4.68 -9.57
CA ALA B 64 46.79 4.94 -10.00
C ALA B 64 46.64 4.76 -11.51
N TYR B 65 47.55 5.36 -12.28
CA TYR B 65 47.54 5.17 -13.73
C TYR B 65 47.66 3.69 -14.13
N GLN B 66 48.55 2.98 -13.44
CA GLN B 66 48.75 1.54 -13.69
C GLN B 66 47.50 0.75 -13.38
N LEU B 67 46.92 1.00 -12.21
CA LEU B 67 45.71 0.29 -11.79
C LEU B 67 44.54 0.56 -12.75
N ALA B 68 44.41 1.81 -13.19
CA ALA B 68 43.40 2.17 -14.17
C ALA B 68 43.56 1.38 -15.48
N ASP B 69 44.80 1.11 -15.88
CA ASP B 69 45.09 0.30 -17.06
C ASP B 69 44.79 -1.18 -16.81
N ALA B 70 45.26 -1.69 -15.68
CA ALA B 70 45.00 -3.07 -15.28
C ALA B 70 43.52 -3.43 -15.31
N LEU B 71 42.65 -2.49 -14.93
CA LEU B 71 41.20 -2.73 -14.84
C LEU B 71 40.40 -2.26 -16.07
N LYS B 72 41.05 -1.62 -17.06
CA LYS B 72 40.43 -1.42 -18.38
C LYS B 72 40.33 -2.81 -19.02
N GLY B 73 39.11 -3.27 -19.23
CA GLY B 73 38.89 -4.62 -19.73
C GLY B 73 38.23 -5.49 -18.66
N ILE B 74 38.44 -5.14 -17.39
CA ILE B 74 37.95 -5.94 -16.27
C ILE B 74 36.81 -5.24 -15.55
N ASP B 75 37.03 -4.01 -15.13
CA ASP B 75 35.95 -3.21 -14.52
C ASP B 75 36.11 -1.75 -14.90
N ALA B 76 35.26 -1.30 -15.82
CA ALA B 76 35.33 0.05 -16.38
C ALA B 76 35.02 1.12 -15.32
N ALA B 77 33.99 0.88 -14.51
CA ALA B 77 33.63 1.81 -13.43
C ALA B 77 34.82 2.08 -12.52
N GLN B 78 35.52 1.03 -12.12
CA GLN B 78 36.70 1.18 -11.27
C GLN B 78 37.88 1.76 -12.03
N SER B 79 38.05 1.36 -13.28
CA SER B 79 39.10 1.92 -14.09
C SER B 79 38.91 3.43 -14.20
N ALA B 80 37.68 3.86 -14.48
CA ALA B 80 37.36 5.27 -14.67
C ALA B 80 37.60 6.05 -13.37
N LEU B 81 37.28 5.42 -12.24
CA LEU B 81 37.58 6.02 -10.94
C LEU B 81 39.09 6.23 -10.79
N LEU B 82 39.87 5.20 -11.09
CA LEU B 82 41.31 5.27 -10.93
C LEU B 82 41.97 6.36 -11.78
N SER B 83 41.46 6.61 -12.99
CA SER B 83 41.99 7.69 -13.84
C SER B 83 41.80 9.09 -13.21
N ARG B 84 40.67 9.29 -12.54
CA ARG B 84 40.41 10.52 -11.80
C ARG B 84 41.32 10.60 -10.57
N LEU B 85 41.39 9.51 -9.82
CA LEU B 85 42.26 9.43 -8.62
C LEU B 85 43.73 9.73 -8.92
N ALA B 86 44.19 9.37 -10.11
CA ALA B 86 45.57 9.63 -10.55
C ALA B 86 45.92 11.12 -10.62
N GLU B 87 44.91 11.96 -10.80
CA GLU B 87 45.11 13.41 -10.85
C GLU B 87 44.84 14.08 -9.50
N SER B 88 44.62 13.29 -8.45
CA SER B 88 44.30 13.82 -7.13
C SER B 88 45.42 14.67 -6.54
N GLN B 89 45.04 15.72 -5.82
CA GLN B 89 45.96 16.54 -5.05
C GLN B 89 45.99 16.07 -3.58
N LYS B 90 45.42 14.91 -3.30
CA LYS B 90 45.29 14.38 -1.96
C LYS B 90 45.64 12.90 -1.93
N PRO B 91 46.13 12.41 -0.79
CA PRO B 91 46.65 11.04 -0.73
C PRO B 91 45.62 9.94 -0.98
N LEU B 92 46.07 8.90 -1.68
CA LEU B 92 45.23 7.79 -2.09
C LEU B 92 45.57 6.57 -1.25
N VAL B 93 44.56 5.71 -1.05
CA VAL B 93 44.73 4.49 -0.27
C VAL B 93 43.81 3.38 -0.81
N ALA B 94 44.39 2.20 -1.00
CA ALA B 94 43.67 1.03 -1.46
C ALA B 94 43.41 0.17 -0.24
N THR B 95 42.15 -0.04 0.09
CA THR B 95 41.78 -0.82 1.26
CA THR B 95 41.77 -0.83 1.25
C THR B 95 41.22 -2.18 0.82
N LEU B 96 42.05 -3.22 0.98
CA LEU B 96 41.69 -4.58 0.60
C LEU B 96 41.50 -5.39 1.88
N LEU B 97 40.29 -5.90 2.05
CA LEU B 97 39.93 -6.68 3.24
C LEU B 97 39.66 -8.11 2.85
N ALA B 98 40.55 -9.02 3.28
CA ALA B 98 40.31 -10.45 3.11
C ALA B 98 39.08 -10.93 3.89
N GLU B 99 38.84 -10.33 5.05
CA GLU B 99 37.80 -10.80 5.96
C GLU B 99 37.10 -9.68 6.70
N ASP B 100 35.87 -9.95 7.08
CA ASP B 100 35.10 -9.05 7.92
C ASP B 100 35.48 -9.31 9.38
N ALA B 101 36.38 -8.48 9.90
CA ALA B 101 36.90 -8.59 11.28
C ALA B 101 36.93 -7.20 11.91
N ALA B 102 37.19 -7.14 13.22
CA ALA B 102 37.36 -5.86 13.89
C ALA B 102 38.34 -4.99 13.08
N PRO B 103 37.96 -3.74 12.76
CA PRO B 103 38.83 -2.93 11.92
C PRO B 103 40.17 -2.61 12.56
N SER B 104 41.24 -2.54 11.76
CA SER B 104 42.60 -2.31 12.28
C SER B 104 43.24 -0.98 11.89
N SER B 105 42.59 -0.24 10.99
CA SER B 105 43.06 1.08 10.59
C SER B 105 41.88 2.05 10.42
N THR B 106 42.20 3.34 10.37
CA THR B 106 41.20 4.35 10.11
C THR B 106 40.58 4.17 8.72
N ALA B 107 41.41 3.95 7.70
CA ALA B 107 40.94 3.70 6.35
C ALA B 107 39.93 2.56 6.32
N GLU B 108 40.26 1.45 6.96
CA GLU B 108 39.32 0.33 7.06
C GLU B 108 38.03 0.76 7.75
N ALA B 109 38.17 1.47 8.88
CA ALA B 109 37.02 2.00 9.63
C ALA B 109 36.10 2.78 8.70
N TYR B 110 36.69 3.69 7.92
CA TYR B 110 35.91 4.47 6.96
C TYR B 110 35.25 3.58 5.91
N LEU B 111 35.96 2.56 5.44
CA LEU B 111 35.40 1.65 4.44
C LEU B 111 34.14 1.00 4.97
N LYS B 112 34.18 0.48 6.20
CA LYS B 112 33.03 -0.23 6.73
C LYS B 112 31.81 0.69 6.92
N LEU B 113 32.04 1.92 7.32
CA LEU B 113 30.97 2.91 7.41
C LEU B 113 30.39 3.24 6.03
N HIS B 114 31.25 3.24 5.00
CA HIS B 114 30.83 3.39 3.60
C HIS B 114 29.97 2.20 3.10
N LEU B 115 30.33 0.97 3.50
CA LEU B 115 29.57 -0.21 3.08
C LEU B 115 28.13 -0.11 3.60
N LEU B 116 27.99 0.43 4.81
CA LEU B 116 26.69 0.64 5.42
C LEU B 116 25.87 1.70 4.68
N SER B 117 26.49 2.84 4.40
CA SER B 117 25.74 3.99 3.86
C SER B 117 25.46 3.91 2.37
N HIS B 118 26.30 3.17 1.64
CA HIS B 118 26.00 2.77 0.27
C HIS B 118 24.93 1.68 0.22
N ARG B 119 24.56 1.15 1.40
CA ARG B 119 23.58 0.06 1.58
C ARG B 119 24.04 -1.31 1.12
N LEU B 120 25.33 -1.46 0.87
CA LEU B 120 25.85 -2.71 0.40
C LEU B 120 25.81 -3.78 1.49
N VAL B 121 25.88 -3.35 2.75
CA VAL B 121 25.61 -4.20 3.92
C VAL B 121 24.61 -3.50 4.86
N LYS B 122 23.99 -4.26 5.75
CA LYS B 122 22.97 -3.74 6.67
C LYS B 122 23.51 -3.66 8.09
N PRO B 123 22.86 -2.86 8.95
CA PRO B 123 23.27 -2.84 10.36
C PRO B 123 23.40 -4.24 10.97
N HIS B 124 24.44 -4.43 11.77
CA HIS B 124 24.79 -5.72 12.41
C HIS B 124 25.52 -6.71 11.50
N ALA B 125 25.50 -6.48 10.19
CA ALA B 125 26.09 -7.41 9.24
C ALA B 125 27.61 -7.47 9.35
N VAL B 126 28.23 -6.34 9.75
CA VAL B 126 29.69 -6.19 9.74
C VAL B 126 30.29 -5.99 11.16
N ASN B 127 31.56 -6.39 11.32
CA ASN B 127 32.27 -6.25 12.59
C ASN B 127 32.86 -4.85 12.73
N LEU B 128 32.38 -4.12 13.72
CA LEU B 128 32.81 -2.74 13.97
C LEU B 128 33.49 -2.56 15.34
N SER B 129 33.78 -3.67 16.00
CA SER B 129 34.41 -3.62 17.33
C SER B 129 35.73 -2.86 17.30
N GLY B 130 35.92 -1.96 18.26
CA GLY B 130 37.12 -1.17 18.35
C GLY B 130 37.22 -0.04 17.35
N ILE B 131 36.10 0.33 16.74
CA ILE B 131 36.10 1.38 15.74
C ILE B 131 36.39 2.74 16.36
N PHE B 132 35.96 2.95 17.61
CA PHE B 132 36.05 4.27 18.22
C PHE B 132 37.48 4.84 18.21
N PRO B 133 38.49 4.08 18.72
CA PRO B 133 39.88 4.59 18.68
C PRO B 133 40.50 4.79 17.30
N LEU B 134 39.92 4.20 16.27
CA LEU B 134 40.42 4.34 14.89
C LEU B 134 39.88 5.56 14.18
N LEU B 135 38.85 6.18 14.75
CA LEU B 135 38.22 7.36 14.13
C LEU B 135 38.65 8.60 14.92
N PRO B 136 39.61 9.37 14.38
CA PRO B 136 40.12 10.52 15.14
C PRO B 136 39.07 11.61 15.32
N ASN B 137 39.11 12.29 16.46
CA ASN B 137 38.34 13.50 16.65
C ASN B 137 38.91 14.57 15.71
N VAL B 138 38.01 15.11 14.89
CA VAL B 138 38.36 15.94 13.75
C VAL B 138 37.41 17.14 13.69
N ALA B 139 37.95 18.28 13.30
CA ALA B 139 37.11 19.42 12.97
C ALA B 139 36.64 19.22 11.53
N TRP B 140 35.32 19.14 11.32
CA TRP B 140 34.77 19.11 9.97
C TRP B 140 34.40 20.53 9.56
N THR B 141 35.04 20.99 8.48
CA THR B 141 34.94 22.37 8.03
C THR B 141 34.64 22.44 6.54
N ASN B 142 34.35 23.65 6.06
CA ASN B 142 33.98 23.84 4.65
C ASN B 142 35.08 23.46 3.67
N ILE B 143 36.34 23.58 4.07
CA ILE B 143 37.47 23.18 3.21
C ILE B 143 37.86 21.71 3.43
N GLY B 144 37.26 21.06 4.43
CA GLY B 144 37.43 19.61 4.69
C GLY B 144 37.72 19.24 6.13
N ALA B 145 38.20 18.01 6.34
CA ALA B 145 38.66 17.57 7.65
C ALA B 145 39.98 18.30 7.97
N VAL B 146 40.04 18.84 9.17
CA VAL B 146 41.21 19.58 9.66
C VAL B 146 41.57 19.04 11.03
N ASP B 147 42.87 18.87 11.27
CA ASP B 147 43.36 18.34 12.53
C ASP B 147 43.09 19.35 13.64
N LEU B 148 42.73 18.88 14.83
CA LEU B 148 42.41 19.79 15.93
C LEU B 148 43.64 20.62 16.36
N ALA B 149 44.83 20.01 16.30
CA ALA B 149 46.08 20.70 16.65
C ALA B 149 46.52 21.75 15.61
N GLU B 150 45.89 21.76 14.44
CA GLU B 150 46.19 22.70 13.36
C GLU B 150 45.10 23.76 13.13
N LEU B 151 43.91 23.53 13.68
CA LEU B 151 42.73 24.35 13.35
C LEU B 151 42.85 25.84 13.72
N ALA B 152 43.32 26.13 14.93
CA ALA B 152 43.36 27.51 15.43
C ALA B 152 44.07 28.46 14.47
N GLU B 153 45.20 28.01 13.92
CA GLU B 153 45.98 28.79 12.98
C GLU B 153 45.18 29.04 11.70
N LEU B 154 44.58 27.98 11.16
CA LEU B 154 43.79 28.09 9.93
C LEU B 154 42.57 29.00 10.10
N GLN B 155 41.99 29.03 11.30
CA GLN B 155 40.85 29.92 11.58
C GLN B 155 41.27 31.38 11.52
N LEU B 156 42.33 31.71 12.24
CA LEU B 156 42.88 33.06 12.23
C LEU B 156 43.20 33.49 10.79
N GLU B 157 43.92 32.63 10.07
CA GLU B 157 44.33 32.96 8.70
C GLU B 157 43.15 33.35 7.81
N ALA B 158 42.03 32.62 7.91
CA ALA B 158 40.83 32.93 7.15
C ALA B 158 40.28 34.31 7.54
N ARG B 159 40.30 34.60 8.83
CA ARG B 159 39.82 35.90 9.33
C ARG B 159 40.64 37.06 8.75
N LEU B 160 41.94 36.86 8.61
CA LEU B 160 42.82 37.90 8.05
C LEU B 160 42.45 38.27 6.60
N LYS B 161 41.84 37.33 5.87
CA LYS B 161 41.39 37.55 4.49
C LYS B 161 39.95 38.03 4.37
N GLY B 162 39.26 38.21 5.50
CA GLY B 162 37.83 38.51 5.50
C GLY B 162 36.97 37.31 5.15
N LYS B 163 37.58 36.12 5.20
CA LYS B 163 36.85 34.87 4.99
C LYS B 163 36.50 34.26 6.34
N LEU B 164 35.81 33.14 6.30
CA LEU B 164 35.47 32.36 7.48
C LEU B 164 35.81 30.92 7.20
N LEU B 165 36.56 30.29 8.11
CA LEU B 165 36.70 28.83 8.13
C LEU B 165 35.57 28.32 9.00
N GLU B 166 34.51 27.85 8.37
CA GLU B 166 33.33 27.42 9.11
C GLU B 166 33.57 26.01 9.62
N VAL B 167 33.44 25.81 10.92
CA VAL B 167 33.61 24.50 11.54
C VAL B 167 32.25 24.01 11.94
N PHE B 168 31.66 23.08 11.19
CA PHE B 168 30.25 22.70 11.43
C PHE B 168 30.06 21.42 12.27
N SER B 169 31.16 20.75 12.59
CA SER B 169 31.15 19.58 13.47
C SER B 169 32.55 19.34 14.02
N VAL B 170 32.61 18.91 15.28
CA VAL B 170 33.86 18.48 15.89
C VAL B 170 33.60 17.13 16.53
N ASP B 171 33.92 16.07 15.80
CA ASP B 171 33.49 14.73 16.18
C ASP B 171 34.37 13.67 15.52
N LYS B 172 34.13 12.43 15.93
CA LYS B 172 34.79 11.26 15.36
C LYS B 172 34.12 10.77 14.06
N PHE B 173 32.88 11.18 13.82
CA PHE B 173 32.12 10.72 12.64
C PHE B 173 31.68 11.91 11.80
N PRO B 174 32.06 11.94 10.51
CA PRO B 174 31.50 12.97 9.65
C PRO B 174 30.04 12.67 9.31
N LYS B 175 29.36 13.66 8.74
CA LYS B 175 27.99 13.46 8.32
C LYS B 175 27.98 12.64 7.03
N MET B 176 27.00 11.76 6.91
CA MET B 176 26.97 10.80 5.80
C MET B 176 26.98 11.43 4.42
N THR B 177 26.13 12.45 4.23
CA THR B 177 25.87 12.98 2.89
CA THR B 177 25.87 12.99 2.89
C THR B 177 27.06 13.71 2.26
N ASP B 178 28.11 13.98 3.04
CA ASP B 178 29.37 14.51 2.49
C ASP B 178 30.19 13.40 1.81
N TYR B 179 29.79 12.15 2.02
CA TYR B 179 30.42 10.98 1.38
C TYR B 179 29.49 10.32 0.35
N VAL B 180 28.21 10.15 0.69
CA VAL B 180 27.27 9.43 -0.17
C VAL B 180 25.82 9.86 0.08
N VAL B 181 25.08 10.01 -1.01
CA VAL B 181 23.65 10.22 -0.97
C VAL B 181 23.02 9.04 -1.68
N PRO B 182 22.42 8.10 -0.93
CA PRO B 182 21.82 6.94 -1.56
C PRO B 182 20.51 7.31 -2.25
N ALA B 183 20.18 6.58 -3.32
CA ALA B 183 18.95 6.85 -4.08
C ALA B 183 17.69 6.59 -3.25
N GLY B 184 16.67 7.39 -3.50
CA GLY B 184 15.35 7.21 -2.89
C GLY B 184 15.27 7.69 -1.46
N VAL B 185 15.99 8.77 -1.18
CA VAL B 185 16.20 9.23 0.17
C VAL B 185 16.03 10.75 0.30
N ARG B 186 15.40 11.17 1.39
CA ARG B 186 15.40 12.56 1.79
C ARG B 186 15.95 12.68 3.22
N ILE B 187 16.80 13.69 3.42
CA ILE B 187 17.37 14.02 4.72
C ILE B 187 17.33 15.55 4.85
N ALA B 188 16.39 16.04 5.65
CA ALA B 188 16.10 17.46 5.75
C ALA B 188 17.32 18.24 6.21
N ASP B 189 17.98 17.72 7.24
CA ASP B 189 19.15 18.36 7.85
C ASP B 189 20.24 17.30 8.04
N THR B 190 21.20 17.30 7.13
CA THR B 190 22.17 16.19 7.02
C THR B 190 23.17 16.07 8.17
N ALA B 191 23.25 17.07 9.04
CA ALA B 191 24.10 16.98 10.22
C ALA B 191 23.65 15.85 11.14
N ARG B 192 22.41 15.41 10.97
CA ARG B 192 21.79 14.43 11.84
C ARG B 192 21.81 12.99 11.32
N VAL B 193 22.57 12.73 10.25
CA VAL B 193 22.75 11.38 9.74
C VAL B 193 24.24 11.12 9.64
N ARG B 194 24.74 10.19 10.44
CA ARG B 194 26.17 9.92 10.49
C ARG B 194 26.58 8.99 9.36
N LEU B 195 27.83 9.11 8.94
CA LEU B 195 28.43 8.13 8.07
C LEU B 195 28.37 6.80 8.82
N GLY B 196 27.91 5.77 8.11
CA GLY B 196 27.66 4.47 8.72
C GLY B 196 26.19 4.18 8.95
N ALA B 197 25.34 5.19 8.72
CA ALA B 197 23.89 5.02 8.82
C ALA B 197 23.35 4.42 7.52
N TYR B 198 22.32 3.60 7.63
CA TYR B 198 21.69 2.92 6.50
C TYR B 198 20.30 3.52 6.31
N ILE B 199 20.13 4.35 5.27
CA ILE B 199 18.88 5.05 5.02
C ILE B 199 18.14 4.39 3.87
N GLY B 200 17.22 3.50 4.21
CA GLY B 200 16.53 2.66 3.22
C GLY B 200 15.67 3.43 2.24
N GLU B 201 15.57 2.88 1.04
CA GLU B 201 14.80 3.49 -0.05
C GLU B 201 13.37 3.82 0.39
N GLY B 202 13.00 5.09 0.26
CA GLY B 202 11.68 5.57 0.69
C GLY B 202 11.66 6.20 2.08
N THR B 203 12.82 6.33 2.71
CA THR B 203 12.91 6.99 4.01
C THR B 203 13.05 8.51 3.84
N THR B 204 12.24 9.25 4.57
CA THR B 204 12.48 10.68 4.77
C THR B 204 12.94 10.87 6.21
N VAL B 205 14.16 11.35 6.40
CA VAL B 205 14.58 11.85 7.70
C VAL B 205 14.27 13.34 7.75
N MET B 206 13.29 13.71 8.59
CA MET B 206 12.98 15.12 8.86
C MET B 206 13.94 15.72 9.88
N HIS B 207 13.80 17.02 10.11
CA HIS B 207 14.83 17.83 10.76
C HIS B 207 15.13 17.36 12.19
N GLU B 208 14.11 16.85 12.89
CA GLU B 208 14.28 16.29 14.23
C GLU B 208 14.72 14.81 14.21
N GLY B 209 14.73 14.21 13.02
CA GLY B 209 15.24 12.85 12.87
C GLY B 209 16.74 12.77 13.07
N PHE B 210 17.19 11.65 13.65
CA PHE B 210 18.61 11.34 13.81
C PHE B 210 18.87 9.87 13.59
N VAL B 211 19.95 9.55 12.85
CA VAL B 211 20.37 8.16 12.64
C VAL B 211 21.88 8.07 12.80
N ASN B 212 22.28 7.28 13.80
CA ASN B 212 23.68 7.04 14.11
C ASN B 212 24.27 6.01 13.15
N PHE B 213 25.55 5.70 13.33
CA PHE B 213 26.20 4.66 12.54
C PHE B 213 25.66 3.29 12.95
N ASN B 214 25.83 2.30 12.08
CA ASN B 214 25.36 0.94 12.34
C ASN B 214 23.87 0.89 12.73
N ALA B 215 23.08 1.75 12.11
CA ALA B 215 21.66 1.84 12.43
C ALA B 215 20.95 2.45 11.25
N GLY B 216 19.64 2.33 11.22
CA GLY B 216 18.85 3.02 10.22
C GLY B 216 17.56 2.31 9.89
N THR B 217 17.21 2.34 8.61
CA THR B 217 15.86 2.00 8.16
C THR B 217 15.87 1.08 6.96
N GLU B 218 14.98 0.10 7.00
CA GLU B 218 14.70 -0.75 5.85
C GLU B 218 14.14 0.13 4.75
N GLY B 219 13.26 1.06 5.10
CA GLY B 219 12.62 1.94 4.14
C GLY B 219 11.45 1.25 3.45
N PRO B 220 10.36 1.98 3.14
CA PRO B 220 10.15 3.40 3.36
C PRO B 220 9.78 3.73 4.80
N GLY B 221 9.53 5.02 5.07
CA GLY B 221 9.26 5.48 6.43
C GLY B 221 9.51 6.97 6.59
N MET B 222 9.00 7.54 7.67
CA MET B 222 9.17 8.94 8.02
C MET B 222 9.85 8.99 9.37
N ILE B 223 11.11 9.41 9.40
CA ILE B 223 11.90 9.39 10.63
C ILE B 223 12.09 10.80 11.17
N GLU B 224 11.41 11.10 12.27
CA GLU B 224 11.53 12.40 12.93
C GLU B 224 12.01 12.21 14.37
N GLY B 225 12.53 11.02 14.68
CA GLY B 225 13.06 10.71 16.00
C GLY B 225 14.49 10.20 15.93
N ARG B 226 14.94 9.59 17.02
CA ARG B 226 16.36 9.36 17.21
C ARG B 226 16.74 7.88 17.24
N VAL B 227 17.26 7.42 16.10
CA VAL B 227 17.66 6.04 15.89
C VAL B 227 19.13 5.88 16.32
N SER B 228 19.34 5.16 17.42
CA SER B 228 20.66 5.02 18.02
C SER B 228 21.49 3.89 17.41
N ALA B 229 22.77 3.85 17.79
CA ALA B 229 23.71 2.87 17.24
C ALA B 229 23.24 1.44 17.48
N GLY B 230 23.13 0.67 16.39
CA GLY B 230 22.62 -0.71 16.46
C GLY B 230 21.12 -0.86 16.25
N VAL B 231 20.36 0.23 16.27
CA VAL B 231 18.90 0.14 16.11
C VAL B 231 18.52 0.13 14.64
N PHE B 232 17.82 -0.94 14.22
CA PHE B 232 17.26 -1.02 12.87
C PHE B 232 15.74 -0.87 12.93
N VAL B 233 15.17 -0.21 11.91
CA VAL B 233 13.74 0.04 11.83
C VAL B 233 13.17 -0.61 10.58
N GLY B 234 12.12 -1.40 10.76
CA GLY B 234 11.44 -2.09 9.68
C GLY B 234 10.69 -1.18 8.72
N LYS B 235 10.33 -1.74 7.58
CA LYS B 235 9.63 -1.01 6.53
C LYS B 235 8.29 -0.44 7.02
N GLY B 236 7.90 0.68 6.43
CA GLY B 236 6.60 1.28 6.73
C GLY B 236 6.38 1.66 8.19
N SER B 237 7.44 2.11 8.86
CA SER B 237 7.35 2.49 10.27
C SER B 237 7.74 3.94 10.46
N ASP B 238 6.79 4.77 10.92
CA ASP B 238 6.97 6.21 11.09
C ASP B 238 7.37 6.54 12.53
N LEU B 239 8.46 7.30 12.68
CA LEU B 239 8.91 7.75 14.01
C LEU B 239 8.58 9.23 14.20
N GLY B 240 7.71 9.52 15.18
CA GLY B 240 7.26 10.89 15.44
C GLY B 240 8.36 11.82 15.91
N GLY B 241 8.12 13.12 15.81
CA GLY B 241 9.11 14.13 16.17
C GLY B 241 9.57 14.05 17.60
N GLY B 242 10.89 13.96 17.81
CA GLY B 242 11.47 14.00 19.14
C GLY B 242 11.56 12.67 19.87
N CYS B 243 11.02 11.61 19.28
CA CYS B 243 11.02 10.29 19.90
C CYS B 243 12.43 9.70 19.92
N SER B 244 12.58 8.57 20.61
CA SER B 244 13.90 8.00 20.90
C SER B 244 13.90 6.46 20.94
N THR B 245 15.03 5.87 20.51
CA THR B 245 15.31 4.44 20.72
C THR B 245 16.59 4.33 21.55
N MET B 246 16.66 3.30 22.41
CA MET B 246 17.78 3.15 23.36
C MET B 246 19.14 2.94 22.66
N GLY B 247 20.13 3.72 23.08
CA GLY B 247 21.49 3.59 22.57
C GLY B 247 22.34 2.67 23.43
N ASN B 254 23.09 -6.66 26.71
CA ASN B 254 21.81 -6.05 26.32
C ASN B 254 21.29 -6.64 25.02
N ILE B 255 19.98 -6.85 24.98
CA ILE B 255 19.32 -7.36 23.77
C ILE B 255 19.36 -6.34 22.64
N VAL B 256 19.28 -6.83 21.42
CA VAL B 256 19.33 -5.97 20.24
C VAL B 256 18.00 -5.24 20.07
N ILE B 257 18.03 -3.92 20.30
CA ILE B 257 16.85 -3.07 20.12
C ILE B 257 16.54 -2.93 18.63
N SER B 258 15.27 -3.04 18.27
CA SER B 258 14.82 -2.77 16.91
C SER B 258 13.36 -2.35 16.88
N VAL B 259 12.93 -1.85 15.73
CA VAL B 259 11.53 -1.54 15.46
C VAL B 259 11.08 -2.32 14.24
N GLY B 260 9.93 -2.99 14.35
CA GLY B 260 9.44 -3.85 13.29
C GLY B 260 8.81 -3.11 12.13
N GLU B 261 8.08 -3.88 11.33
CA GLU B 261 7.47 -3.37 10.12
C GLU B 261 6.06 -2.86 10.45
N GLY B 262 5.70 -1.71 9.88
CA GLY B 262 4.37 -1.15 10.06
C GLY B 262 4.15 -0.38 11.34
N CYS B 263 5.20 -0.25 12.16
CA CYS B 263 5.08 0.40 13.48
C CYS B 263 4.83 1.92 13.43
N LEU B 264 4.31 2.47 14.53
CA LEU B 264 4.03 3.91 14.66
C LEU B 264 4.51 4.36 16.05
N ILE B 265 5.28 5.45 16.11
CA ILE B 265 5.88 5.92 17.37
C ILE B 265 5.64 7.42 17.57
N GLY B 266 4.73 7.75 18.48
CA GLY B 266 4.36 9.15 18.72
C GLY B 266 5.51 10.07 19.09
N ALA B 267 5.30 11.37 18.91
CA ALA B 267 6.30 12.39 19.19
C ALA B 267 6.81 12.31 20.63
N ASN B 268 8.14 12.43 20.79
CA ASN B 268 8.80 12.41 22.11
C ASN B 268 8.69 11.09 22.90
N ALA B 269 8.05 10.09 22.31
CA ALA B 269 7.97 8.76 22.93
C ALA B 269 9.36 8.15 23.04
N GLY B 270 9.52 7.21 23.96
CA GLY B 270 10.81 6.54 24.16
C GLY B 270 10.63 5.05 24.28
N ILE B 271 11.27 4.30 23.38
CA ILE B 271 11.19 2.84 23.42
C ILE B 271 12.56 2.22 23.71
N GLY B 272 12.63 1.49 24.82
CA GLY B 272 13.87 0.84 25.27
C GLY B 272 13.76 -0.67 25.22
N ILE B 273 12.87 -1.18 24.37
CA ILE B 273 12.74 -2.61 24.11
C ILE B 273 12.39 -2.82 22.64
N PRO B 274 12.59 -4.04 22.11
CA PRO B 274 12.18 -4.31 20.75
C PRO B 274 10.68 -4.16 20.54
N LEU B 275 10.26 -3.54 19.43
CA LEU B 275 8.86 -3.45 19.05
C LEU B 275 8.61 -4.39 17.88
N GLY B 276 7.56 -5.21 18.00
CA GLY B 276 7.20 -6.16 16.95
C GLY B 276 6.41 -5.48 15.86
N ASP B 277 6.10 -6.21 14.79
CA ASP B 277 5.45 -5.63 13.63
C ASP B 277 4.09 -5.04 13.98
N ARG B 278 3.76 -3.90 13.37
CA ARG B 278 2.44 -3.25 13.48
C ARG B 278 2.11 -2.72 14.90
N ASN B 279 3.13 -2.41 15.68
CA ASN B 279 2.95 -1.77 16.99
C ASN B 279 2.67 -0.27 16.87
N ILE B 280 1.79 0.23 17.73
CA ILE B 280 1.54 1.66 17.85
C ILE B 280 1.94 2.11 19.25
N VAL B 281 2.65 3.24 19.34
CA VAL B 281 3.04 3.81 20.63
C VAL B 281 2.56 5.25 20.73
N GLU B 282 2.02 5.60 21.90
CA GLU B 282 1.41 6.90 22.14
C GLU B 282 2.47 7.97 22.34
N ALA B 283 2.19 9.17 21.84
CA ALA B 283 3.08 10.32 21.97
C ALA B 283 3.38 10.60 23.44
N GLY B 284 4.64 10.90 23.73
CA GLY B 284 5.08 11.25 25.08
C GLY B 284 5.35 10.10 26.04
N LEU B 285 4.94 8.89 25.68
CA LEU B 285 5.06 7.74 26.56
C LEU B 285 6.47 7.14 26.53
N TYR B 286 6.96 6.72 27.70
CA TYR B 286 8.27 6.07 27.81
C TYR B 286 8.17 4.62 28.28
N ILE B 287 8.72 3.69 27.50
CA ILE B 287 8.74 2.28 27.90
C ILE B 287 10.18 1.75 27.99
N THR B 288 10.55 1.32 29.20
CA THR B 288 11.80 0.63 29.44
C THR B 288 11.50 -0.84 29.67
N ALA B 289 12.54 -1.66 29.79
CA ALA B 289 12.40 -3.08 30.05
C ALA B 289 11.57 -3.33 31.32
N GLY B 290 11.79 -2.51 32.34
CA GLY B 290 11.09 -2.67 33.63
C GLY B 290 9.88 -1.78 33.80
N THR B 291 9.24 -1.39 32.69
CA THR B 291 8.06 -0.55 32.75
C THR B 291 6.82 -1.41 32.92
N LYS B 292 6.14 -1.27 34.05
CA LYS B 292 4.95 -2.04 34.35
C LYS B 292 3.78 -1.57 33.50
N VAL B 293 3.24 -2.48 32.68
CA VAL B 293 2.14 -2.17 31.77
C VAL B 293 0.93 -3.05 32.07
N ALA B 294 -0.26 -2.45 32.03
CA ALA B 294 -1.52 -3.16 32.20
C ALA B 294 -1.98 -3.77 30.86
N LEU B 295 -1.85 -5.09 30.73
CA LEU B 295 -2.24 -5.80 29.51
C LEU B 295 -3.77 -5.86 29.38
N LEU B 296 -4.30 -5.26 28.32
CA LEU B 296 -5.75 -5.24 28.08
C LEU B 296 -6.14 -6.11 26.87
N ASP B 297 -7.43 -6.41 26.78
CA ASP B 297 -7.95 -7.32 25.76
C ASP B 297 -8.93 -6.63 24.79
N GLU B 298 -9.58 -7.44 23.96
CA GLU B 298 -10.63 -7.01 23.03
C GLU B 298 -11.46 -5.81 23.52
N ASN B 300 -12.07 -2.67 26.67
CA ASN B 300 -10.73 -3.17 26.99
C ASN B 300 -10.62 -3.63 28.45
N ALA B 301 -10.89 -4.93 28.67
CA ALA B 301 -10.83 -5.51 30.01
C ALA B 301 -9.39 -5.83 30.40
N LEU B 302 -9.11 -5.83 31.69
CA LEU B 302 -7.76 -6.11 32.22
C LEU B 302 -7.45 -7.60 32.19
N VAL B 303 -6.18 -7.93 31.99
CA VAL B 303 -5.69 -9.31 32.07
C VAL B 303 -4.72 -9.42 33.25
N LYS B 304 -3.56 -8.78 33.13
CA LYS B 304 -2.56 -8.78 34.21
C LYS B 304 -1.49 -7.69 33.99
N VAL B 305 -0.76 -7.37 35.06
CA VAL B 305 0.26 -6.33 35.02
C VAL B 305 1.65 -6.95 34.86
N VAL B 306 2.19 -6.89 33.64
CA VAL B 306 3.51 -7.45 33.32
C VAL B 306 4.50 -6.34 32.96
N LYS B 307 5.78 -6.70 32.94
CA LYS B 307 6.84 -5.78 32.52
C LYS B 307 6.94 -5.78 31.00
N ALA B 308 7.31 -4.63 30.44
CA ALA B 308 7.39 -4.46 28.98
C ALA B 308 8.37 -5.44 28.31
N ARG B 309 9.38 -5.87 29.05
CA ARG B 309 10.38 -6.83 28.54
C ARG B 309 9.74 -8.13 28.05
N ASP B 310 8.64 -8.53 28.68
CA ASP B 310 7.94 -9.78 28.35
C ASP B 310 6.93 -9.62 27.21
N LEU B 311 6.75 -8.38 26.73
CA LEU B 311 6.01 -8.12 25.50
C LEU B 311 6.96 -7.89 24.31
N ALA B 312 8.27 -8.06 24.54
CA ALA B 312 9.29 -7.74 23.53
C ALA B 312 9.20 -8.63 22.30
N GLY B 313 8.91 -8.02 21.15
CA GLY B 313 8.78 -8.74 19.87
C GLY B 313 7.36 -9.09 19.49
N GLN B 314 6.41 -8.87 20.39
CA GLN B 314 4.99 -9.17 20.15
C GLN B 314 4.41 -8.26 19.08
N PRO B 315 3.57 -8.81 18.19
CA PRO B 315 2.92 -8.01 17.15
C PRO B 315 1.61 -7.34 17.58
N ASP B 316 1.25 -6.26 16.88
CA ASP B 316 -0.07 -5.60 16.98
C ASP B 316 -0.46 -5.07 18.37
N LEU B 317 0.52 -4.61 19.13
CA LEU B 317 0.28 -4.03 20.46
C LEU B 317 0.16 -2.50 20.39
N LEU B 318 -0.67 -1.93 21.26
CA LEU B 318 -0.96 -0.49 21.28
C LEU B 318 -0.67 0.09 22.67
N PHE B 319 0.48 0.76 22.81
CA PHE B 319 0.92 1.29 24.12
C PHE B 319 0.42 2.71 24.34
N ARG B 320 -0.42 2.88 25.36
CA ARG B 320 -1.01 4.20 25.67
C ARG B 320 -1.10 4.43 27.17
N ARG B 321 -0.87 5.68 27.58
CA ARG B 321 -1.05 6.08 28.97
C ARG B 321 -2.53 6.41 29.21
N ASN B 322 -3.09 5.86 30.29
CA ASN B 322 -4.43 6.19 30.72
C ASN B 322 -4.42 7.62 31.28
N SER B 323 -5.12 8.53 30.59
CA SER B 323 -5.06 9.95 30.92
C SER B 323 -5.67 10.31 32.28
N GLN B 324 -6.52 9.43 32.82
CA GLN B 324 -7.25 9.70 34.06
C GLN B 324 -6.50 9.25 35.32
N ASN B 325 -5.78 8.13 35.25
CA ASN B 325 -5.00 7.64 36.41
C ASN B 325 -3.50 7.43 36.13
N GLY B 326 -3.04 7.82 34.94
CA GLY B 326 -1.62 7.75 34.58
C GLY B 326 -1.06 6.34 34.37
N ALA B 327 -1.94 5.34 34.29
CA ALA B 327 -1.51 3.95 34.16
C ALA B 327 -1.12 3.63 32.71
N VAL B 328 0.02 2.96 32.53
CA VAL B 328 0.49 2.54 31.22
C VAL B 328 -0.22 1.25 30.81
N GLU B 329 -0.77 1.22 29.61
CA GLU B 329 -1.63 0.12 29.16
C GLU B 329 -1.25 -0.38 27.77
N CYS B 330 -1.45 -1.68 27.54
CA CYS B 330 -1.17 -2.34 26.26
C CYS B 330 -2.41 -3.07 25.75
N LYS B 331 -3.03 -2.53 24.72
CA LYS B 331 -4.26 -3.09 24.13
C LYS B 331 -3.92 -4.01 22.96
N THR B 332 -4.11 -5.32 23.15
CA THR B 332 -3.78 -6.31 22.13
C THR B 332 -4.83 -6.33 21.01
N GLN C 6 -7.39 40.40 -16.92
CA GLN C 6 -7.81 40.69 -15.52
C GLN C 6 -6.60 41.08 -14.65
N SER C 7 -6.86 41.35 -13.38
CA SER C 7 -5.80 41.69 -12.42
C SER C 7 -4.96 40.46 -12.09
N LEU C 8 -3.64 40.55 -12.31
CA LEU C 8 -2.74 39.43 -11.97
C LEU C 8 -2.61 39.28 -10.45
N PHE C 9 -2.68 38.03 -9.98
CA PHE C 9 -2.55 37.70 -8.56
C PHE C 9 -1.09 37.79 -8.12
N SER C 10 -0.16 37.49 -9.02
CA SER C 10 1.27 37.59 -8.73
C SER C 10 2.15 37.61 -9.98
N LEU C 11 3.30 38.25 -9.84
CA LEU C 11 4.34 38.21 -10.87
C LEU C 11 5.71 38.36 -10.20
N ALA C 12 6.68 37.62 -10.71
CA ALA C 12 8.06 37.74 -10.24
C ALA C 12 9.07 37.32 -11.30
N PHE C 13 10.21 38.00 -11.34
CA PHE C 13 11.29 37.69 -12.28
C PHE C 13 12.36 36.88 -11.56
N GLY C 14 12.46 35.61 -11.92
CA GLY C 14 13.31 34.67 -11.20
C GLY C 14 14.58 34.21 -11.91
N VAL C 15 15.58 33.90 -11.10
CA VAL C 15 16.80 33.28 -11.57
C VAL C 15 16.84 31.89 -10.93
N GLY C 16 17.06 30.86 -11.74
CA GLY C 16 16.98 29.49 -11.26
C GLY C 16 18.14 28.60 -11.63
N THR C 17 17.98 27.33 -11.30
CA THR C 17 19.01 26.33 -11.50
C THR C 17 18.40 25.14 -12.22
N GLN C 18 18.98 24.80 -13.36
CA GLN C 18 18.54 23.67 -14.15
C GLN C 18 19.57 22.54 -14.14
N ASN C 19 19.07 21.32 -14.19
CA ASN C 19 19.92 20.15 -14.43
C ASN C 19 19.90 19.93 -15.95
N ARG C 20 20.40 18.78 -16.42
CA ARG C 20 20.73 18.53 -17.83
C ARG C 20 19.54 18.15 -18.71
N GLN C 21 18.50 17.54 -18.15
CA GLN C 21 17.26 17.31 -18.92
C GLN C 21 16.33 18.53 -18.88
N GLU C 22 16.93 19.72 -18.89
CA GLU C 22 16.24 21.01 -18.82
C GLU C 22 15.17 21.10 -17.72
N ALA C 23 15.37 20.35 -16.64
CA ALA C 23 14.42 20.35 -15.54
C ALA C 23 14.77 21.49 -14.59
N TRP C 24 13.77 22.13 -14.01
CA TRP C 24 13.97 23.22 -13.07
C TRP C 24 14.00 22.73 -11.63
N LEU C 25 15.17 22.87 -11.01
CA LEU C 25 15.38 22.46 -9.62
C LEU C 25 14.82 23.49 -8.64
N GLU C 26 15.07 24.77 -8.91
CA GLU C 26 14.69 25.85 -8.00
C GLU C 26 14.67 27.19 -8.72
N VAL C 27 13.97 28.16 -8.17
CA VAL C 27 14.06 29.54 -8.66
C VAL C 27 14.15 30.52 -7.49
N PHE C 28 15.01 31.52 -7.65
CA PHE C 28 15.24 32.57 -6.68
C PHE C 28 14.58 33.85 -7.19
N TYR C 29 13.47 34.26 -6.58
CA TYR C 29 12.82 35.56 -6.86
C TYR C 29 13.21 36.62 -5.82
N ALA C 30 14.01 37.62 -6.21
CA ALA C 30 14.44 38.68 -5.28
C ALA C 30 13.29 39.57 -4.82
N LEU C 31 12.47 40.01 -5.77
CA LEU C 31 11.42 40.98 -5.53
C LEU C 31 10.09 40.45 -6.10
N PRO C 32 9.51 39.43 -5.45
CA PRO C 32 8.20 38.97 -5.88
C PRO C 32 7.12 40.02 -5.63
N LEU C 33 6.21 40.17 -6.59
CA LEU C 33 5.13 41.16 -6.49
C LEU C 33 3.77 40.50 -6.39
N LEU C 34 3.03 40.84 -5.33
CA LEU C 34 1.64 40.45 -5.16
C LEU C 34 0.76 41.56 -5.74
N LYS C 35 -0.24 41.17 -6.53
CA LYS C 35 -1.14 42.13 -7.19
C LYS C 35 -0.34 43.24 -7.84
N PRO C 36 0.51 42.87 -8.82
CA PRO C 36 1.32 43.85 -9.51
C PRO C 36 0.45 44.82 -10.30
N SER C 37 0.76 46.11 -10.24
CA SER C 37 0.01 47.14 -10.98
C SER C 37 -0.13 46.75 -12.46
N SER C 38 -1.29 47.07 -13.06
CA SER C 38 -1.53 46.76 -14.46
C SER C 38 -0.52 47.47 -15.36
N GLU C 39 0.02 48.60 -14.88
CA GLU C 39 1.07 49.34 -15.57
C GLU C 39 2.29 48.45 -15.79
N ILE C 40 2.83 47.92 -14.70
CA ILE C 40 4.02 47.04 -14.74
C ILE C 40 3.79 45.86 -15.67
N VAL C 41 2.64 45.22 -15.53
CA VAL C 41 2.25 44.07 -16.35
C VAL C 41 2.08 44.47 -17.81
N ALA C 42 1.39 45.59 -18.04
CA ALA C 42 1.11 46.09 -19.40
C ALA C 42 2.38 46.25 -20.22
N ALA C 43 3.48 46.59 -19.56
CA ALA C 43 4.76 46.78 -20.23
C ALA C 43 5.44 45.44 -20.55
N VAL C 44 5.32 44.47 -19.64
CA VAL C 44 6.16 43.27 -19.66
C VAL C 44 5.54 42.08 -20.44
N ALA C 45 4.22 41.97 -20.45
CA ALA C 45 3.52 40.83 -21.05
C ALA C 45 3.87 40.58 -22.53
N PRO C 46 3.79 41.62 -23.39
CA PRO C 46 4.10 41.45 -24.82
C PRO C 46 5.57 41.18 -25.16
N ILE C 47 6.51 41.76 -24.40
CA ILE C 47 7.93 41.45 -24.59
C ILE C 47 8.21 39.97 -24.28
N LEU C 48 7.49 39.41 -23.29
CA LEU C 48 7.62 38.00 -22.90
C LEU C 48 6.75 37.08 -23.72
N GLY C 49 5.62 37.58 -24.20
CA GLY C 49 4.64 36.80 -24.95
C GLY C 49 3.59 36.18 -24.05
N TYR C 50 3.28 36.84 -22.93
CA TYR C 50 2.20 36.43 -22.03
C TYR C 50 0.86 36.84 -22.64
N ALA C 51 -0.10 35.92 -22.66
CA ALA C 51 -1.46 36.18 -23.13
C ALA C 51 -2.43 36.22 -21.94
N ALA C 52 -2.49 35.12 -21.20
CA ALA C 52 -3.35 35.02 -20.02
C ALA C 52 -2.97 33.80 -19.17
N GLY C 53 -3.66 33.60 -18.04
CA GLY C 53 -3.48 32.40 -17.23
C GLY C 53 -2.21 32.37 -16.38
N ASN C 54 -1.89 31.18 -15.87
CA ASN C 54 -0.72 30.98 -15.00
C ASN C 54 0.44 30.39 -15.79
N GLN C 55 1.46 31.21 -16.05
CA GLN C 55 2.55 30.87 -16.96
C GLN C 55 3.91 31.13 -16.31
N ALA C 56 4.82 30.17 -16.48
CA ALA C 56 6.21 30.36 -16.11
C ALA C 56 7.02 30.43 -17.40
N LEU C 57 7.25 31.65 -17.86
CA LEU C 57 7.88 31.86 -19.14
C LEU C 57 9.37 32.06 -18.98
N THR C 58 10.14 31.05 -19.35
CA THR C 58 11.58 31.21 -19.45
C THR C 58 11.83 32.36 -20.44
N PHE C 59 12.84 33.17 -20.16
CA PHE C 59 13.17 34.32 -21.02
C PHE C 59 14.68 34.59 -21.03
N THR C 60 15.16 35.30 -22.04
CA THR C 60 16.59 35.42 -22.33
C THR C 60 17.24 36.66 -21.73
N SER C 61 18.57 36.73 -21.90
CA SER C 61 19.36 37.88 -21.46
C SER C 61 18.94 39.13 -22.24
N GLN C 62 18.60 38.97 -23.51
CA GLN C 62 18.12 40.06 -24.36
C GLN C 62 16.85 40.69 -23.79
N GLN C 63 15.89 39.84 -23.44
CA GLN C 63 14.59 40.29 -22.92
C GLN C 63 14.77 41.06 -21.61
N ALA C 64 15.68 40.59 -20.77
CA ALA C 64 16.03 41.28 -19.52
C ALA C 64 16.37 42.76 -19.77
N TYR C 65 17.13 43.01 -20.85
CA TYR C 65 17.46 44.39 -21.24
C TYR C 65 16.25 45.18 -21.68
N GLN C 66 15.34 44.52 -22.41
CA GLN C 66 14.08 45.13 -22.87
C GLN C 66 13.08 45.31 -21.72
N LEU C 67 13.10 44.40 -20.75
CA LEU C 67 12.15 44.44 -19.63
C LEU C 67 12.60 45.44 -18.56
N ALA C 68 13.91 45.69 -18.49
CA ALA C 68 14.44 46.75 -17.65
C ALA C 68 14.08 48.10 -18.25
N ASP C 69 13.97 48.13 -19.58
CA ASP C 69 13.73 49.35 -20.35
C ASP C 69 12.25 49.69 -20.31
N ALA C 70 11.40 48.69 -20.48
CA ALA C 70 9.95 48.86 -20.35
C ALA C 70 9.54 49.37 -18.96
N LEU C 71 10.37 49.09 -17.94
CA LEU C 71 10.07 49.49 -16.56
C LEU C 71 10.90 50.68 -16.06
N LYS C 72 11.88 51.13 -16.83
CA LYS C 72 12.48 52.43 -16.57
C LYS C 72 11.32 53.44 -16.66
N GLY C 73 11.14 54.20 -15.58
CA GLY C 73 10.05 55.18 -15.49
C GLY C 73 8.74 54.66 -14.92
N ILE C 74 8.67 53.34 -14.64
CA ILE C 74 7.44 52.70 -14.14
C ILE C 74 7.61 52.14 -12.73
N ASP C 75 8.59 51.25 -12.57
CA ASP C 75 8.93 50.68 -11.25
C ASP C 75 10.45 50.53 -11.15
N ALA C 76 11.09 51.42 -10.40
CA ALA C 76 12.55 51.51 -10.36
C ALA C 76 13.22 50.28 -9.75
N ALA C 77 12.60 49.68 -8.74
CA ALA C 77 13.13 48.48 -8.10
C ALA C 77 13.19 47.31 -9.09
N GLN C 78 12.10 47.11 -9.84
CA GLN C 78 12.04 46.04 -10.83
C GLN C 78 12.98 46.29 -12.01
N SER C 79 13.08 47.54 -12.46
CA SER C 79 14.00 47.87 -13.55
C SER C 79 15.44 47.50 -13.18
N ALA C 80 15.86 47.93 -11.98
CA ALA C 80 17.18 47.60 -11.45
C ALA C 80 17.36 46.08 -11.34
N LEU C 81 16.33 45.38 -10.88
CA LEU C 81 16.39 43.92 -10.77
C LEU C 81 16.75 43.30 -12.12
N LEU C 82 16.05 43.72 -13.17
CA LEU C 82 16.20 43.09 -14.49
C LEU C 82 17.53 43.44 -15.18
N SER C 83 18.09 44.62 -14.90
CA SER C 83 19.43 44.97 -15.41
C SER C 83 20.50 44.03 -14.87
N ARG C 84 20.28 43.51 -13.67
CA ARG C 84 21.20 42.54 -13.06
C ARG C 84 20.95 41.15 -13.64
N LEU C 85 19.67 40.79 -13.76
CA LEU C 85 19.25 39.53 -14.40
C LEU C 85 19.77 39.45 -15.83
N ALA C 86 19.86 40.60 -16.50
CA ALA C 86 20.47 40.69 -17.83
C ALA C 86 21.90 40.15 -17.87
N GLU C 87 22.64 40.32 -16.77
CA GLU C 87 24.02 39.82 -16.71
C GLU C 87 24.14 38.42 -16.12
N SER C 88 23.00 37.75 -15.89
CA SER C 88 23.03 36.46 -15.22
C SER C 88 23.72 35.38 -16.04
N GLN C 89 24.31 34.43 -15.32
CA GLN C 89 24.97 33.26 -15.88
C GLN C 89 24.08 32.03 -15.72
N LYS C 90 22.80 32.26 -15.41
CA LYS C 90 21.83 31.19 -15.13
C LYS C 90 20.54 31.43 -15.91
N PRO C 91 19.75 30.36 -16.14
CA PRO C 91 18.48 30.54 -16.85
C PRO C 91 17.49 31.38 -16.04
N LEU C 92 16.79 32.29 -16.73
CA LEU C 92 15.87 33.24 -16.11
C LEU C 92 14.44 32.85 -16.39
N VAL C 93 13.56 33.02 -15.41
CA VAL C 93 12.13 32.73 -15.58
C VAL C 93 11.26 33.90 -15.10
N ALA C 94 10.31 34.29 -15.94
CA ALA C 94 9.30 35.27 -15.57
C ALA C 94 8.06 34.47 -15.22
N THR C 95 7.51 34.74 -14.03
CA THR C 95 6.41 33.95 -13.49
C THR C 95 5.19 34.82 -13.27
N LEU C 96 4.27 34.78 -14.24
CA LEU C 96 3.09 35.62 -14.23
C LEU C 96 1.86 34.79 -13.92
N LEU C 97 1.21 35.07 -12.80
CA LEU C 97 0.02 34.33 -12.37
C LEU C 97 -1.22 35.19 -12.47
N ALA C 98 -2.21 34.72 -13.21
CA ALA C 98 -3.52 35.38 -13.29
C ALA C 98 -4.37 35.19 -12.02
N GLU C 99 -4.37 33.98 -11.47
CA GLU C 99 -5.20 33.63 -10.30
C GLU C 99 -4.41 32.80 -9.27
N ASP C 100 -4.92 32.74 -8.05
CA ASP C 100 -4.42 31.83 -7.02
C ASP C 100 -5.13 30.47 -7.13
N ALA C 101 -4.56 29.61 -7.97
CA ALA C 101 -5.08 28.26 -8.21
C ALA C 101 -3.98 27.25 -7.92
N ALA C 102 -4.34 25.99 -7.95
CA ALA C 102 -3.40 24.90 -7.67
C ALA C 102 -2.16 25.05 -8.54
N PRO C 103 -0.96 24.96 -7.94
CA PRO C 103 0.24 25.17 -8.76
C PRO C 103 0.38 24.09 -9.84
N SER C 104 0.98 24.47 -10.96
CA SER C 104 1.18 23.55 -12.07
C SER C 104 2.65 23.37 -12.47
N SER C 105 3.53 24.31 -12.09
CA SER C 105 4.97 24.23 -12.42
C SER C 105 5.84 24.48 -11.19
N THR C 106 7.11 24.08 -11.27
CA THR C 106 8.05 24.29 -10.15
C THR C 106 8.33 25.76 -9.96
N ALA C 107 8.53 26.49 -11.06
CA ALA C 107 8.63 27.95 -11.04
C ALA C 107 7.51 28.56 -10.21
N GLU C 108 6.26 28.19 -10.51
CA GLU C 108 5.11 28.70 -9.77
C GLU C 108 5.07 28.24 -8.31
N ALA C 109 5.40 26.97 -8.07
CA ALA C 109 5.49 26.44 -6.71
C ALA C 109 6.48 27.26 -5.89
N TYR C 110 7.69 27.47 -6.42
CA TYR C 110 8.71 28.25 -5.72
C TYR C 110 8.17 29.63 -5.36
N LEU C 111 7.61 30.31 -6.36
CA LEU C 111 7.02 31.64 -6.20
C LEU C 111 6.01 31.68 -5.06
N LYS C 112 5.14 30.67 -4.99
CA LYS C 112 4.13 30.63 -3.92
C LYS C 112 4.76 30.45 -2.55
N LEU C 113 5.91 29.78 -2.48
CA LEU C 113 6.64 29.70 -1.23
C LEU C 113 7.27 31.05 -0.85
N HIS C 114 7.76 31.80 -1.84
CA HIS C 114 8.34 33.14 -1.66
C HIS C 114 7.31 34.17 -1.16
N LEU C 115 6.08 34.11 -1.69
CA LEU C 115 5.01 35.01 -1.25
C LEU C 115 4.75 34.82 0.25
N LEU C 116 4.84 33.58 0.72
CA LEU C 116 4.72 33.24 2.13
C LEU C 116 5.89 33.77 2.96
N SER C 117 7.12 33.49 2.48
CA SER C 117 8.33 33.84 3.23
C SER C 117 8.64 35.33 3.18
N HIS C 118 8.36 35.98 2.06
CA HIS C 118 8.45 37.45 1.97
C HIS C 118 7.36 38.17 2.77
N ARG C 119 6.48 37.40 3.42
CA ARG C 119 5.33 37.90 4.19
C ARG C 119 4.24 38.56 3.34
N LEU C 120 4.26 38.36 2.03
CA LEU C 120 3.32 39.06 1.14
C LEU C 120 1.91 38.46 1.22
N VAL C 121 1.85 37.18 1.60
CA VAL C 121 0.60 36.56 2.03
C VAL C 121 0.85 35.72 3.28
N LYS C 122 -0.21 35.46 4.04
CA LYS C 122 -0.14 34.65 5.25
C LYS C 122 -0.39 33.18 4.98
N PRO C 123 -0.02 32.30 5.93
CA PRO C 123 -0.39 30.89 5.78
C PRO C 123 -1.89 30.72 5.54
N HIS C 124 -2.22 29.79 4.64
CA HIS C 124 -3.61 29.44 4.28
C HIS C 124 -4.26 30.36 3.27
N ALA C 125 -3.64 31.51 3.00
CA ALA C 125 -4.22 32.52 2.12
C ALA C 125 -3.91 32.22 0.66
N VAL C 126 -3.07 31.21 0.43
CA VAL C 126 -2.50 30.89 -0.89
C VAL C 126 -2.69 29.39 -1.21
N ASN C 127 -2.96 29.07 -2.49
CA ASN C 127 -3.26 27.68 -2.90
C ASN C 127 -1.97 26.92 -3.20
N LEU C 128 -1.72 25.86 -2.45
CA LEU C 128 -0.53 25.04 -2.64
C LEU C 128 -0.88 23.58 -2.94
N SER C 129 -2.16 23.32 -3.24
CA SER C 129 -2.61 21.96 -3.53
C SER C 129 -1.79 21.39 -4.68
N GLY C 130 -1.19 20.23 -4.46
CA GLY C 130 -0.37 19.56 -5.47
C GLY C 130 1.06 20.04 -5.63
N ILE C 131 1.57 20.79 -4.65
CA ILE C 131 2.92 21.36 -4.75
C ILE C 131 4.04 20.32 -4.61
N PHE C 132 3.80 19.28 -3.82
CA PHE C 132 4.80 18.24 -3.52
C PHE C 132 5.49 17.68 -4.78
N PRO C 133 4.71 17.16 -5.76
CA PRO C 133 5.32 16.65 -7.00
C PRO C 133 6.07 17.67 -7.86
N LEU C 134 5.76 18.96 -7.71
CA LEU C 134 6.41 20.01 -8.49
C LEU C 134 7.73 20.49 -7.88
N LEU C 135 8.07 20.00 -6.70
CA LEU C 135 9.31 20.38 -6.02
C LEU C 135 10.30 19.22 -6.10
N PRO C 136 11.22 19.27 -7.08
CA PRO C 136 12.12 18.10 -7.21
C PRO C 136 13.01 17.90 -5.99
N ASN C 137 13.27 16.65 -5.64
CA ASN C 137 14.23 16.30 -4.59
C ASN C 137 15.61 16.67 -5.10
N VAL C 138 16.32 17.48 -4.31
CA VAL C 138 17.59 18.04 -4.69
C VAL C 138 18.56 18.06 -3.51
N ALA C 139 19.83 17.79 -3.80
CA ALA C 139 20.88 17.97 -2.81
C ALA C 139 21.19 19.45 -2.75
N TRP C 140 20.99 20.05 -1.58
CA TRP C 140 21.33 21.44 -1.38
C TRP C 140 22.74 21.50 -0.82
N THR C 141 23.62 22.11 -1.61
CA THR C 141 25.06 22.13 -1.36
C THR C 141 25.58 23.56 -1.31
N ASN C 142 26.84 23.71 -0.90
CA ASN C 142 27.45 25.04 -0.84
C ASN C 142 27.56 25.70 -2.20
N ILE C 143 27.70 24.92 -3.28
CA ILE C 143 27.78 25.48 -4.64
C ILE C 143 26.42 25.80 -5.24
N GLY C 144 25.33 25.38 -4.58
CA GLY C 144 23.97 25.55 -5.08
C GLY C 144 23.18 24.24 -5.06
N ALA C 145 21.98 24.27 -5.64
CA ALA C 145 21.17 23.05 -5.75
C ALA C 145 21.76 22.17 -6.84
N VAL C 146 21.83 20.86 -6.56
CA VAL C 146 22.44 19.88 -7.46
C VAL C 146 21.50 18.71 -7.71
N ASP C 147 21.45 18.27 -8.96
CA ASP C 147 20.69 17.09 -9.32
C ASP C 147 21.29 15.88 -8.65
N LEU C 148 20.45 15.07 -8.02
CA LEU C 148 20.92 13.88 -7.31
C LEU C 148 21.67 12.96 -8.28
N ALA C 149 21.11 12.73 -9.46
CA ALA C 149 21.78 11.93 -10.49
C ALA C 149 23.21 12.41 -10.79
N GLU C 150 23.43 13.73 -10.70
CA GLU C 150 24.73 14.34 -11.01
C GLU C 150 25.70 14.46 -9.81
N LEU C 151 25.20 14.29 -8.59
CA LEU C 151 25.94 14.68 -7.38
C LEU C 151 27.25 13.90 -7.14
N ALA C 152 27.20 12.58 -7.34
CA ALA C 152 28.33 11.71 -7.00
C ALA C 152 29.61 12.14 -7.72
N GLU C 153 29.47 12.48 -9.00
CA GLU C 153 30.59 12.94 -9.82
C GLU C 153 31.22 14.21 -9.24
N LEU C 154 30.37 15.17 -8.88
CA LEU C 154 30.83 16.46 -8.36
C LEU C 154 31.42 16.32 -6.96
N GLN C 155 30.85 15.41 -6.16
CA GLN C 155 31.43 15.10 -4.85
C GLN C 155 32.86 14.59 -4.99
N LEU C 156 33.04 13.61 -5.88
CA LEU C 156 34.37 13.08 -6.19
C LEU C 156 35.31 14.19 -6.68
N GLU C 157 34.86 14.98 -7.65
CA GLU C 157 35.74 16.03 -8.23
C GLU C 157 36.24 17.04 -7.20
N ALA C 158 35.37 17.43 -6.27
CA ALA C 158 35.79 18.32 -5.19
C ALA C 158 36.93 17.67 -4.40
N ARG C 159 36.75 16.41 -4.02
CA ARG C 159 37.73 15.69 -3.22
C ARG C 159 39.10 15.63 -3.91
N LEU C 160 39.11 15.54 -5.24
CA LEU C 160 40.36 15.49 -6.00
C LEU C 160 41.18 16.79 -5.89
N LYS C 161 40.52 17.89 -5.52
CA LYS C 161 41.16 19.19 -5.33
C LYS C 161 41.34 19.55 -3.86
N GLY C 162 41.20 18.58 -2.97
CA GLY C 162 41.25 18.83 -1.54
C GLY C 162 40.13 19.74 -1.05
N LYS C 163 39.09 19.89 -1.87
CA LYS C 163 37.91 20.69 -1.54
C LYS C 163 36.83 19.76 -0.99
N LEU C 164 35.74 20.34 -0.49
CA LEU C 164 34.54 19.60 -0.11
C LEU C 164 33.31 20.15 -0.82
N LEU C 165 32.51 19.27 -1.43
CA LEU C 165 31.17 19.64 -1.83
C LEU C 165 30.27 19.27 -0.65
N GLU C 166 29.93 20.25 0.17
CA GLU C 166 29.13 19.96 1.34
C GLU C 166 27.66 19.84 0.95
N VAL C 167 27.04 18.74 1.35
CA VAL C 167 25.61 18.55 1.12
C VAL C 167 24.92 18.76 2.46
N PHE C 168 24.28 19.91 2.65
CA PHE C 168 23.68 20.25 3.96
C PHE C 168 22.19 19.91 4.09
N SER C 169 21.55 19.58 2.97
CA SER C 169 20.16 19.13 2.94
C SER C 169 19.92 18.31 1.68
N VAL C 170 19.08 17.29 1.79
CA VAL C 170 18.54 16.55 0.63
C VAL C 170 17.02 16.48 0.79
N ASP C 171 16.32 17.41 0.14
CA ASP C 171 14.89 17.57 0.36
C ASP C 171 14.28 18.28 -0.83
N LYS C 172 12.94 18.29 -0.87
CA LYS C 172 12.20 18.99 -1.91
C LYS C 172 12.09 20.49 -1.63
N PHE C 173 12.29 20.88 -0.37
CA PHE C 173 12.26 22.28 0.03
C PHE C 173 13.67 22.71 0.43
N PRO C 174 14.08 23.91 0.03
CA PRO C 174 15.30 24.50 0.56
C PRO C 174 15.02 25.30 1.83
N LYS C 175 16.07 25.66 2.57
CA LYS C 175 15.91 26.51 3.73
C LYS C 175 15.56 27.94 3.31
N MET C 176 14.60 28.52 4.02
CA MET C 176 14.05 29.85 3.73
C MET C 176 15.11 30.91 3.54
N THR C 177 16.09 30.89 4.43
CA THR C 177 17.07 31.97 4.54
CA THR C 177 17.06 31.97 4.55
C THR C 177 18.02 32.06 3.36
N ASP C 178 18.21 30.95 2.63
CA ASP C 178 18.99 31.00 1.40
C ASP C 178 18.23 31.76 0.28
N TYR C 179 16.96 32.07 0.51
CA TYR C 179 16.19 32.93 -0.42
C TYR C 179 15.83 34.29 0.17
N VAL C 180 15.40 34.31 1.44
CA VAL C 180 14.97 35.57 2.06
C VAL C 180 15.03 35.57 3.59
N VAL C 181 15.48 36.69 4.14
CA VAL C 181 15.43 36.93 5.56
C VAL C 181 14.48 38.11 5.77
N PRO C 182 13.27 37.84 6.30
CA PRO C 182 12.33 38.91 6.55
C PRO C 182 12.83 39.81 7.68
N ALA C 183 12.36 41.05 7.72
CA ALA C 183 12.83 42.02 8.71
C ALA C 183 12.35 41.69 10.12
N GLY C 184 13.18 41.96 11.12
CA GLY C 184 12.80 41.83 12.54
C GLY C 184 12.68 40.41 13.06
N VAL C 185 13.52 39.54 12.53
CA VAL C 185 13.43 38.11 12.75
C VAL C 185 14.80 37.58 13.19
N ARG C 186 14.78 36.67 14.16
CA ARG C 186 15.97 35.91 14.54
C ARG C 186 15.70 34.44 14.33
N ILE C 187 16.63 33.77 13.68
CA ILE C 187 16.56 32.32 13.45
C ILE C 187 17.93 31.71 13.73
N ALA C 188 18.07 31.07 14.89
CA ALA C 188 19.35 30.53 15.36
C ALA C 188 19.95 29.50 14.41
N ASP C 189 19.18 28.48 14.06
CA ASP C 189 19.59 27.45 13.11
C ASP C 189 18.63 27.51 11.93
N THR C 190 19.10 28.07 10.83
CA THR C 190 18.22 28.30 9.68
C THR C 190 17.94 27.04 8.85
N ALA C 191 18.60 25.93 9.16
CA ALA C 191 18.22 24.63 8.57
C ALA C 191 16.81 24.20 9.01
N ARG C 192 16.32 24.80 10.10
CA ARG C 192 15.01 24.46 10.66
C ARG C 192 13.85 25.36 10.21
N VAL C 193 14.03 26.16 9.17
CA VAL C 193 12.94 26.97 8.63
C VAL C 193 12.85 26.83 7.10
N ARG C 194 11.79 26.17 6.65
CA ARG C 194 11.63 25.91 5.22
C ARG C 194 11.16 27.13 4.46
N LEU C 195 11.65 27.25 3.23
CA LEU C 195 11.10 28.21 2.30
C LEU C 195 9.62 27.90 2.21
N GLY C 196 8.79 28.92 2.39
CA GLY C 196 7.35 28.74 2.57
C GLY C 196 6.87 29.03 3.99
N ALA C 197 7.81 29.14 4.93
CA ALA C 197 7.48 29.55 6.31
C ALA C 197 7.20 31.05 6.38
N TYR C 198 6.38 31.43 7.36
CA TYR C 198 6.01 32.83 7.58
C TYR C 198 6.48 33.18 8.98
N ILE C 199 7.54 33.98 9.07
CA ILE C 199 8.16 34.30 10.35
C ILE C 199 7.93 35.78 10.63
N GLY C 200 6.86 36.05 11.37
CA GLY C 200 6.38 37.42 11.58
C GLY C 200 7.33 38.25 12.41
N GLU C 201 7.33 39.55 12.17
CA GLU C 201 8.17 40.51 12.86
C GLU C 201 8.15 40.30 14.38
N GLY C 202 9.33 40.30 14.98
CA GLY C 202 9.46 40.09 16.43
C GLY C 202 9.58 38.63 16.85
N THR C 203 9.68 37.72 15.89
CA THR C 203 9.86 36.29 16.19
C THR C 203 11.32 35.94 16.34
N THR C 204 11.65 35.20 17.41
CA THR C 204 12.93 34.53 17.55
C THR C 204 12.68 33.03 17.52
N VAL C 205 13.15 32.36 16.46
CA VAL C 205 13.18 30.91 16.40
C VAL C 205 14.55 30.40 16.90
N MET C 206 14.54 29.77 18.07
CA MET C 206 15.75 29.23 18.65
C MET C 206 16.11 27.90 17.94
N HIS C 207 17.14 27.24 18.47
CA HIS C 207 17.81 26.16 17.79
C HIS C 207 16.91 24.93 17.71
N GLU C 208 16.16 24.66 18.78
CA GLU C 208 15.24 23.52 18.79
C GLU C 208 13.88 23.84 18.13
N GLY C 209 13.66 25.12 17.80
CA GLY C 209 12.48 25.51 17.04
C GLY C 209 12.50 25.00 15.61
N PHE C 210 11.32 24.72 15.07
CA PHE C 210 11.18 24.36 13.65
C PHE C 210 9.88 24.94 13.09
N VAL C 211 9.96 25.57 11.92
CA VAL C 211 8.76 25.97 11.19
C VAL C 211 8.75 25.36 9.78
N ASN C 212 7.70 24.62 9.45
CA ASN C 212 7.47 24.08 8.11
C ASN C 212 6.92 25.15 7.15
N PHE C 213 6.68 24.77 5.90
CA PHE C 213 6.09 25.70 4.94
C PHE C 213 4.59 25.83 5.26
N ASN C 214 3.96 26.87 4.72
CA ASN C 214 2.57 27.22 5.04
C ASN C 214 2.27 27.21 6.55
N ALA C 215 3.23 27.72 7.33
CA ALA C 215 3.10 27.75 8.78
C ALA C 215 3.99 28.83 9.32
N GLY C 216 3.71 29.28 10.54
CA GLY C 216 4.57 30.28 11.16
C GLY C 216 3.91 31.10 12.25
N THR C 217 4.41 32.32 12.40
CA THR C 217 4.13 33.16 13.55
C THR C 217 3.60 34.53 13.14
N GLU C 218 2.55 34.97 13.84
CA GLU C 218 2.06 36.34 13.69
C GLU C 218 3.13 37.32 14.14
N GLY C 219 3.82 37.00 15.23
CA GLY C 219 4.90 37.84 15.75
C GLY C 219 4.33 38.94 16.63
N PRO C 220 5.02 39.26 17.74
CA PRO C 220 6.28 38.68 18.20
C PRO C 220 6.09 37.37 18.95
N GLY C 221 7.12 36.53 18.97
CA GLY C 221 7.06 35.26 19.68
C GLY C 221 8.41 34.62 19.83
N MET C 222 8.50 33.66 20.75
CA MET C 222 9.69 32.86 20.98
C MET C 222 9.35 31.41 20.68
N ILE C 223 9.91 30.89 19.60
CA ILE C 223 9.57 29.55 19.10
C ILE C 223 10.75 28.61 19.29
N GLU C 224 10.66 27.77 20.32
CA GLU C 224 11.69 26.77 20.57
C GLU C 224 11.12 25.37 20.33
N GLY C 225 9.94 25.31 19.73
CA GLY C 225 9.23 24.05 19.48
C GLY C 225 8.92 23.86 18.01
N ARG C 226 8.13 22.85 17.68
CA ARG C 226 7.96 22.43 16.29
C ARG C 226 6.61 22.86 15.69
N VAL C 227 6.68 23.78 14.73
CA VAL C 227 5.47 24.36 14.09
C VAL C 227 5.17 23.66 12.76
N SER C 228 4.20 22.75 12.77
CA SER C 228 3.95 21.88 11.59
C SER C 228 3.17 22.59 10.48
N ALA C 229 3.10 21.95 9.31
CA ALA C 229 2.46 22.57 8.15
C ALA C 229 1.02 23.00 8.50
N GLY C 230 0.62 24.17 8.01
CA GLY C 230 -0.71 24.72 8.33
C GLY C 230 -0.86 25.40 9.69
N VAL C 231 0.09 25.21 10.61
CA VAL C 231 -0.05 25.74 11.97
C VAL C 231 0.37 27.21 12.00
N PHE C 232 -0.48 28.07 12.57
CA PHE C 232 -0.16 29.50 12.70
C PHE C 232 -0.22 29.92 14.17
N VAL C 233 0.80 30.65 14.62
CA VAL C 233 0.93 31.01 16.03
C VAL C 233 0.68 32.50 16.21
N GLY C 234 -0.28 32.83 17.07
CA GLY C 234 -0.71 34.22 17.28
C GLY C 234 0.33 35.04 18.03
N LYS C 235 0.19 36.36 17.93
CA LYS C 235 1.17 37.27 18.52
C LYS C 235 1.37 37.00 20.03
N GLY C 236 2.60 37.25 20.49
CA GLY C 236 2.93 37.15 21.91
C GLY C 236 2.95 35.74 22.49
N SER C 237 2.88 34.72 21.64
CA SER C 237 2.85 33.34 22.09
C SER C 237 4.24 32.71 22.06
N ASP C 238 4.67 32.19 23.21
CA ASP C 238 5.97 31.52 23.32
C ASP C 238 5.78 29.99 23.30
N LEU C 239 6.68 29.30 22.61
CA LEU C 239 6.64 27.84 22.49
C LEU C 239 7.96 27.26 23.01
N GLY C 240 7.85 26.37 24.01
CA GLY C 240 9.02 25.83 24.70
C GLY C 240 9.79 24.79 23.91
N GLY C 241 10.94 24.41 24.43
CA GLY C 241 11.88 23.52 23.74
C GLY C 241 11.35 22.12 23.48
N GLY C 242 11.28 21.74 22.21
CA GLY C 242 10.86 20.39 21.82
C GLY C 242 9.36 20.16 21.87
N CYS C 243 8.59 21.21 22.15
CA CYS C 243 7.14 21.11 22.14
C CYS C 243 6.69 20.89 20.71
N SER C 244 5.47 20.40 20.54
CA SER C 244 5.00 19.99 19.22
C SER C 244 3.56 20.43 18.95
N THR C 245 3.29 20.73 17.69
CA THR C 245 1.94 21.03 17.22
C THR C 245 1.65 20.09 16.05
N MET C 246 0.44 19.57 16.00
CA MET C 246 0.09 18.54 15.02
C MET C 246 -0.15 19.14 13.63
N ASN C 254 -9.91 16.82 9.67
CA ASN C 254 -9.03 17.36 10.69
C ASN C 254 -9.24 18.86 10.86
N ILE C 255 -9.41 19.33 12.09
CA ILE C 255 -9.47 20.77 12.38
C ILE C 255 -8.06 21.38 12.34
N VAL C 256 -7.97 22.59 11.80
CA VAL C 256 -6.68 23.28 11.63
C VAL C 256 -6.11 23.67 12.99
N ILE C 257 -5.06 22.98 13.42
CA ILE C 257 -4.43 23.23 14.73
C ILE C 257 -3.71 24.57 14.74
N SER C 258 -4.21 25.49 15.55
CA SER C 258 -3.62 26.81 15.71
C SER C 258 -3.33 27.09 17.17
N VAL C 259 -2.42 28.04 17.40
CA VAL C 259 -2.15 28.56 18.74
C VAL C 259 -2.55 30.03 18.72
N GLY C 260 -3.38 30.44 19.69
CA GLY C 260 -3.86 31.81 19.76
C GLY C 260 -2.82 32.79 20.28
N GLU C 261 -3.30 33.95 20.74
CA GLU C 261 -2.43 35.03 21.19
C GLU C 261 -2.03 34.86 22.66
N GLY C 262 -0.80 35.28 22.98
CA GLY C 262 -0.33 35.28 24.35
C GLY C 262 -0.29 33.94 25.06
N CYS C 263 -0.17 32.85 24.29
CA CYS C 263 -0.10 31.50 24.86
C CYS C 263 1.29 31.16 25.40
N LEU C 264 1.35 30.18 26.31
CA LEU C 264 2.59 29.65 26.82
C LEU C 264 2.56 28.13 26.71
N ILE C 265 3.50 27.57 25.96
CA ILE C 265 3.58 26.12 25.79
C ILE C 265 4.91 25.63 26.35
N GLY C 266 4.83 24.75 27.34
CA GLY C 266 6.02 24.27 28.05
C GLY C 266 6.89 23.36 27.20
N ALA C 267 8.10 23.11 27.66
CA ALA C 267 9.02 22.19 26.99
C ALA C 267 8.37 20.83 26.75
N ASN C 268 8.57 20.29 25.55
CA ASN C 268 8.11 18.94 25.18
C ASN C 268 6.61 18.68 25.37
N ALA C 269 5.82 19.73 25.45
CA ALA C 269 4.38 19.60 25.50
C ALA C 269 3.91 19.31 24.10
N GLY C 270 2.74 18.68 23.98
CA GLY C 270 2.17 18.37 22.68
C GLY C 270 0.74 18.85 22.60
N ILE C 271 0.47 19.81 21.73
CA ILE C 271 -0.89 20.29 21.54
C ILE C 271 -1.48 19.74 20.24
N GLY C 272 -2.47 18.86 20.41
CA GLY C 272 -3.20 18.26 19.29
C GLY C 272 -4.61 18.81 19.18
N ILE C 273 -4.84 20.00 19.73
CA ILE C 273 -6.11 20.71 19.60
C ILE C 273 -5.83 22.20 19.43
N PRO C 274 -6.72 22.93 18.74
CA PRO C 274 -6.51 24.38 18.63
C PRO C 274 -6.60 25.07 19.99
N LEU C 275 -5.59 25.88 20.32
CA LEU C 275 -5.50 26.54 21.62
C LEU C 275 -5.99 27.97 21.55
N GLY C 276 -6.95 28.31 22.41
CA GLY C 276 -7.48 29.67 22.46
C GLY C 276 -6.46 30.64 23.03
N ASP C 277 -6.82 31.91 23.06
CA ASP C 277 -5.90 32.95 23.51
C ASP C 277 -5.54 32.77 24.98
N ARG C 278 -4.31 33.13 25.32
CA ARG C 278 -3.85 33.16 26.71
C ARG C 278 -3.98 31.81 27.44
N ASN C 279 -3.79 30.73 26.68
CA ASN C 279 -3.70 29.39 27.25
C ASN C 279 -2.28 29.07 27.69
N ILE C 280 -2.15 28.44 28.85
CA ILE C 280 -0.86 27.96 29.33
C ILE C 280 -0.92 26.43 29.30
N VAL C 281 0.17 25.80 28.84
CA VAL C 281 0.28 24.35 28.85
C VAL C 281 1.58 23.95 29.53
N GLU C 282 1.47 23.05 30.50
CA GLU C 282 2.59 22.63 31.32
C GLU C 282 3.59 21.83 30.47
N ALA C 283 4.86 21.89 30.86
CA ALA C 283 5.91 21.14 30.17
C ALA C 283 5.67 19.64 30.27
N GLY C 284 5.88 18.94 29.16
CA GLY C 284 5.79 17.49 29.13
C GLY C 284 4.39 16.92 29.07
N LEU C 285 3.39 17.80 29.02
CA LEU C 285 1.99 17.37 28.94
C LEU C 285 1.58 17.21 27.48
N TYR C 286 0.97 16.07 27.16
CA TYR C 286 0.59 15.72 25.79
C TYR C 286 -0.91 15.66 25.63
N ILE C 287 -1.49 16.72 25.07
CA ILE C 287 -2.94 16.82 24.97
C ILE C 287 -3.42 16.66 23.51
N THR C 288 -4.25 15.64 23.29
CA THR C 288 -4.91 15.43 22.00
C THR C 288 -6.43 15.46 22.17
N ALA C 289 -7.15 15.49 21.06
CA ALA C 289 -8.61 15.58 21.08
C ALA C 289 -9.27 14.60 22.06
N GLY C 290 -8.74 13.38 22.12
CA GLY C 290 -9.30 12.33 22.97
C GLY C 290 -8.80 12.32 24.42
N THR C 291 -7.96 13.28 24.79
CA THR C 291 -7.39 13.32 26.14
C THR C 291 -8.45 13.73 27.16
N LYS C 292 -8.63 12.90 28.18
CA LYS C 292 -9.66 13.13 29.19
C LYS C 292 -9.08 13.98 30.32
N VAL C 293 -9.69 15.15 30.54
CA VAL C 293 -9.15 16.18 31.41
C VAL C 293 -10.10 16.55 32.56
N ALA C 294 -9.55 16.63 33.77
CA ALA C 294 -10.32 17.03 34.95
C ALA C 294 -10.51 18.54 34.99
N LEU C 295 -11.69 19.01 34.61
CA LEU C 295 -11.98 20.43 34.53
C LEU C 295 -12.17 21.01 35.93
N LEU C 296 -11.29 21.95 36.30
CA LEU C 296 -11.36 22.60 37.61
C LEU C 296 -11.88 24.03 37.47
N ASP C 297 -12.53 24.54 38.51
CA ASP C 297 -13.08 25.89 38.51
C ASP C 297 -12.21 26.83 39.36
N GLU C 298 -12.58 28.11 39.37
CA GLU C 298 -11.93 29.16 40.18
C GLU C 298 -10.84 28.68 41.14
N ASN C 300 -9.35 25.18 43.67
CA ASN C 300 -9.44 24.36 42.47
C ASN C 300 -10.26 23.08 42.68
N ALA C 301 -11.58 23.25 42.78
CA ALA C 301 -12.51 22.13 42.94
C ALA C 301 -12.83 21.51 41.58
N LEU C 302 -13.12 20.20 41.58
CA LEU C 302 -13.48 19.50 40.35
C LEU C 302 -14.90 19.89 39.89
N VAL C 303 -15.10 19.90 38.58
CA VAL C 303 -16.42 20.16 38.00
C VAL C 303 -16.91 18.93 37.24
N LYS C 304 -16.16 18.51 36.23
CA LYS C 304 -16.44 17.28 35.49
C LYS C 304 -15.21 16.79 34.72
N VAL C 305 -15.36 15.67 34.02
CA VAL C 305 -14.33 15.13 33.15
C VAL C 305 -14.81 15.24 31.71
N VAL C 306 -14.10 16.01 30.88
CA VAL C 306 -14.43 16.15 29.46
C VAL C 306 -13.24 15.74 28.60
N LYS C 307 -13.48 15.66 27.29
CA LYS C 307 -12.41 15.46 26.33
C LYS C 307 -11.85 16.83 25.92
N ALA C 308 -10.56 16.88 25.63
CA ALA C 308 -9.88 18.13 25.29
C ALA C 308 -10.50 18.84 24.08
N ARG C 309 -11.04 18.07 23.14
CA ARG C 309 -11.68 18.64 21.94
C ARG C 309 -12.77 19.66 22.30
N ASP C 310 -13.49 19.41 23.39
CA ASP C 310 -14.54 20.34 23.85
C ASP C 310 -13.98 21.59 24.52
N LEU C 311 -12.69 21.55 24.89
CA LEU C 311 -12.00 22.74 25.41
C LEU C 311 -11.20 23.47 24.35
N ALA C 312 -11.30 23.03 23.09
CA ALA C 312 -10.54 23.62 21.98
C ALA C 312 -11.02 25.02 21.64
N GLY C 313 -10.08 25.96 21.53
CA GLY C 313 -10.37 27.36 21.18
C GLY C 313 -10.74 28.25 22.35
N GLN C 314 -10.92 27.66 23.53
CA GLN C 314 -11.37 28.40 24.71
C GLN C 314 -10.23 29.26 25.26
N PRO C 315 -10.52 30.54 25.58
CA PRO C 315 -9.48 31.40 26.12
C PRO C 315 -9.21 31.19 27.62
N ASP C 316 -8.01 31.55 28.06
CA ASP C 316 -7.64 31.62 29.47
C ASP C 316 -7.71 30.27 30.23
N LEU C 317 -7.14 29.24 29.62
CA LEU C 317 -7.09 27.90 30.23
C LEU C 317 -5.65 27.55 30.63
N LEU C 318 -5.52 26.86 31.76
CA LEU C 318 -4.22 26.42 32.26
C LEU C 318 -4.18 24.90 32.39
N PHE C 319 -3.54 24.25 31.42
CA PHE C 319 -3.42 22.79 31.41
C PHE C 319 -2.18 22.35 32.19
N ARG C 320 -2.37 21.38 33.08
CA ARG C 320 -1.29 20.84 33.90
C ARG C 320 -1.57 19.40 34.33
N ARG C 321 -0.51 18.64 34.57
CA ARG C 321 -0.61 17.26 35.03
C ARG C 321 -0.47 17.24 36.54
N ASN C 322 -1.45 16.67 37.24
CA ASN C 322 -1.38 16.50 38.69
C ASN C 322 -0.24 15.54 39.03
N SER C 323 0.69 15.99 39.87
CA SER C 323 1.89 15.20 40.18
C SER C 323 1.64 14.10 41.22
N GLN C 324 0.47 14.15 41.86
CA GLN C 324 0.11 13.19 42.91
C GLN C 324 -0.74 12.00 42.41
N ASN C 325 -1.52 12.20 41.35
CA ASN C 325 -2.32 11.12 40.76
C ASN C 325 -2.27 11.02 39.22
N GLY C 326 -1.40 11.81 38.59
CA GLY C 326 -1.17 11.75 37.14
C GLY C 326 -2.31 12.22 36.25
N ALA C 327 -3.32 12.85 36.84
CA ALA C 327 -4.49 13.31 36.08
C ALA C 327 -4.20 14.61 35.34
N VAL C 328 -4.64 14.70 34.09
CA VAL C 328 -4.57 15.94 33.34
C VAL C 328 -5.66 16.88 33.86
N GLU C 329 -5.28 18.10 34.23
CA GLU C 329 -6.20 19.06 34.82
C GLU C 329 -6.22 20.35 34.03
N CYS C 330 -7.41 20.93 33.86
CA CYS C 330 -7.57 22.25 33.26
C CYS C 330 -8.21 23.19 34.27
N LYS C 331 -7.49 24.25 34.63
CA LYS C 331 -7.96 25.24 35.58
C LYS C 331 -8.45 26.48 34.84
N THR C 332 -9.74 26.79 35.00
CA THR C 332 -10.37 27.92 34.29
C THR C 332 -10.25 29.24 35.04
N GLN D 6 -5.29 -31.99 -54.91
CA GLN D 6 -6.76 -31.85 -54.68
C GLN D 6 -7.06 -30.65 -53.79
N SER D 7 -8.35 -30.36 -53.63
CA SER D 7 -8.83 -29.28 -52.77
C SER D 7 -9.13 -29.82 -51.37
N LEU D 8 -8.49 -29.23 -50.37
CA LEU D 8 -8.62 -29.71 -48.98
C LEU D 8 -9.88 -29.20 -48.30
N PHE D 9 -10.41 -30.04 -47.41
CA PHE D 9 -11.55 -29.68 -46.57
C PHE D 9 -11.20 -28.53 -45.62
N SER D 10 -10.04 -28.61 -44.99
CA SER D 10 -9.63 -27.60 -44.01
C SER D 10 -8.11 -27.58 -43.88
N LEU D 11 -7.59 -26.41 -43.55
CA LEU D 11 -6.21 -26.26 -43.13
C LEU D 11 -6.11 -25.20 -42.05
N ALA D 12 -5.19 -25.42 -41.12
CA ALA D 12 -4.96 -24.47 -40.03
C ALA D 12 -3.57 -24.65 -39.46
N PHE D 13 -2.97 -23.53 -39.05
CA PHE D 13 -1.66 -23.52 -38.39
C PHE D 13 -1.84 -23.21 -36.91
N GLY D 14 -1.49 -24.17 -36.07
CA GLY D 14 -1.79 -24.09 -34.66
C GLY D 14 -0.57 -23.97 -33.78
N VAL D 15 -0.78 -23.41 -32.61
CA VAL D 15 0.20 -23.47 -31.54
C VAL D 15 -0.53 -24.11 -30.35
N GLY D 16 0.04 -25.21 -29.83
CA GLY D 16 -0.63 -25.99 -28.79
C GLY D 16 0.25 -26.23 -27.59
N THR D 17 -0.18 -27.15 -26.73
CA THR D 17 0.67 -27.59 -25.62
C THR D 17 0.71 -29.09 -25.58
N GLN D 18 1.86 -29.62 -25.19
CA GLN D 18 2.07 -31.04 -25.04
C GLN D 18 2.49 -31.30 -23.60
N ASN D 19 2.30 -32.54 -23.14
CA ASN D 19 2.75 -32.95 -21.80
C ASN D 19 4.20 -33.45 -21.87
N ARG D 20 4.70 -34.00 -20.76
CA ARG D 20 6.06 -34.55 -20.67
C ARG D 20 6.36 -35.66 -21.66
N GLN D 21 5.34 -36.46 -22.03
CA GLN D 21 5.50 -37.47 -23.08
C GLN D 21 5.23 -36.90 -24.48
N GLU D 22 5.36 -35.57 -24.62
CA GLU D 22 5.12 -34.84 -25.86
C GLU D 22 3.77 -35.10 -26.53
N ALA D 23 2.82 -35.69 -25.79
CA ALA D 23 1.47 -35.89 -26.30
C ALA D 23 0.71 -34.56 -26.26
N TRP D 24 -0.10 -34.33 -27.28
CA TRP D 24 -0.85 -33.08 -27.41
C TRP D 24 -2.03 -33.00 -26.43
N LEU D 25 -2.09 -31.90 -25.69
CA LEU D 25 -3.20 -31.65 -24.75
C LEU D 25 -4.27 -30.79 -25.41
N GLU D 26 -3.85 -29.82 -26.20
CA GLU D 26 -4.75 -28.87 -26.87
C GLU D 26 -4.02 -28.12 -27.99
N VAL D 27 -4.80 -27.46 -28.84
CA VAL D 27 -4.29 -26.66 -29.95
C VAL D 27 -5.18 -25.44 -30.20
N PHE D 28 -4.54 -24.28 -30.33
CA PHE D 28 -5.24 -23.01 -30.59
C PHE D 28 -4.97 -22.62 -32.04
N TYR D 29 -6.05 -22.41 -32.80
CA TYR D 29 -5.92 -21.97 -34.19
C TYR D 29 -6.53 -20.56 -34.28
N ALA D 30 -5.69 -19.56 -34.52
CA ALA D 30 -6.12 -18.18 -34.65
C ALA D 30 -6.97 -17.93 -35.92
N LEU D 31 -6.54 -18.52 -37.03
CA LEU D 31 -7.21 -18.35 -38.33
C LEU D 31 -7.33 -19.70 -39.04
N PRO D 32 -8.29 -20.54 -38.60
CA PRO D 32 -8.52 -21.81 -39.28
C PRO D 32 -9.25 -21.53 -40.59
N LEU D 33 -8.93 -22.29 -41.63
CA LEU D 33 -9.56 -22.14 -42.94
C LEU D 33 -10.52 -23.29 -43.26
N LEU D 34 -11.67 -22.94 -43.83
CA LEU D 34 -12.54 -23.90 -44.47
C LEU D 34 -12.23 -23.83 -45.96
N LYS D 35 -11.95 -24.99 -46.56
CA LYS D 35 -11.72 -25.11 -47.99
C LYS D 35 -10.66 -24.13 -48.53
N PRO D 36 -9.41 -24.30 -48.08
CA PRO D 36 -8.31 -23.41 -48.48
C PRO D 36 -7.97 -23.56 -49.96
N SER D 37 -7.43 -22.50 -50.55
CA SER D 37 -7.17 -22.46 -51.98
C SER D 37 -6.08 -23.45 -52.37
N SER D 38 -6.11 -23.91 -53.62
CA SER D 38 -5.08 -24.80 -54.14
C SER D 38 -3.67 -24.15 -54.11
N GLU D 39 -3.63 -22.82 -54.22
CA GLU D 39 -2.38 -22.05 -54.24
C GLU D 39 -1.72 -21.99 -52.86
N ILE D 40 -2.53 -21.75 -51.82
CA ILE D 40 -2.06 -21.81 -50.43
C ILE D 40 -1.51 -23.19 -50.12
N VAL D 41 -2.29 -24.23 -50.44
CA VAL D 41 -1.87 -25.61 -50.25
C VAL D 41 -0.63 -25.92 -51.09
N ALA D 42 -0.51 -25.25 -52.26
CA ALA D 42 0.65 -25.38 -53.12
C ALA D 42 1.94 -24.93 -52.44
N ALA D 43 1.95 -23.69 -51.94
CA ALA D 43 3.14 -23.13 -51.29
C ALA D 43 3.56 -23.91 -50.05
N VAL D 44 2.57 -24.39 -49.30
CA VAL D 44 2.79 -24.89 -47.94
C VAL D 44 3.09 -26.40 -47.89
N ALA D 45 2.53 -27.17 -48.82
CA ALA D 45 2.67 -28.62 -48.83
C ALA D 45 4.12 -29.12 -48.80
N PRO D 46 4.97 -28.70 -49.76
CA PRO D 46 6.32 -29.28 -49.83
C PRO D 46 7.18 -28.94 -48.60
N ILE D 47 6.93 -27.80 -47.99
CA ILE D 47 7.65 -27.38 -46.79
C ILE D 47 7.23 -28.24 -45.60
N LEU D 48 5.92 -28.44 -45.45
CA LEU D 48 5.40 -29.25 -44.35
C LEU D 48 5.65 -30.75 -44.54
N GLY D 49 5.97 -31.16 -45.77
CA GLY D 49 6.04 -32.58 -46.09
C GLY D 49 4.65 -33.18 -46.05
N TYR D 50 3.68 -32.46 -46.63
CA TYR D 50 2.33 -32.97 -46.80
C TYR D 50 2.20 -33.50 -48.22
N ALA D 51 1.65 -34.69 -48.35
CA ALA D 51 1.43 -35.30 -49.67
C ALA D 51 -0.03 -35.69 -49.88
N ALA D 52 -0.71 -36.14 -48.83
CA ALA D 52 -2.09 -36.63 -48.96
C ALA D 52 -2.79 -36.82 -47.63
N GLY D 53 -4.11 -37.05 -47.70
CA GLY D 53 -4.90 -37.46 -46.55
C GLY D 53 -5.15 -36.40 -45.50
N ASN D 54 -5.47 -36.86 -44.28
CA ASN D 54 -5.74 -35.99 -43.14
C ASN D 54 -4.56 -36.09 -42.17
N GLN D 55 -3.84 -34.98 -42.00
CA GLN D 55 -2.57 -35.00 -41.30
C GLN D 55 -2.48 -33.88 -40.27
N ALA D 56 -1.82 -34.18 -39.15
CA ALA D 56 -1.42 -33.15 -38.20
C ALA D 56 0.10 -33.18 -38.12
N LEU D 57 0.74 -32.25 -38.83
CA LEU D 57 2.17 -32.31 -39.04
C LEU D 57 2.83 -31.20 -38.22
N THR D 58 3.72 -31.59 -37.31
CA THR D 58 4.46 -30.64 -36.50
C THR D 58 5.33 -29.80 -37.43
N PHE D 59 5.71 -28.60 -36.98
CA PHE D 59 6.67 -27.80 -37.75
C PHE D 59 7.39 -26.78 -36.90
N THR D 60 8.64 -26.52 -37.26
CA THR D 60 9.56 -25.72 -36.47
C THR D 60 9.37 -24.24 -36.73
N SER D 61 9.94 -23.42 -35.86
CA SER D 61 9.99 -21.98 -36.07
C SER D 61 10.66 -21.65 -37.40
N GLN D 62 11.70 -22.42 -37.73
CA GLN D 62 12.44 -22.26 -38.99
C GLN D 62 11.56 -22.61 -40.18
N GLN D 63 10.83 -23.71 -40.08
CA GLN D 63 9.80 -24.05 -41.07
C GLN D 63 8.69 -23.00 -41.12
N ALA D 64 8.32 -22.46 -39.96
CA ALA D 64 7.34 -21.38 -39.89
C ALA D 64 7.79 -20.16 -40.69
N TYR D 65 9.06 -19.80 -40.58
CA TYR D 65 9.59 -18.66 -41.34
C TYR D 65 9.48 -18.94 -42.85
N GLN D 66 9.82 -20.16 -43.25
CA GLN D 66 9.78 -20.58 -44.64
C GLN D 66 8.37 -20.62 -45.19
N LEU D 67 7.42 -21.04 -44.35
CA LEU D 67 6.00 -21.04 -44.70
C LEU D 67 5.50 -19.60 -44.81
N ALA D 68 5.89 -18.76 -43.86
CA ALA D 68 5.57 -17.33 -43.90
C ALA D 68 6.02 -16.74 -45.23
N ASP D 69 7.28 -16.94 -45.57
CA ASP D 69 7.85 -16.36 -46.80
C ASP D 69 7.16 -16.95 -48.04
N ALA D 70 6.96 -18.26 -48.05
CA ALA D 70 6.31 -18.95 -49.19
C ALA D 70 4.88 -18.47 -49.43
N LEU D 71 4.20 -18.03 -48.37
CA LEU D 71 2.82 -17.54 -48.46
C LEU D 71 2.72 -16.03 -48.69
N LYS D 72 3.85 -15.31 -48.62
CA LYS D 72 3.86 -13.89 -48.99
C LYS D 72 3.33 -13.76 -50.42
N GLY D 73 2.46 -12.77 -50.63
CA GLY D 73 1.91 -12.52 -51.95
C GLY D 73 0.88 -13.54 -52.41
N ILE D 74 0.66 -14.58 -51.61
CA ILE D 74 -0.40 -15.56 -51.87
C ILE D 74 -1.52 -15.35 -50.86
N ASP D 75 -1.16 -15.33 -49.57
CA ASP D 75 -2.08 -14.95 -48.49
C ASP D 75 -1.30 -14.25 -47.38
N ALA D 76 -1.55 -12.95 -47.21
CA ALA D 76 -0.83 -12.12 -46.24
C ALA D 76 -1.28 -12.40 -44.80
N ALA D 77 -2.56 -12.66 -44.60
CA ALA D 77 -3.10 -12.97 -43.27
C ALA D 77 -2.48 -14.25 -42.68
N GLN D 78 -2.30 -15.25 -43.52
CA GLN D 78 -1.66 -16.50 -43.10
C GLN D 78 -0.14 -16.36 -42.99
N SER D 79 0.46 -15.62 -43.91
CA SER D 79 1.89 -15.35 -43.85
C SER D 79 2.27 -14.64 -42.55
N ALA D 80 1.50 -13.62 -42.18
CA ALA D 80 1.79 -12.84 -40.98
C ALA D 80 1.66 -13.69 -39.72
N LEU D 81 0.65 -14.56 -39.68
CA LEU D 81 0.46 -15.46 -38.55
C LEU D 81 1.66 -16.41 -38.42
N LEU D 82 2.12 -16.94 -39.55
CA LEU D 82 3.30 -17.78 -39.55
C LEU D 82 4.54 -17.01 -39.05
N SER D 83 4.65 -15.73 -39.40
CA SER D 83 5.71 -14.86 -38.87
C SER D 83 5.67 -14.83 -37.34
N ARG D 84 4.49 -14.60 -36.77
CA ARG D 84 4.29 -14.59 -35.32
C ARG D 84 4.53 -15.97 -34.72
N LEU D 85 3.89 -16.97 -35.32
CA LEU D 85 4.08 -18.36 -34.89
C LEU D 85 5.56 -18.75 -34.82
N ALA D 86 6.35 -18.27 -35.77
CA ALA D 86 7.78 -18.52 -35.77
C ALA D 86 8.50 -18.11 -34.46
N GLU D 87 7.93 -17.17 -33.72
CA GLU D 87 8.53 -16.72 -32.46
C GLU D 87 8.18 -17.58 -31.26
N SER D 88 7.10 -18.37 -31.39
CA SER D 88 6.50 -19.04 -30.25
C SER D 88 7.47 -19.94 -29.49
N GLN D 89 7.30 -19.95 -28.18
CA GLN D 89 8.00 -20.84 -27.26
C GLN D 89 7.27 -22.20 -27.27
N LYS D 90 5.97 -22.18 -27.58
CA LYS D 90 5.10 -23.37 -27.57
C LYS D 90 5.09 -24.07 -28.93
N PRO D 91 4.82 -25.38 -28.93
CA PRO D 91 4.93 -26.18 -30.16
C PRO D 91 3.91 -25.86 -31.25
N LEU D 92 4.32 -26.01 -32.51
CA LEU D 92 3.47 -25.69 -33.63
C LEU D 92 3.01 -26.95 -34.36
N VAL D 93 1.80 -26.90 -34.92
CA VAL D 93 1.30 -28.01 -35.74
C VAL D 93 0.43 -27.49 -36.87
N ALA D 94 0.65 -28.02 -38.07
CA ALA D 94 -0.13 -27.66 -39.23
C ALA D 94 -1.05 -28.82 -39.56
N THR D 95 -2.35 -28.60 -39.42
CA THR D 95 -3.32 -29.65 -39.66
CA THR D 95 -3.33 -29.65 -39.64
C THR D 95 -3.95 -29.44 -41.02
N LEU D 96 -3.74 -30.41 -41.92
CA LEU D 96 -4.22 -30.33 -43.29
C LEU D 96 -5.16 -31.50 -43.51
N LEU D 97 -6.45 -31.17 -43.69
CA LEU D 97 -7.50 -32.17 -43.82
C LEU D 97 -7.98 -32.20 -45.26
N ALA D 98 -7.55 -33.22 -46.00
CA ALA D 98 -8.03 -33.44 -47.37
C ALA D 98 -9.53 -33.74 -47.42
N GLU D 99 -10.04 -34.43 -46.41
CA GLU D 99 -11.46 -34.80 -46.37
C GLU D 99 -12.05 -34.44 -45.01
N ASP D 100 -13.39 -34.34 -44.95
CA ASP D 100 -14.13 -34.25 -43.68
C ASP D 100 -14.53 -35.66 -43.28
N ALA D 101 -13.88 -36.20 -42.26
CA ALA D 101 -14.06 -37.59 -41.84
C ALA D 101 -13.77 -37.76 -40.35
N ALA D 102 -14.14 -38.91 -39.80
CA ALA D 102 -13.91 -39.21 -38.37
C ALA D 102 -12.49 -38.82 -37.96
N PRO D 103 -12.33 -37.96 -36.94
CA PRO D 103 -10.99 -37.43 -36.67
C PRO D 103 -9.96 -38.47 -36.23
N SER D 104 -8.73 -38.27 -36.68
CA SER D 104 -7.63 -39.23 -36.48
C SER D 104 -6.48 -38.68 -35.62
N SER D 105 -6.63 -37.47 -35.09
CA SER D 105 -5.71 -36.90 -34.13
C SER D 105 -6.37 -35.88 -33.23
N THR D 106 -5.73 -35.62 -32.10
CA THR D 106 -6.12 -34.55 -31.20
C THR D 106 -6.12 -33.20 -31.90
N ALA D 107 -5.09 -32.94 -32.70
CA ALA D 107 -4.98 -31.68 -33.46
C ALA D 107 -6.16 -31.48 -34.41
N GLU D 108 -6.54 -32.55 -35.09
CA GLU D 108 -7.68 -32.52 -35.98
C GLU D 108 -8.96 -32.27 -35.21
N ALA D 109 -9.15 -33.00 -34.11
CA ALA D 109 -10.32 -32.81 -33.24
C ALA D 109 -10.51 -31.35 -32.90
N TYR D 110 -9.45 -30.72 -32.38
CA TYR D 110 -9.52 -29.30 -32.03
C TYR D 110 -9.84 -28.42 -33.24
N LEU D 111 -9.37 -28.79 -34.43
CA LEU D 111 -9.66 -28.00 -35.62
C LEU D 111 -11.15 -28.07 -35.94
N LYS D 112 -11.72 -29.27 -35.88
CA LYS D 112 -13.15 -29.40 -36.15
C LYS D 112 -13.98 -28.53 -35.20
N LEU D 113 -13.72 -28.61 -33.90
CA LEU D 113 -14.42 -27.77 -32.93
C LEU D 113 -14.20 -26.27 -33.20
N HIS D 114 -12.99 -25.91 -33.63
CA HIS D 114 -12.67 -24.53 -34.05
C HIS D 114 -13.51 -24.08 -35.24
N LEU D 115 -13.65 -24.95 -36.23
CA LEU D 115 -14.49 -24.64 -37.41
C LEU D 115 -15.91 -24.28 -36.97
N LEU D 116 -16.45 -25.05 -36.03
CA LEU D 116 -17.80 -24.81 -35.51
C LEU D 116 -17.91 -23.49 -34.76
N SER D 117 -16.92 -23.24 -33.90
CA SER D 117 -16.95 -22.06 -33.03
C SER D 117 -16.58 -20.75 -33.75
N HIS D 118 -15.72 -20.82 -34.77
CA HIS D 118 -15.54 -19.68 -35.69
C HIS D 118 -16.71 -19.50 -36.69
N ARG D 119 -17.74 -20.34 -36.56
CA ARG D 119 -18.90 -20.35 -37.45
C ARG D 119 -18.62 -20.60 -38.94
N LEU D 120 -17.50 -21.24 -39.25
CA LEU D 120 -17.23 -21.59 -40.63
C LEU D 120 -18.19 -22.73 -41.04
N VAL D 121 -18.51 -23.60 -40.08
CA VAL D 121 -19.50 -24.66 -40.27
C VAL D 121 -20.56 -24.60 -39.17
N LYS D 122 -21.73 -25.18 -39.44
CA LYS D 122 -22.83 -25.26 -38.47
C LYS D 122 -22.89 -26.66 -37.86
N PRO D 123 -23.62 -26.82 -36.72
CA PRO D 123 -23.78 -28.16 -36.13
C PRO D 123 -24.23 -29.19 -37.16
N HIS D 124 -23.63 -30.38 -37.09
CA HIS D 124 -23.83 -31.49 -38.06
C HIS D 124 -23.22 -31.28 -39.44
N ALA D 125 -22.41 -30.23 -39.62
CA ALA D 125 -21.78 -29.98 -40.91
C ALA D 125 -20.30 -30.36 -40.89
N VAL D 126 -19.90 -31.15 -39.89
CA VAL D 126 -18.53 -31.65 -39.79
C VAL D 126 -18.52 -33.00 -39.07
N ASN D 127 -17.64 -33.89 -39.49
CA ASN D 127 -17.60 -35.24 -38.94
C ASN D 127 -16.90 -35.28 -37.58
N LEU D 128 -17.63 -35.66 -36.56
CA LEU D 128 -17.12 -35.71 -35.19
C LEU D 128 -17.22 -37.11 -34.60
N SER D 129 -17.27 -38.10 -35.48
CA SER D 129 -17.36 -39.50 -35.06
C SER D 129 -16.10 -39.92 -34.31
N GLY D 130 -16.28 -40.42 -33.09
CA GLY D 130 -15.18 -40.93 -32.31
C GLY D 130 -14.31 -39.82 -31.76
N ILE D 131 -14.84 -38.60 -31.69
CA ILE D 131 -14.01 -37.47 -31.29
C ILE D 131 -13.55 -37.61 -29.84
N PHE D 132 -14.40 -38.12 -28.95
CA PHE D 132 -14.10 -38.16 -27.52
C PHE D 132 -12.71 -38.73 -27.21
N PRO D 133 -12.41 -39.96 -27.67
CA PRO D 133 -11.08 -40.56 -27.48
C PRO D 133 -9.91 -39.63 -27.85
N LEU D 134 -10.06 -38.86 -28.92
CA LEU D 134 -9.02 -37.93 -29.38
C LEU D 134 -8.89 -36.65 -28.55
N LEU D 135 -9.83 -36.42 -27.64
CA LEU D 135 -9.79 -35.25 -26.78
C LEU D 135 -9.38 -35.71 -25.39
N PRO D 136 -8.12 -35.41 -25.00
CA PRO D 136 -7.66 -35.92 -23.71
C PRO D 136 -8.29 -35.14 -22.55
N ASN D 137 -8.59 -35.84 -21.46
CA ASN D 137 -9.07 -35.18 -20.26
C ASN D 137 -7.91 -34.36 -19.68
N VAL D 138 -8.13 -33.06 -19.55
CA VAL D 138 -7.08 -32.11 -19.18
C VAL D 138 -7.55 -31.27 -18.00
N ALA D 139 -6.61 -30.84 -17.17
CA ALA D 139 -6.89 -29.77 -16.21
C ALA D 139 -6.71 -28.43 -16.90
N TRP D 140 -7.79 -27.66 -16.99
CA TRP D 140 -7.75 -26.31 -17.56
C TRP D 140 -7.50 -25.35 -16.39
N THR D 141 -6.38 -24.64 -16.46
CA THR D 141 -5.89 -23.84 -15.35
C THR D 141 -5.56 -22.44 -15.82
N ASN D 142 -5.20 -21.55 -14.88
CA ASN D 142 -4.77 -20.21 -15.25
C ASN D 142 -3.50 -20.17 -16.11
N ILE D 143 -2.66 -21.21 -16.03
CA ILE D 143 -1.44 -21.29 -16.86
C ILE D 143 -1.66 -22.08 -18.17
N GLY D 144 -2.90 -22.40 -18.45
CA GLY D 144 -3.28 -23.20 -19.61
C GLY D 144 -3.48 -24.65 -19.24
N ALA D 145 -3.46 -25.51 -20.25
CA ALA D 145 -3.73 -26.93 -20.08
C ALA D 145 -2.61 -27.66 -19.35
N VAL D 146 -2.98 -28.39 -18.30
CA VAL D 146 -2.02 -29.20 -17.53
C VAL D 146 -2.44 -30.66 -17.48
N ASP D 147 -1.53 -31.56 -17.86
CA ASP D 147 -1.80 -32.99 -17.83
C ASP D 147 -2.09 -33.44 -16.40
N LEU D 148 -3.05 -34.34 -16.24
CA LEU D 148 -3.49 -34.73 -14.90
C LEU D 148 -2.43 -35.48 -14.09
N ALA D 149 -1.43 -36.04 -14.77
CA ALA D 149 -0.30 -36.71 -14.09
C ALA D 149 0.76 -35.71 -13.60
N GLU D 150 0.70 -34.47 -14.09
CA GLU D 150 1.65 -33.43 -13.75
C GLU D 150 1.04 -32.33 -12.87
N LEU D 151 -0.29 -32.33 -12.73
CA LEU D 151 -1.01 -31.28 -12.01
C LEU D 151 -0.61 -31.18 -10.52
N ALA D 152 -0.72 -32.29 -9.80
CA ALA D 152 -0.55 -32.31 -8.33
C ALA D 152 0.75 -31.65 -7.88
N GLU D 153 1.84 -32.00 -8.55
CA GLU D 153 3.14 -31.46 -8.21
C GLU D 153 3.14 -29.94 -8.47
N LEU D 154 2.56 -29.49 -9.58
CA LEU D 154 2.44 -28.04 -9.88
C LEU D 154 1.57 -27.31 -8.86
N GLN D 155 0.44 -27.90 -8.49
CA GLN D 155 -0.46 -27.32 -7.51
C GLN D 155 0.26 -27.09 -6.19
N LEU D 156 1.14 -28.02 -5.83
CA LEU D 156 1.98 -27.88 -4.65
C LEU D 156 2.96 -26.72 -4.79
N GLU D 157 3.69 -26.66 -5.91
CA GLU D 157 4.71 -25.63 -6.13
C GLU D 157 4.15 -24.20 -6.12
N ALA D 158 2.92 -24.01 -6.58
CA ALA D 158 2.22 -22.73 -6.40
C ALA D 158 2.04 -22.38 -4.92
N ARG D 159 1.48 -23.32 -4.14
CA ARG D 159 1.19 -23.08 -2.72
C ARG D 159 2.45 -22.73 -1.91
N LEU D 160 3.57 -23.37 -2.26
CA LEU D 160 4.88 -23.07 -1.64
C LEU D 160 5.43 -21.69 -2.00
N LYS D 161 4.91 -21.10 -3.08
CA LYS D 161 5.28 -19.76 -3.52
C LYS D 161 4.25 -18.70 -3.09
N GLY D 162 3.19 -19.13 -2.39
CA GLY D 162 2.12 -18.21 -2.00
C GLY D 162 1.17 -17.86 -3.15
N LYS D 163 1.03 -18.80 -4.09
CA LYS D 163 0.21 -18.61 -5.29
C LYS D 163 -0.84 -19.72 -5.37
N LEU D 164 -1.73 -19.60 -6.37
CA LEU D 164 -2.77 -20.60 -6.62
C LEU D 164 -2.69 -21.05 -8.07
N LEU D 165 -2.51 -22.35 -8.28
CA LEU D 165 -2.75 -22.93 -9.59
C LEU D 165 -4.24 -23.20 -9.66
N GLU D 166 -5.01 -22.32 -10.31
CA GLU D 166 -6.47 -22.47 -10.33
C GLU D 166 -6.90 -23.48 -11.39
N VAL D 167 -7.54 -24.56 -10.94
CA VAL D 167 -8.16 -25.53 -11.84
C VAL D 167 -9.64 -25.15 -11.97
N PHE D 168 -9.97 -24.47 -13.07
CA PHE D 168 -11.34 -24.04 -13.33
C PHE D 168 -12.16 -25.01 -14.19
N SER D 169 -11.51 -26.05 -14.71
CA SER D 169 -12.22 -27.15 -15.40
C SER D 169 -11.32 -28.38 -15.49
N VAL D 170 -11.92 -29.56 -15.33
CA VAL D 170 -11.30 -30.83 -15.66
C VAL D 170 -12.20 -31.50 -16.69
N ASP D 171 -11.77 -31.50 -17.95
CA ASP D 171 -12.60 -32.00 -19.05
C ASP D 171 -11.80 -32.24 -20.33
N LYS D 172 -12.46 -32.91 -21.26
CA LYS D 172 -11.94 -33.10 -22.61
C LYS D 172 -12.15 -31.87 -23.49
N PHE D 173 -13.15 -31.05 -23.16
CA PHE D 173 -13.43 -29.84 -23.91
C PHE D 173 -13.10 -28.62 -23.07
N PRO D 174 -12.33 -27.67 -23.62
CA PRO D 174 -12.20 -26.37 -22.96
C PRO D 174 -13.42 -25.48 -23.25
N LYS D 175 -13.60 -24.41 -22.48
CA LYS D 175 -14.62 -23.41 -22.81
C LYS D 175 -14.18 -22.67 -24.07
N MET D 176 -15.16 -22.37 -24.94
CA MET D 176 -14.93 -21.79 -26.26
C MET D 176 -14.19 -20.49 -26.23
N THR D 177 -14.66 -19.55 -25.41
CA THR D 177 -14.15 -18.16 -25.42
C THR D 177 -12.66 -18.03 -25.10
N ASP D 178 -12.05 -19.05 -24.49
CA ASP D 178 -10.58 -19.05 -24.38
C ASP D 178 -9.88 -19.23 -25.74
N TYR D 179 -10.63 -19.62 -26.77
CA TYR D 179 -10.11 -19.79 -28.13
C TYR D 179 -10.65 -18.76 -29.12
N VAL D 180 -11.93 -18.44 -29.00
CA VAL D 180 -12.60 -17.49 -29.89
C VAL D 180 -13.88 -16.92 -29.26
N VAL D 181 -14.08 -15.63 -29.45
CA VAL D 181 -15.35 -14.96 -29.19
C VAL D 181 -15.83 -14.50 -30.56
N PRO D 182 -16.81 -15.20 -31.12
CA PRO D 182 -17.30 -14.76 -32.42
C PRO D 182 -18.15 -13.48 -32.29
N ALA D 183 -18.35 -12.79 -33.40
CA ALA D 183 -18.86 -11.43 -33.38
C ALA D 183 -20.33 -11.41 -32.98
N GLY D 184 -20.74 -10.36 -32.27
CA GLY D 184 -22.15 -10.10 -32.01
C GLY D 184 -22.82 -10.95 -30.95
N VAL D 185 -22.02 -11.54 -30.07
CA VAL D 185 -22.53 -12.45 -29.06
C VAL D 185 -22.26 -11.92 -27.64
N ARG D 186 -23.12 -12.30 -26.72
CA ARG D 186 -22.90 -12.12 -25.27
C ARG D 186 -22.98 -13.48 -24.59
N ILE D 187 -22.01 -13.80 -23.74
CA ILE D 187 -22.05 -15.04 -22.94
C ILE D 187 -21.73 -14.70 -21.49
N ALA D 188 -22.77 -14.67 -20.65
CA ALA D 188 -22.68 -14.17 -19.27
C ALA D 188 -21.67 -14.96 -18.43
N ASP D 189 -21.74 -16.28 -18.54
CA ASP D 189 -20.82 -17.18 -17.83
C ASP D 189 -20.21 -18.13 -18.86
N THR D 190 -18.98 -17.82 -19.28
CA THR D 190 -18.34 -18.52 -20.38
C THR D 190 -17.96 -19.97 -20.08
N ALA D 191 -17.92 -20.34 -18.81
CA ALA D 191 -17.79 -21.78 -18.46
C ALA D 191 -18.83 -22.62 -19.20
N ARG D 192 -19.96 -22.00 -19.53
CA ARG D 192 -21.13 -22.73 -19.99
C ARG D 192 -21.32 -22.83 -21.50
N VAL D 193 -20.26 -22.54 -22.26
CA VAL D 193 -20.25 -22.73 -23.72
C VAL D 193 -18.93 -23.40 -24.15
N ARG D 194 -19.01 -24.68 -24.51
CA ARG D 194 -17.82 -25.46 -24.87
C ARG D 194 -17.24 -25.04 -26.21
N LEU D 195 -15.92 -25.21 -26.37
CA LEU D 195 -15.31 -25.10 -27.68
C LEU D 195 -15.98 -26.14 -28.55
N GLY D 196 -16.40 -25.72 -29.73
CA GLY D 196 -17.25 -26.54 -30.61
C GLY D 196 -18.68 -26.04 -30.70
N ALA D 197 -19.09 -25.17 -29.77
CA ALA D 197 -20.42 -24.56 -29.85
C ALA D 197 -20.45 -23.50 -30.95
N TYR D 198 -21.58 -23.42 -31.64
CA TYR D 198 -21.79 -22.44 -32.70
C TYR D 198 -22.75 -21.39 -32.15
N ILE D 199 -22.25 -20.20 -31.85
CA ILE D 199 -23.08 -19.16 -31.25
C ILE D 199 -23.31 -18.06 -32.29
N GLY D 200 -24.52 -18.04 -32.84
CA GLY D 200 -24.89 -17.11 -33.90
C GLY D 200 -24.95 -15.66 -33.47
N GLU D 201 -24.69 -14.78 -34.42
CA GLU D 201 -24.78 -13.34 -34.20
C GLU D 201 -26.08 -12.95 -33.50
N GLY D 202 -25.97 -12.00 -32.59
CA GLY D 202 -27.13 -11.50 -31.84
C GLY D 202 -27.59 -12.41 -30.74
N THR D 203 -26.87 -13.50 -30.49
CA THR D 203 -27.23 -14.43 -29.42
C THR D 203 -26.78 -13.89 -28.07
N THR D 204 -27.68 -13.96 -27.09
CA THR D 204 -27.30 -13.83 -25.69
C THR D 204 -27.42 -15.21 -25.02
N VAL D 205 -26.33 -15.66 -24.40
CA VAL D 205 -26.34 -16.89 -23.63
C VAL D 205 -26.16 -16.47 -22.18
N MET D 206 -27.23 -16.56 -21.40
CA MET D 206 -27.20 -16.04 -20.04
C MET D 206 -26.62 -17.04 -19.04
N HIS D 207 -26.52 -16.61 -17.79
CA HIS D 207 -25.81 -17.34 -16.74
C HIS D 207 -26.34 -18.76 -16.59
N GLU D 208 -27.65 -18.92 -16.72
CA GLU D 208 -28.31 -20.21 -16.57
C GLU D 208 -28.32 -21.01 -17.87
N GLY D 209 -27.95 -20.39 -18.98
CA GLY D 209 -27.84 -21.11 -20.27
C GLY D 209 -26.65 -22.04 -20.33
N PHE D 210 -26.65 -22.91 -21.35
CA PHE D 210 -25.56 -23.83 -21.65
C PHE D 210 -25.63 -24.22 -23.13
N VAL D 211 -24.49 -24.29 -23.80
CA VAL D 211 -24.41 -24.77 -25.18
C VAL D 211 -23.25 -25.75 -25.34
N ASN D 212 -23.57 -26.99 -25.73
CA ASN D 212 -22.57 -28.04 -25.84
C ASN D 212 -21.85 -27.94 -27.18
N PHE D 213 -20.85 -28.79 -27.39
CA PHE D 213 -20.22 -28.88 -28.72
C PHE D 213 -21.27 -29.37 -29.72
N ASN D 214 -21.01 -29.13 -31.01
CA ASN D 214 -21.93 -29.50 -32.09
C ASN D 214 -23.37 -29.06 -31.80
N ALA D 215 -23.50 -27.79 -31.44
CA ALA D 215 -24.77 -27.24 -31.01
C ALA D 215 -24.70 -25.73 -31.05
N GLY D 216 -25.85 -25.11 -30.96
CA GLY D 216 -25.92 -23.68 -30.74
C GLY D 216 -27.12 -23.03 -31.37
N THR D 217 -26.88 -21.83 -31.91
CA THR D 217 -27.95 -20.91 -32.27
C THR D 217 -27.64 -20.25 -33.60
N GLU D 218 -28.66 -20.13 -34.44
CA GLU D 218 -28.50 -19.40 -35.70
C GLU D 218 -28.25 -17.94 -35.41
N GLY D 219 -28.94 -17.44 -34.38
CA GLY D 219 -28.87 -16.04 -34.01
C GLY D 219 -29.96 -15.29 -34.76
N PRO D 220 -30.62 -14.32 -34.10
CA PRO D 220 -30.43 -13.93 -32.71
C PRO D 220 -31.25 -14.83 -31.78
N GLY D 221 -31.30 -14.52 -30.49
CA GLY D 221 -32.14 -15.22 -29.54
C GLY D 221 -31.54 -15.31 -28.15
N MET D 222 -32.39 -15.29 -27.13
CA MET D 222 -31.97 -15.38 -25.74
C MET D 222 -31.88 -16.85 -25.35
N ILE D 223 -30.80 -17.22 -24.67
CA ILE D 223 -30.60 -18.60 -24.22
C ILE D 223 -30.37 -18.66 -22.71
N GLU D 224 -31.36 -19.19 -22.00
CA GLU D 224 -31.30 -19.38 -20.55
C GLU D 224 -31.42 -20.85 -20.12
N GLY D 225 -31.45 -21.77 -21.09
CA GLY D 225 -31.50 -23.20 -20.80
C GLY D 225 -30.46 -24.00 -21.57
N ARG D 226 -30.61 -25.32 -21.49
CA ARG D 226 -29.63 -26.25 -22.07
CA ARG D 226 -29.64 -26.25 -22.07
C ARG D 226 -29.83 -26.47 -23.57
N VAL D 227 -28.76 -26.23 -24.34
CA VAL D 227 -28.73 -26.57 -25.77
C VAL D 227 -27.76 -27.75 -25.90
N SER D 228 -28.33 -28.96 -26.00
CA SER D 228 -27.55 -30.19 -25.93
C SER D 228 -26.72 -30.44 -27.19
N ALA D 229 -25.76 -31.34 -27.08
CA ALA D 229 -24.95 -31.72 -28.22
C ALA D 229 -25.88 -32.14 -29.36
N GLY D 230 -25.61 -31.62 -30.56
CA GLY D 230 -26.41 -31.94 -31.74
C GLY D 230 -27.77 -31.27 -31.75
N VAL D 231 -27.94 -30.18 -31.00
CA VAL D 231 -29.17 -29.40 -31.13
C VAL D 231 -28.86 -28.01 -31.67
N PHE D 232 -29.58 -27.62 -32.73
CA PHE D 232 -29.44 -26.31 -33.37
C PHE D 232 -30.74 -25.52 -33.22
N VAL D 233 -30.64 -24.35 -32.61
CA VAL D 233 -31.79 -23.49 -32.31
C VAL D 233 -31.89 -22.38 -33.36
N GLY D 234 -33.05 -22.31 -34.03
CA GLY D 234 -33.23 -21.43 -35.17
C GLY D 234 -33.37 -19.96 -34.82
N LYS D 235 -33.18 -19.12 -35.85
CA LYS D 235 -33.27 -17.66 -35.75
C LYS D 235 -34.42 -17.19 -34.87
N GLY D 236 -34.11 -16.28 -33.93
CA GLY D 236 -35.12 -15.59 -33.14
C GLY D 236 -35.70 -16.34 -31.95
N SER D 237 -35.33 -17.61 -31.80
CA SER D 237 -35.91 -18.48 -30.78
C SER D 237 -35.33 -18.21 -29.41
N ASP D 238 -36.19 -18.28 -28.39
CA ASP D 238 -35.80 -18.07 -27.00
C ASP D 238 -36.01 -19.35 -26.21
N LEU D 239 -35.01 -19.67 -25.38
CA LEU D 239 -35.04 -20.81 -24.47
C LEU D 239 -35.07 -20.29 -23.05
N GLY D 240 -36.17 -20.54 -22.34
CA GLY D 240 -36.37 -20.00 -21.00
C GLY D 240 -35.54 -20.66 -19.91
N GLY D 241 -35.49 -20.01 -18.74
CA GLY D 241 -34.61 -20.42 -17.65
C GLY D 241 -34.78 -21.84 -17.15
N GLY D 242 -33.68 -22.61 -17.15
CA GLY D 242 -33.69 -23.98 -16.68
C GLY D 242 -34.25 -25.01 -17.65
N CYS D 243 -34.72 -24.57 -18.81
CA CYS D 243 -35.34 -25.46 -19.78
C CYS D 243 -34.30 -26.42 -20.36
N SER D 244 -34.79 -27.58 -20.81
CA SER D 244 -33.95 -28.70 -21.23
C SER D 244 -34.23 -29.07 -22.69
N THR D 245 -33.16 -29.38 -23.42
CA THR D 245 -33.27 -30.03 -24.72
C THR D 245 -32.56 -31.36 -24.62
N MET D 246 -33.25 -32.45 -24.94
CA MET D 246 -32.64 -33.78 -24.91
C MET D 246 -31.68 -33.93 -26.10
N GLY D 247 -30.54 -34.57 -25.87
CA GLY D 247 -29.52 -34.75 -26.91
C GLY D 247 -29.72 -36.06 -27.66
N ASN D 254 -32.10 -43.08 -34.60
CA ASN D 254 -32.56 -42.10 -33.61
C ASN D 254 -33.01 -40.79 -34.25
N ILE D 255 -33.62 -39.94 -33.42
CA ILE D 255 -34.19 -38.68 -33.88
C ILE D 255 -33.54 -37.49 -33.14
N VAL D 256 -32.89 -36.62 -33.91
CA VAL D 256 -32.16 -35.48 -33.34
C VAL D 256 -33.13 -34.35 -33.01
N ILE D 257 -32.96 -33.75 -31.84
CA ILE D 257 -33.81 -32.62 -31.44
C ILE D 257 -33.30 -31.33 -32.07
N SER D 258 -34.22 -30.54 -32.61
CA SER D 258 -33.92 -29.18 -33.03
C SER D 258 -35.09 -28.28 -32.63
N VAL D 259 -34.82 -26.98 -32.56
CA VAL D 259 -35.86 -25.98 -32.30
C VAL D 259 -35.89 -25.04 -33.50
N GLY D 260 -37.08 -24.80 -34.04
CA GLY D 260 -37.22 -23.97 -35.25
C GLY D 260 -37.01 -22.49 -35.00
N GLU D 261 -37.48 -21.67 -35.95
CA GLU D 261 -37.36 -20.22 -35.88
C GLU D 261 -38.52 -19.60 -35.11
N GLY D 262 -38.21 -18.59 -34.30
CA GLY D 262 -39.21 -17.84 -33.54
C GLY D 262 -40.00 -18.62 -32.49
N CYS D 263 -39.39 -19.66 -31.93
CA CYS D 263 -40.02 -20.42 -30.84
C CYS D 263 -39.79 -19.75 -29.50
N LEU D 264 -40.66 -20.05 -28.53
CA LEU D 264 -40.60 -19.46 -27.18
C LEU D 264 -40.76 -20.56 -26.13
N ILE D 265 -39.65 -21.19 -25.77
CA ILE D 265 -39.65 -22.31 -24.83
C ILE D 265 -39.77 -21.79 -23.38
N GLY D 266 -40.67 -22.39 -22.60
CA GLY D 266 -40.91 -21.95 -21.22
C GLY D 266 -39.89 -22.47 -20.23
N ALA D 267 -39.77 -21.79 -19.09
CA ALA D 267 -38.80 -22.15 -18.07
C ALA D 267 -38.99 -23.58 -17.59
N ASN D 268 -37.87 -24.24 -17.26
CA ASN D 268 -37.87 -25.64 -16.80
C ASN D 268 -38.64 -26.62 -17.68
N ALA D 269 -38.92 -26.25 -18.92
CA ALA D 269 -39.58 -27.16 -19.87
C ALA D 269 -38.57 -28.20 -20.29
N GLY D 270 -39.03 -29.21 -21.01
CA GLY D 270 -38.15 -30.26 -21.49
C GLY D 270 -38.59 -30.76 -22.85
N ILE D 271 -37.83 -30.41 -23.88
CA ILE D 271 -38.19 -30.79 -25.24
C ILE D 271 -37.52 -32.12 -25.56
N GLY D 272 -38.34 -33.10 -25.94
CA GLY D 272 -37.87 -34.42 -26.36
C GLY D 272 -38.33 -34.77 -27.77
N ILE D 273 -38.80 -33.75 -28.50
CA ILE D 273 -39.13 -33.89 -29.91
C ILE D 273 -38.56 -32.70 -30.67
N PRO D 274 -38.26 -32.89 -31.97
CA PRO D 274 -37.94 -31.73 -32.81
C PRO D 274 -39.12 -30.76 -32.87
N LEU D 275 -38.90 -29.49 -32.57
CA LEU D 275 -39.96 -28.48 -32.62
C LEU D 275 -39.89 -27.68 -33.92
N GLY D 276 -41.06 -27.39 -34.48
CA GLY D 276 -41.15 -26.60 -35.70
C GLY D 276 -41.08 -25.12 -35.40
N ASP D 277 -41.32 -24.30 -36.42
CA ASP D 277 -41.30 -22.85 -36.28
C ASP D 277 -42.47 -22.37 -35.42
N ARG D 278 -42.22 -21.33 -34.63
CA ARG D 278 -43.27 -20.64 -33.86
C ARG D 278 -44.04 -21.57 -32.93
N ASN D 279 -43.31 -22.48 -32.29
CA ASN D 279 -43.85 -23.32 -31.23
C ASN D 279 -43.72 -22.60 -29.90
N ILE D 280 -44.54 -23.00 -28.93
CA ILE D 280 -44.55 -22.36 -27.61
C ILE D 280 -44.80 -23.39 -26.52
N VAL D 281 -43.74 -23.78 -25.80
CA VAL D 281 -43.87 -24.75 -24.72
C VAL D 281 -44.00 -24.05 -23.38
N GLU D 282 -44.98 -24.48 -22.59
CA GLU D 282 -45.26 -23.87 -21.30
C GLU D 282 -44.19 -24.25 -20.28
N ALA D 283 -44.05 -23.41 -19.25
CA ALA D 283 -43.16 -23.70 -18.14
C ALA D 283 -43.43 -25.07 -17.52
N GLY D 284 -42.37 -25.83 -17.26
CA GLY D 284 -42.47 -27.11 -16.56
C GLY D 284 -42.99 -28.27 -17.39
N LEU D 285 -43.31 -28.03 -18.66
CA LEU D 285 -43.87 -29.07 -19.52
C LEU D 285 -42.74 -29.90 -20.11
N TYR D 286 -42.80 -31.21 -19.87
CA TYR D 286 -41.85 -32.14 -20.45
C TYR D 286 -42.58 -33.00 -21.49
N ILE D 287 -42.08 -32.97 -22.73
CA ILE D 287 -42.70 -33.74 -23.80
C ILE D 287 -41.69 -34.59 -24.54
N THR D 288 -41.91 -35.90 -24.46
CA THR D 288 -41.10 -36.88 -25.15
C THR D 288 -41.86 -37.34 -26.38
N ALA D 289 -41.22 -38.16 -27.20
CA ALA D 289 -41.87 -38.74 -28.39
C ALA D 289 -43.07 -39.61 -28.02
N GLY D 290 -43.02 -40.24 -26.84
CA GLY D 290 -44.08 -41.14 -26.39
C GLY D 290 -45.23 -40.48 -25.61
N THR D 291 -45.16 -39.17 -25.39
CA THR D 291 -46.15 -38.47 -24.57
C THR D 291 -47.49 -38.30 -25.32
N LYS D 292 -48.58 -38.66 -24.64
CA LYS D 292 -49.93 -38.46 -25.19
C LYS D 292 -50.38 -37.02 -24.96
N VAL D 293 -50.81 -36.35 -26.04
CA VAL D 293 -51.15 -34.93 -26.00
C VAL D 293 -52.58 -34.68 -26.45
N ALA D 294 -53.27 -33.76 -25.76
CA ALA D 294 -54.61 -33.32 -26.16
C ALA D 294 -54.51 -32.33 -27.31
N LEU D 295 -54.61 -32.83 -28.54
CA LEU D 295 -54.51 -31.99 -29.73
C LEU D 295 -55.80 -31.19 -29.95
N LEU D 296 -55.85 -29.98 -29.39
CA LEU D 296 -57.02 -29.11 -29.50
C LEU D 296 -57.04 -28.32 -30.81
N ASP D 297 -58.19 -27.70 -31.10
CA ASP D 297 -58.39 -26.95 -32.36
C ASP D 297 -58.62 -25.46 -32.11
N GLU D 298 -58.77 -24.70 -33.20
CA GLU D 298 -59.06 -23.26 -33.13
C GLU D 298 -60.37 -22.96 -32.40
N ASN D 300 -60.34 -24.31 -28.88
CA ASN D 300 -59.71 -25.27 -27.98
C ASN D 300 -60.62 -26.46 -27.66
N ALA D 301 -61.15 -27.08 -28.71
CA ALA D 301 -61.99 -28.29 -28.57
C ALA D 301 -61.19 -29.53 -28.93
N LEU D 302 -61.45 -30.63 -28.23
CA LEU D 302 -60.71 -31.89 -28.42
C LEU D 302 -60.89 -32.48 -29.83
N VAL D 303 -59.86 -32.38 -30.65
CA VAL D 303 -59.86 -33.01 -31.97
C VAL D 303 -59.54 -34.49 -31.83
N LYS D 304 -58.42 -34.79 -31.15
CA LYS D 304 -58.04 -36.16 -30.82
C LYS D 304 -56.77 -36.20 -29.96
N VAL D 305 -56.45 -37.38 -29.46
CA VAL D 305 -55.23 -37.60 -28.69
C VAL D 305 -54.18 -38.29 -29.56
N VAL D 306 -52.96 -37.79 -29.51
CA VAL D 306 -51.84 -38.35 -30.28
C VAL D 306 -50.54 -38.31 -29.49
N LYS D 307 -49.55 -39.06 -29.97
CA LYS D 307 -48.21 -39.05 -29.40
C LYS D 307 -47.42 -37.89 -29.98
N ALA D 308 -46.67 -37.20 -29.13
CA ALA D 308 -45.97 -35.96 -29.50
C ALA D 308 -45.07 -36.11 -30.74
N ARG D 309 -44.52 -37.30 -30.95
CA ARG D 309 -43.68 -37.58 -32.11
C ARG D 309 -44.40 -37.34 -33.45
N ASP D 310 -45.73 -37.41 -33.42
CA ASP D 310 -46.57 -37.10 -34.59
C ASP D 310 -46.68 -35.59 -34.84
N LEU D 311 -46.53 -34.80 -33.77
CA LEU D 311 -46.58 -33.34 -33.85
C LEU D 311 -45.21 -32.73 -34.17
N ALA D 312 -44.16 -33.55 -34.17
CA ALA D 312 -42.79 -33.09 -34.39
C ALA D 312 -42.65 -32.23 -35.64
N GLY D 313 -41.83 -31.19 -35.54
CA GLY D 313 -41.49 -30.34 -36.69
C GLY D 313 -42.65 -29.58 -37.31
N GLN D 314 -43.76 -29.43 -36.58
CA GLN D 314 -44.94 -28.75 -37.10
C GLN D 314 -44.96 -27.29 -36.65
N PRO D 315 -45.33 -26.37 -37.56
CA PRO D 315 -45.37 -24.96 -37.19
C PRO D 315 -46.60 -24.62 -36.35
N ASP D 316 -46.52 -23.47 -35.68
CA ASP D 316 -47.67 -22.87 -35.02
C ASP D 316 -48.38 -23.82 -34.05
N LEU D 317 -47.63 -24.36 -33.09
CA LEU D 317 -48.18 -25.21 -32.04
C LEU D 317 -47.92 -24.61 -30.67
N LEU D 318 -48.92 -24.68 -29.79
CA LEU D 318 -48.78 -24.25 -28.40
C LEU D 318 -48.98 -25.46 -27.49
N PHE D 319 -47.94 -25.76 -26.71
CA PHE D 319 -47.97 -26.86 -25.75
C PHE D 319 -48.19 -26.29 -24.34
N ARG D 320 -49.00 -26.98 -23.55
CA ARG D 320 -49.36 -26.54 -22.20
C ARG D 320 -50.00 -27.65 -21.39
N ARG D 321 -50.12 -27.41 -20.08
CA ARG D 321 -50.85 -28.30 -19.17
C ARG D 321 -51.94 -27.50 -18.46
N ASN D 322 -53.03 -28.17 -18.10
CA ASN D 322 -54.16 -27.53 -17.41
C ASN D 322 -53.92 -27.45 -15.90
N SER D 323 -54.39 -26.36 -15.28
CA SER D 323 -54.19 -26.12 -13.84
C SER D 323 -55.31 -26.71 -12.96
N GLN D 324 -56.12 -27.62 -13.53
CA GLN D 324 -57.24 -28.25 -12.82
C GLN D 324 -57.24 -29.77 -12.97
N ASN D 325 -57.35 -30.24 -14.22
CA ASN D 325 -57.45 -31.69 -14.53
C ASN D 325 -56.14 -32.34 -15.02
N GLY D 326 -55.13 -31.52 -15.30
CA GLY D 326 -53.77 -32.03 -15.56
C GLY D 326 -53.58 -32.72 -16.89
N ALA D 327 -54.18 -32.20 -17.95
CA ALA D 327 -54.05 -32.77 -19.29
C ALA D 327 -53.03 -31.98 -20.11
N VAL D 328 -52.12 -32.70 -20.77
CA VAL D 328 -51.14 -32.09 -21.67
C VAL D 328 -51.80 -31.79 -23.01
N GLU D 329 -51.93 -30.50 -23.34
CA GLU D 329 -52.63 -30.05 -24.54
C GLU D 329 -51.67 -29.54 -25.61
N CYS D 330 -52.07 -29.65 -26.88
CA CYS D 330 -51.37 -29.03 -28.01
C CYS D 330 -52.36 -28.22 -28.85
N LYS D 331 -52.49 -26.93 -28.52
CA LYS D 331 -53.42 -26.04 -29.22
C LYS D 331 -52.87 -25.61 -30.57
N THR D 332 -53.74 -25.62 -31.59
CA THR D 332 -53.38 -25.11 -32.92
C THR D 332 -54.31 -23.96 -33.30
N GLN E 6 -26.06 23.64 -5.07
CA GLN E 6 -26.94 22.55 -4.58
C GLN E 6 -26.14 21.40 -3.96
N SER E 7 -26.84 20.52 -3.24
CA SER E 7 -26.25 19.34 -2.61
C SER E 7 -26.38 18.10 -3.52
N LEU E 8 -25.23 17.55 -3.92
CA LEU E 8 -25.20 16.52 -4.97
C LEU E 8 -25.85 15.22 -4.53
N PHE E 9 -26.43 14.50 -5.50
CA PHE E 9 -26.98 13.18 -5.27
C PHE E 9 -25.87 12.20 -4.90
N SER E 10 -24.76 12.28 -5.63
CA SER E 10 -23.66 11.34 -5.45
C SER E 10 -22.35 11.87 -6.06
N LEU E 11 -21.23 11.38 -5.54
CA LEU E 11 -19.94 11.60 -6.16
C LEU E 11 -19.00 10.42 -5.90
N ALA E 12 -18.05 10.23 -6.80
CA ALA E 12 -17.09 9.15 -6.70
C ALA E 12 -15.87 9.37 -7.58
N PHE E 13 -14.70 8.96 -7.08
CA PHE E 13 -13.45 9.04 -7.82
C PHE E 13 -13.07 7.66 -8.31
N GLY E 14 -13.00 7.52 -9.63
CA GLY E 14 -12.86 6.21 -10.25
C GLY E 14 -11.53 6.01 -10.92
N VAL E 15 -11.17 4.74 -11.10
CA VAL E 15 -10.08 4.33 -11.97
C VAL E 15 -10.65 3.25 -12.89
N GLY E 16 -10.50 3.46 -14.20
CA GLY E 16 -11.19 2.61 -15.18
C GLY E 16 -10.32 2.22 -16.34
N THR E 17 -10.93 1.68 -17.38
CA THR E 17 -10.18 1.29 -18.57
C THR E 17 -10.87 1.78 -19.84
N GLN E 18 -10.03 2.23 -20.77
CA GLN E 18 -10.47 2.74 -22.05
C GLN E 18 -9.90 1.83 -23.13
N ASN E 19 -10.63 1.70 -24.23
CA ASN E 19 -10.13 1.00 -25.40
C ASN E 19 -9.27 1.94 -26.24
N ARG E 20 -8.60 1.39 -27.25
CA ARG E 20 -7.76 2.18 -28.17
C ARG E 20 -8.42 3.46 -28.69
N GLN E 21 -9.73 3.43 -28.89
CA GLN E 21 -10.48 4.59 -29.36
C GLN E 21 -10.88 5.53 -28.22
N GLU E 22 -10.34 5.26 -27.03
CA GLU E 22 -10.53 6.09 -25.82
C GLU E 22 -11.96 6.03 -25.26
N ALA E 23 -12.73 5.02 -25.66
CA ALA E 23 -14.05 4.81 -25.10
C ALA E 23 -13.90 4.08 -23.77
N TRP E 24 -14.76 4.41 -22.81
CA TRP E 24 -14.70 3.83 -21.48
C TRP E 24 -15.43 2.48 -21.47
N LEU E 25 -14.72 1.44 -21.04
CA LEU E 25 -15.28 0.09 -20.92
C LEU E 25 -15.82 -0.19 -19.51
N GLU E 26 -15.17 0.37 -18.50
CA GLU E 26 -15.56 0.15 -17.12
C GLU E 26 -14.92 1.16 -16.19
N VAL E 27 -15.47 1.29 -14.99
CA VAL E 27 -14.91 2.16 -13.95
C VAL E 27 -15.11 1.52 -12.58
N PHE E 28 -14.03 1.51 -11.80
CA PHE E 28 -14.03 0.98 -10.44
C PHE E 28 -14.03 2.15 -9.44
N TYR E 29 -14.99 2.16 -8.52
CA TYR E 29 -15.11 3.21 -7.50
C TYR E 29 -14.92 2.60 -6.11
N ALA E 30 -13.74 2.80 -5.54
CA ALA E 30 -13.39 2.25 -4.24
C ALA E 30 -14.36 2.69 -3.17
N LEU E 31 -14.67 3.98 -3.14
CA LEU E 31 -15.52 4.55 -2.09
C LEU E 31 -16.54 5.56 -2.63
N PRO E 32 -17.63 5.05 -3.24
CA PRO E 32 -18.67 5.92 -3.76
C PRO E 32 -19.48 6.58 -2.65
N LEU E 33 -19.75 7.88 -2.80
CA LEU E 33 -20.51 8.62 -1.82
C LEU E 33 -21.93 8.89 -2.29
N LEU E 34 -22.89 8.67 -1.40
CA LEU E 34 -24.26 9.10 -1.58
C LEU E 34 -24.40 10.38 -0.80
N LYS E 35 -24.89 11.42 -1.47
CA LYS E 35 -25.17 12.70 -0.82
C LYS E 35 -23.93 13.24 -0.11
N PRO E 36 -22.87 13.50 -0.89
CA PRO E 36 -21.62 14.00 -0.36
C PRO E 36 -21.77 15.42 0.17
N SER E 37 -21.02 15.75 1.21
CA SER E 37 -21.18 17.03 1.88
C SER E 37 -20.87 18.19 0.94
N SER E 38 -21.43 19.36 1.26
CA SER E 38 -21.07 20.59 0.56
C SER E 38 -19.58 20.90 0.72
N GLU E 39 -19.03 20.57 1.90
CA GLU E 39 -17.61 20.78 2.17
C GLU E 39 -16.74 19.99 1.18
N ILE E 40 -17.05 18.70 1.01
CA ILE E 40 -16.32 17.89 0.03
C ILE E 40 -16.45 18.44 -1.39
N VAL E 41 -17.67 18.79 -1.78
CA VAL E 41 -17.92 19.23 -3.16
C VAL E 41 -17.21 20.56 -3.44
N ALA E 42 -17.26 21.47 -2.47
CA ALA E 42 -16.64 22.80 -2.62
C ALA E 42 -15.12 22.71 -2.85
N ALA E 43 -14.49 21.77 -2.16
CA ALA E 43 -13.04 21.56 -2.26
C ALA E 43 -12.61 20.97 -3.61
N VAL E 44 -13.47 20.15 -4.21
CA VAL E 44 -13.12 19.40 -5.41
C VAL E 44 -13.59 20.05 -6.73
N ALA E 45 -14.69 20.80 -6.66
CA ALA E 45 -15.30 21.40 -7.86
C ALA E 45 -14.36 22.30 -8.67
N PRO E 46 -13.64 23.23 -8.01
CA PRO E 46 -12.71 24.10 -8.76
C PRO E 46 -11.64 23.30 -9.52
N ILE E 47 -11.01 22.36 -8.84
CA ILE E 47 -9.96 21.54 -9.44
C ILE E 47 -10.47 20.73 -10.63
N LEU E 48 -11.62 20.10 -10.46
CA LEU E 48 -12.24 19.29 -11.52
C LEU E 48 -12.91 20.13 -12.61
N GLY E 49 -13.18 21.39 -12.31
CA GLY E 49 -13.91 22.27 -13.22
C GLY E 49 -15.38 21.84 -13.31
N TYR E 50 -15.99 21.58 -12.16
CA TYR E 50 -17.41 21.17 -12.08
C TYR E 50 -18.29 22.36 -11.70
N ALA E 51 -19.27 22.65 -12.53
CA ALA E 51 -20.17 23.80 -12.35
C ALA E 51 -21.60 23.37 -12.02
N ALA E 52 -22.10 22.35 -12.72
CA ALA E 52 -23.49 21.94 -12.55
C ALA E 52 -23.79 20.57 -13.13
N GLY E 53 -24.98 20.06 -12.79
CA GLY E 53 -25.55 18.90 -13.46
C GLY E 53 -24.86 17.59 -13.13
N ASN E 54 -24.87 16.69 -14.11
CA ASN E 54 -24.33 15.35 -13.98
C ASN E 54 -23.16 15.19 -14.94
N GLN E 55 -21.95 14.98 -14.42
CA GLN E 55 -20.74 14.99 -15.24
C GLN E 55 -19.81 13.84 -14.89
N ALA E 56 -19.11 13.32 -15.90
CA ALA E 56 -18.01 12.38 -15.74
C ALA E 56 -16.74 13.08 -16.20
N LEU E 57 -16.05 13.70 -15.26
CA LEU E 57 -14.91 14.56 -15.57
C LEU E 57 -13.61 13.79 -15.35
N THR E 58 -12.82 13.61 -16.42
CA THR E 58 -11.55 12.93 -16.31
C THR E 58 -10.61 13.82 -15.52
N PHE E 59 -9.60 13.22 -14.91
CA PHE E 59 -8.60 14.01 -14.22
C PHE E 59 -7.23 13.33 -14.19
N THR E 60 -6.22 14.17 -14.11
CA THR E 60 -4.84 13.76 -14.26
CA THR E 60 -4.83 13.75 -14.25
C THR E 60 -4.24 13.33 -12.91
N SER E 61 -3.08 12.70 -12.97
CA SER E 61 -2.33 12.33 -11.77
C SER E 61 -2.09 13.58 -10.90
N GLN E 62 -1.69 14.68 -11.54
CA GLN E 62 -1.44 15.91 -10.79
C GLN E 62 -2.73 16.44 -10.15
N GLN E 63 -3.84 16.43 -10.89
CA GLN E 63 -5.13 16.78 -10.30
C GLN E 63 -5.49 15.89 -9.11
N ALA E 64 -5.15 14.61 -9.18
CA ALA E 64 -5.41 13.69 -8.08
C ALA E 64 -4.61 14.07 -6.82
N TYR E 65 -3.38 14.53 -7.02
CA TYR E 65 -2.58 15.04 -5.90
C TYR E 65 -3.17 16.33 -5.34
N GLN E 66 -3.66 17.19 -6.24
CA GLN E 66 -4.31 18.43 -5.83
C GLN E 66 -5.57 18.16 -5.02
N LEU E 67 -6.40 17.23 -5.50
CA LEU E 67 -7.61 16.81 -4.79
C LEU E 67 -7.31 16.15 -3.45
N ALA E 68 -6.27 15.32 -3.41
CA ALA E 68 -5.84 14.69 -2.16
C ALA E 68 -5.54 15.75 -1.11
N ASP E 69 -4.70 16.73 -1.49
CA ASP E 69 -4.38 17.89 -0.65
C ASP E 69 -5.62 18.70 -0.25
N ALA E 70 -6.49 18.95 -1.23
CA ALA E 70 -7.68 19.76 -1.01
C ALA E 70 -8.65 19.10 -0.01
N LEU E 71 -8.68 17.77 0.01
CA LEU E 71 -9.60 17.02 0.88
C LEU E 71 -8.99 16.58 2.22
N LYS E 72 -7.70 16.87 2.42
CA LYS E 72 -7.11 16.77 3.76
C LYS E 72 -7.89 17.72 4.66
N GLY E 73 -8.14 17.28 5.89
CA GLY E 73 -8.86 18.11 6.84
C GLY E 73 -10.37 18.13 6.65
N ILE E 74 -10.86 17.42 5.63
CA ILE E 74 -12.30 17.38 5.33
C ILE E 74 -12.83 15.94 5.35
N ASP E 75 -12.21 15.06 4.56
CA ASP E 75 -12.51 13.62 4.62
C ASP E 75 -11.24 12.81 4.43
N ALA E 76 -10.86 12.10 5.48
CA ALA E 76 -9.62 11.33 5.52
C ALA E 76 -9.57 10.21 4.49
N ALA E 77 -10.67 9.51 4.31
CA ALA E 77 -10.74 8.35 3.41
C ALA E 77 -10.60 8.74 1.94
N GLN E 78 -11.36 9.76 1.52
CA GLN E 78 -11.32 10.23 0.13
C GLN E 78 -9.95 10.78 -0.23
N SER E 79 -9.37 11.56 0.68
CA SER E 79 -8.03 12.10 0.47
C SER E 79 -7.01 10.97 0.28
N ALA E 80 -7.09 9.94 1.11
CA ALA E 80 -6.16 8.81 1.02
C ALA E 80 -6.35 8.07 -0.29
N LEU E 81 -7.61 7.87 -0.69
CA LEU E 81 -7.92 7.25 -1.98
C LEU E 81 -7.30 8.03 -3.12
N LEU E 82 -7.47 9.35 -3.11
CA LEU E 82 -6.94 10.21 -4.16
C LEU E 82 -5.41 10.16 -4.23
N SER E 83 -4.75 10.06 -3.08
CA SER E 83 -3.31 9.82 -3.04
C SER E 83 -2.92 8.53 -3.78
N ARG E 84 -3.71 7.47 -3.59
CA ARG E 84 -3.47 6.22 -4.29
C ARG E 84 -3.80 6.32 -5.78
N LEU E 85 -4.92 6.97 -6.10
CA LEU E 85 -5.29 7.17 -7.51
C LEU E 85 -4.21 7.97 -8.26
N ALA E 86 -3.55 8.91 -7.57
CA ALA E 86 -2.42 9.66 -8.13
C ALA E 86 -1.34 8.76 -8.73
N GLU E 87 -1.17 7.57 -8.15
CA GLU E 87 -0.14 6.62 -8.61
C GLU E 87 -0.59 5.73 -9.76
N SER E 88 -1.85 5.85 -10.18
CA SER E 88 -2.45 4.92 -11.14
C SER E 88 -1.79 4.98 -12.50
N GLN E 89 -1.63 3.80 -13.10
CA GLN E 89 -1.24 3.69 -14.50
C GLN E 89 -2.48 3.72 -15.40
N LYS E 90 -3.66 3.55 -14.80
CA LYS E 90 -4.92 3.55 -15.54
C LYS E 90 -5.62 4.91 -15.43
N PRO E 91 -6.52 5.21 -16.36
CA PRO E 91 -7.14 6.53 -16.40
C PRO E 91 -8.16 6.77 -15.29
N LEU E 92 -8.23 8.02 -14.85
CA LEU E 92 -9.08 8.42 -13.75
C LEU E 92 -10.30 9.17 -14.25
N VAL E 93 -11.38 9.07 -13.49
CA VAL E 93 -12.59 9.83 -13.75
C VAL E 93 -13.30 10.14 -12.45
N ALA E 94 -13.81 11.37 -12.36
CA ALA E 94 -14.58 11.81 -11.22
C ALA E 94 -16.00 12.05 -11.72
N THR E 95 -16.92 11.27 -11.18
CA THR E 95 -18.33 11.40 -11.56
CA THR E 95 -18.33 11.37 -11.54
C THR E 95 -19.06 12.14 -10.47
N LEU E 96 -19.59 13.30 -10.82
CA LEU E 96 -20.29 14.16 -9.89
C LEU E 96 -21.74 14.30 -10.38
N LEU E 97 -22.68 13.82 -9.58
CA LEU E 97 -24.10 13.78 -9.96
C LEU E 97 -24.95 14.72 -9.10
N ALA E 98 -25.34 15.86 -9.69
CA ALA E 98 -26.23 16.80 -9.03
C ALA E 98 -27.59 16.18 -8.72
N GLU E 99 -28.05 15.31 -9.62
CA GLU E 99 -29.37 14.69 -9.49
C GLU E 99 -29.36 13.19 -9.80
N ASP E 100 -30.33 12.49 -9.22
CA ASP E 100 -30.65 11.13 -9.61
C ASP E 100 -31.49 11.27 -10.89
N ALA E 101 -30.84 11.07 -12.04
CA ALA E 101 -31.49 11.17 -13.35
C ALA E 101 -31.18 9.91 -14.15
N ALA E 102 -31.94 9.64 -15.21
CA ALA E 102 -31.52 8.60 -16.15
C ALA E 102 -30.06 8.88 -16.49
N PRO E 103 -29.19 7.86 -16.44
CA PRO E 103 -27.75 8.11 -16.59
C PRO E 103 -27.36 8.63 -17.97
N SER E 104 -26.28 9.40 -18.03
CA SER E 104 -25.86 10.05 -19.26
C SER E 104 -24.40 9.74 -19.64
N SER E 105 -23.83 8.69 -19.05
CA SER E 105 -22.46 8.30 -19.37
C SER E 105 -22.16 6.91 -18.81
N THR E 106 -21.28 6.18 -19.49
CA THR E 106 -20.82 4.87 -18.99
C THR E 106 -20.28 4.99 -17.56
N ALA E 107 -19.48 6.02 -17.30
CA ALA E 107 -18.96 6.31 -15.96
C ALA E 107 -20.08 6.42 -14.92
N GLU E 108 -21.15 7.12 -15.27
CA GLU E 108 -22.28 7.30 -14.36
C GLU E 108 -23.04 6.00 -14.15
N ALA E 109 -23.27 5.25 -15.22
CA ALA E 109 -23.97 3.97 -15.12
C ALA E 109 -23.22 3.05 -14.16
N TYR E 110 -21.90 3.00 -14.26
CA TYR E 110 -21.10 2.18 -13.34
C TYR E 110 -21.21 2.67 -11.93
N LEU E 111 -21.28 3.99 -11.75
CA LEU E 111 -21.41 4.54 -10.41
C LEU E 111 -22.76 4.17 -9.80
N LYS E 112 -23.84 4.27 -10.57
CA LYS E 112 -25.15 3.92 -10.05
C LYS E 112 -25.24 2.45 -9.66
N LEU E 113 -24.62 1.58 -10.46
CA LEU E 113 -24.50 0.16 -10.14
C LEU E 113 -23.66 -0.07 -8.88
N HIS E 114 -22.58 0.69 -8.72
CA HIS E 114 -21.80 0.68 -7.49
C HIS E 114 -22.63 1.08 -6.26
N LEU E 115 -23.53 2.04 -6.42
CA LEU E 115 -24.33 2.50 -5.29
C LEU E 115 -25.22 1.39 -4.75
N LEU E 116 -25.79 0.60 -5.65
CA LEU E 116 -26.61 -0.54 -5.25
C LEU E 116 -25.75 -1.63 -4.59
N SER E 117 -24.66 -2.03 -5.25
CA SER E 117 -23.82 -3.12 -4.73
C SER E 117 -23.05 -2.79 -3.44
N HIS E 118 -22.78 -1.51 -3.20
CA HIS E 118 -22.29 -1.08 -1.88
C HIS E 118 -23.42 -0.93 -0.84
N ARG E 119 -24.65 -1.22 -1.24
CA ARG E 119 -25.85 -1.09 -0.41
C ARG E 119 -26.13 0.32 0.10
N LEU E 120 -25.71 1.34 -0.64
CA LEU E 120 -26.01 2.73 -0.28
C LEU E 120 -27.42 3.09 -0.69
N VAL E 121 -27.92 2.44 -1.75
CA VAL E 121 -29.31 2.57 -2.17
C VAL E 121 -29.90 1.18 -2.41
N LYS E 122 -31.21 1.04 -2.21
CA LYS E 122 -31.90 -0.23 -2.46
C LYS E 122 -32.39 -0.32 -3.91
N PRO E 123 -32.70 -1.55 -4.37
CA PRO E 123 -33.31 -1.68 -5.70
C PRO E 123 -34.54 -0.79 -5.86
N HIS E 124 -34.67 -0.22 -7.05
CA HIS E 124 -35.72 0.77 -7.41
C HIS E 124 -35.61 2.17 -6.80
N ALA E 125 -34.54 2.44 -6.05
CA ALA E 125 -34.34 3.77 -5.43
C ALA E 125 -33.45 4.69 -6.26
N VAL E 126 -33.12 4.26 -7.48
CA VAL E 126 -32.19 4.96 -8.34
C VAL E 126 -32.63 4.82 -9.80
N ASN E 127 -32.53 5.90 -10.57
CA ASN E 127 -32.98 5.91 -11.96
C ASN E 127 -31.95 5.25 -12.86
N LEU E 128 -32.33 4.11 -13.42
CA LEU E 128 -31.47 3.35 -14.31
C LEU E 128 -32.05 3.25 -15.71
N SER E 129 -32.96 4.17 -16.05
CA SER E 129 -33.55 4.20 -17.39
C SER E 129 -32.50 4.35 -18.49
N GLY E 130 -32.55 3.50 -19.50
CA GLY E 130 -31.62 3.59 -20.61
C GLY E 130 -30.17 3.23 -20.28
N ILE E 131 -29.96 2.46 -19.22
CA ILE E 131 -28.60 2.11 -18.80
C ILE E 131 -27.88 1.16 -19.77
N PHE E 132 -28.62 0.29 -20.46
CA PHE E 132 -28.00 -0.73 -21.33
C PHE E 132 -27.05 -0.15 -22.41
N PRO E 133 -27.51 0.85 -23.20
CA PRO E 133 -26.63 1.45 -24.22
C PRO E 133 -25.32 2.03 -23.67
N LEU E 134 -25.32 2.43 -22.40
CA LEU E 134 -24.15 3.00 -21.74
C LEU E 134 -23.22 1.93 -21.13
N LEU E 135 -23.67 0.69 -21.15
CA LEU E 135 -22.85 -0.42 -20.71
C LEU E 135 -22.38 -1.17 -21.96
N PRO E 136 -21.13 -0.93 -22.38
CA PRO E 136 -20.65 -1.59 -23.60
C PRO E 136 -20.40 -3.08 -23.36
N ASN E 137 -20.69 -3.91 -24.35
CA ASN E 137 -20.42 -5.33 -24.28
C ASN E 137 -18.89 -5.52 -24.25
N VAL E 138 -18.38 -6.20 -23.22
CA VAL E 138 -16.96 -6.31 -22.97
C VAL E 138 -16.51 -7.77 -22.85
N ALA E 139 -15.26 -8.05 -23.24
CA ALA E 139 -14.60 -9.30 -22.87
C ALA E 139 -14.00 -9.13 -21.46
N TRP E 140 -14.58 -9.81 -20.48
CA TRP E 140 -14.09 -9.80 -19.09
C TRP E 140 -13.06 -10.90 -18.91
N THR E 141 -11.82 -10.49 -18.67
CA THR E 141 -10.67 -11.40 -18.65
C THR E 141 -9.87 -11.28 -17.36
N ASN E 142 -8.89 -12.17 -17.21
CA ASN E 142 -7.97 -12.14 -16.06
C ASN E 142 -7.07 -10.89 -16.01
N ILE E 143 -7.01 -10.13 -17.10
CA ILE E 143 -6.39 -8.79 -17.09
C ILE E 143 -7.43 -7.65 -17.11
N GLY E 144 -8.65 -7.93 -16.66
CA GLY E 144 -9.72 -6.92 -16.67
C GLY E 144 -10.39 -6.80 -18.02
N ALA E 145 -11.11 -5.69 -18.21
CA ALA E 145 -11.89 -5.45 -19.42
C ALA E 145 -11.03 -5.33 -20.68
N VAL E 146 -11.42 -6.09 -21.70
CA VAL E 146 -10.79 -6.05 -23.02
C VAL E 146 -11.88 -5.84 -24.06
N ASP E 147 -11.68 -4.82 -24.91
CA ASP E 147 -12.60 -4.51 -25.99
C ASP E 147 -12.60 -5.63 -27.01
N LEU E 148 -13.79 -6.03 -27.48
CA LEU E 148 -13.90 -7.21 -28.35
C LEU E 148 -13.16 -7.09 -29.69
N ALA E 149 -12.86 -5.88 -30.14
CA ALA E 149 -12.05 -5.68 -31.35
C ALA E 149 -10.56 -5.90 -31.09
N GLU E 150 -10.15 -5.78 -29.83
CA GLU E 150 -8.75 -5.90 -29.43
C GLU E 150 -8.43 -7.28 -28.85
N LEU E 151 -9.44 -8.11 -28.67
CA LEU E 151 -9.30 -9.36 -27.90
C LEU E 151 -8.47 -10.43 -28.63
N ALA E 152 -8.85 -10.74 -29.86
CA ALA E 152 -8.25 -11.86 -30.59
C ALA E 152 -6.74 -11.74 -30.76
N GLU E 153 -6.26 -10.52 -30.95
CA GLU E 153 -4.83 -10.29 -31.08
C GLU E 153 -4.18 -10.56 -29.72
N LEU E 154 -4.79 -10.05 -28.65
CA LEU E 154 -4.32 -10.37 -27.30
C LEU E 154 -4.37 -11.86 -26.97
N GLN E 155 -5.44 -12.54 -27.38
CA GLN E 155 -5.55 -13.99 -27.18
C GLN E 155 -4.41 -14.69 -27.89
N LEU E 156 -4.12 -14.25 -29.12
CA LEU E 156 -3.03 -14.84 -29.91
C LEU E 156 -1.68 -14.59 -29.26
N GLU E 157 -1.40 -13.34 -28.93
CA GLU E 157 -0.08 -13.01 -28.38
C GLU E 157 0.17 -13.73 -27.05
N ALA E 158 -0.89 -13.95 -26.27
CA ALA E 158 -0.81 -14.70 -25.04
C ALA E 158 -0.37 -16.16 -25.29
N ARG E 159 -1.01 -16.84 -26.25
CA ARG E 159 -0.66 -18.22 -26.58
C ARG E 159 0.80 -18.33 -27.08
N LEU E 160 1.24 -17.35 -27.86
CA LEU E 160 2.61 -17.32 -28.39
C LEU E 160 3.64 -17.21 -27.27
N LYS E 161 3.27 -16.55 -26.17
CA LYS E 161 4.12 -16.47 -24.98
C LYS E 161 3.89 -17.60 -23.98
N GLY E 162 3.15 -18.64 -24.38
CA GLY E 162 2.81 -19.73 -23.46
C GLY E 162 1.94 -19.30 -22.29
N LYS E 163 1.02 -18.36 -22.55
CA LYS E 163 0.11 -17.87 -21.53
C LYS E 163 -1.32 -17.96 -22.02
N LEU E 164 -2.27 -17.91 -21.10
CA LEU E 164 -3.70 -17.91 -21.41
C LEU E 164 -4.32 -16.57 -21.04
N LEU E 165 -5.02 -15.97 -22.00
CA LEU E 165 -5.93 -14.85 -21.72
C LEU E 165 -7.29 -15.49 -21.48
N GLU E 166 -7.69 -15.55 -20.22
CA GLU E 166 -8.93 -16.23 -19.89
C GLU E 166 -10.09 -15.27 -20.09
N VAL E 167 -11.06 -15.70 -20.90
CA VAL E 167 -12.28 -14.94 -21.13
C VAL E 167 -13.38 -15.62 -20.33
N PHE E 168 -13.68 -15.09 -19.14
CA PHE E 168 -14.69 -15.72 -18.27
C PHE E 168 -16.09 -15.12 -18.41
N SER E 169 -16.22 -14.02 -19.15
CA SER E 169 -17.53 -13.44 -19.41
C SER E 169 -17.46 -12.45 -20.58
N VAL E 170 -18.45 -12.52 -21.45
CA VAL E 170 -18.64 -11.52 -22.49
C VAL E 170 -20.01 -10.91 -22.23
N ASP E 171 -20.02 -9.73 -21.63
CA ASP E 171 -21.28 -9.10 -21.25
C ASP E 171 -21.09 -7.63 -20.97
N LYS E 172 -22.21 -6.92 -20.94
CA LYS E 172 -22.26 -5.49 -20.65
C LYS E 172 -22.10 -5.27 -19.14
N PHE E 173 -22.49 -6.27 -18.35
CA PHE E 173 -22.32 -6.23 -16.91
C PHE E 173 -21.16 -7.14 -16.50
N PRO E 174 -20.29 -6.64 -15.60
CA PRO E 174 -19.32 -7.50 -14.95
C PRO E 174 -19.91 -8.12 -13.70
N LYS E 175 -19.22 -9.07 -13.11
CA LYS E 175 -19.67 -9.62 -11.83
C LYS E 175 -19.33 -8.67 -10.68
N MET E 176 -20.26 -8.56 -9.74
CA MET E 176 -20.16 -7.59 -8.65
C MET E 176 -18.86 -7.72 -7.85
N THR E 177 -18.48 -8.95 -7.48
CA THR E 177 -17.40 -9.13 -6.49
C THR E 177 -16.02 -8.70 -7.00
N ASP E 178 -15.85 -8.55 -8.31
CA ASP E 178 -14.61 -7.97 -8.85
C ASP E 178 -14.51 -6.46 -8.56
N TYR E 179 -15.58 -5.89 -8.03
CA TYR E 179 -15.67 -4.49 -7.58
C TYR E 179 -15.89 -4.34 -6.09
N VAL E 180 -16.78 -5.17 -5.53
CA VAL E 180 -17.16 -5.00 -4.13
C VAL E 180 -17.77 -6.28 -3.59
N VAL E 181 -17.33 -6.70 -2.41
CA VAL E 181 -18.01 -7.72 -1.64
C VAL E 181 -18.51 -7.04 -0.37
N PRO E 182 -19.83 -6.76 -0.29
CA PRO E 182 -20.41 -6.14 0.90
C PRO E 182 -20.33 -7.05 2.13
N ALA E 183 -20.47 -6.46 3.31
CA ALA E 183 -20.23 -7.15 4.56
C ALA E 183 -21.26 -8.24 4.82
N GLY E 184 -20.78 -9.39 5.30
CA GLY E 184 -21.64 -10.44 5.85
C GLY E 184 -22.43 -11.29 4.87
N VAL E 185 -21.91 -11.47 3.66
CA VAL E 185 -22.60 -12.24 2.62
C VAL E 185 -21.78 -13.45 2.17
N ARG E 186 -22.47 -14.50 1.73
CA ARG E 186 -21.83 -15.61 1.01
C ARG E 186 -22.34 -15.68 -0.42
N ILE E 187 -21.42 -15.80 -1.38
CA ILE E 187 -21.74 -15.98 -2.80
C ILE E 187 -20.83 -17.08 -3.35
N ALA E 188 -21.39 -18.29 -3.47
CA ALA E 188 -20.61 -19.51 -3.75
C ALA E 188 -19.94 -19.46 -5.11
N ASP E 189 -20.70 -19.10 -6.14
CA ASP E 189 -20.17 -18.85 -7.47
C ASP E 189 -20.46 -17.39 -7.82
N THR E 190 -19.44 -16.54 -7.68
CA THR E 190 -19.66 -15.10 -7.86
C THR E 190 -19.92 -14.69 -9.30
N ALA E 191 -19.69 -15.60 -10.24
CA ALA E 191 -20.11 -15.39 -11.62
C ALA E 191 -21.57 -15.03 -11.69
N ARG E 192 -22.37 -15.54 -10.75
CA ARG E 192 -23.81 -15.40 -10.79
C ARG E 192 -24.42 -14.21 -10.06
N VAL E 193 -23.63 -13.20 -9.72
CA VAL E 193 -24.19 -11.96 -9.14
C VAL E 193 -23.59 -10.73 -9.83
N ARG E 194 -24.36 -10.15 -10.73
CA ARG E 194 -23.90 -8.99 -11.52
C ARG E 194 -23.65 -7.75 -10.66
N LEU E 195 -22.65 -6.96 -11.06
CA LEU E 195 -22.48 -5.62 -10.51
C LEU E 195 -23.78 -4.83 -10.62
N GLY E 196 -24.22 -4.27 -9.50
CA GLY E 196 -25.54 -3.67 -9.40
C GLY E 196 -26.48 -4.45 -8.49
N ALA E 197 -26.12 -5.68 -8.14
CA ALA E 197 -26.92 -6.48 -7.22
C ALA E 197 -26.80 -5.91 -5.82
N TYR E 198 -27.91 -5.94 -5.09
CA TYR E 198 -27.94 -5.57 -3.68
C TYR E 198 -28.06 -6.86 -2.90
N ILE E 199 -27.00 -7.24 -2.21
CA ILE E 199 -26.98 -8.48 -1.44
C ILE E 199 -26.89 -8.09 0.04
N GLY E 200 -27.99 -8.21 0.76
CA GLY E 200 -28.06 -7.72 2.14
C GLY E 200 -27.30 -8.61 3.12
N GLU E 201 -27.04 -8.07 4.31
CA GLU E 201 -26.30 -8.78 5.35
C GLU E 201 -27.02 -10.08 5.75
N GLY E 202 -26.25 -11.15 5.87
CA GLY E 202 -26.77 -12.46 6.27
C GLY E 202 -27.18 -13.32 5.09
N THR E 203 -27.07 -12.79 3.88
CA THR E 203 -27.53 -13.49 2.68
C THR E 203 -26.54 -14.56 2.24
N THR E 204 -27.06 -15.71 1.83
CA THR E 204 -26.25 -16.73 1.16
C THR E 204 -26.80 -16.92 -0.24
N VAL E 205 -25.95 -16.65 -1.24
CA VAL E 205 -26.28 -16.93 -2.63
C VAL E 205 -25.49 -18.17 -3.03
N MET E 206 -26.21 -19.25 -3.30
CA MET E 206 -25.55 -20.53 -3.56
C MET E 206 -25.19 -20.66 -5.03
N HIS E 207 -24.72 -21.83 -5.41
CA HIS E 207 -24.16 -22.07 -6.73
C HIS E 207 -25.23 -21.92 -7.80
N GLU E 208 -26.46 -22.29 -7.45
CA GLU E 208 -27.54 -22.29 -8.42
C GLU E 208 -28.31 -20.97 -8.43
N GLY E 209 -28.08 -20.12 -7.43
CA GLY E 209 -28.71 -18.81 -7.38
C GLY E 209 -28.14 -17.83 -8.40
N PHE E 210 -28.86 -16.73 -8.56
CA PHE E 210 -28.49 -15.67 -9.48
C PHE E 210 -29.14 -14.39 -8.97
N VAL E 211 -28.41 -13.28 -9.00
CA VAL E 211 -29.01 -11.98 -8.69
C VAL E 211 -28.59 -10.96 -9.75
N ASN E 212 -29.58 -10.43 -10.45
CA ASN E 212 -29.36 -9.46 -11.49
C ASN E 212 -29.10 -8.09 -10.87
N PHE E 213 -28.76 -7.13 -11.72
CA PHE E 213 -28.63 -5.73 -11.29
C PHE E 213 -29.99 -5.17 -10.87
N ASN E 214 -29.98 -4.20 -9.96
CA ASN E 214 -31.22 -3.57 -9.48
C ASN E 214 -32.18 -4.59 -8.86
N ALA E 215 -31.61 -5.55 -8.15
CA ALA E 215 -32.37 -6.63 -7.54
C ALA E 215 -31.56 -7.14 -6.38
N GLY E 216 -32.16 -8.03 -5.59
CA GLY E 216 -31.45 -8.71 -4.52
C GLY E 216 -32.27 -8.87 -3.26
N THR E 217 -31.60 -8.83 -2.10
CA THR E 217 -32.19 -9.27 -0.85
C THR E 217 -31.99 -8.32 0.32
N GLU E 218 -33.02 -8.14 1.13
CA GLU E 218 -32.88 -7.38 2.38
C GLU E 218 -31.85 -8.05 3.28
N GLY E 219 -31.88 -9.38 3.34
CA GLY E 219 -31.07 -10.13 4.29
C GLY E 219 -31.87 -10.39 5.57
N PRO E 220 -31.67 -11.55 6.22
CA PRO E 220 -30.85 -12.68 5.78
C PRO E 220 -31.68 -13.53 4.84
N GLY E 221 -31.06 -14.52 4.22
CA GLY E 221 -31.78 -15.36 3.27
C GLY E 221 -30.90 -16.38 2.59
N MET E 222 -31.52 -17.45 2.11
CA MET E 222 -30.85 -18.45 1.29
C MET E 222 -31.38 -18.26 -0.11
N ILE E 223 -30.48 -18.03 -1.06
CA ILE E 223 -30.86 -17.81 -2.43
C ILE E 223 -30.23 -18.91 -3.28
N GLU E 224 -31.07 -19.78 -3.81
CA GLU E 224 -30.64 -20.87 -4.68
C GLU E 224 -31.31 -20.79 -6.05
N GLY E 225 -32.10 -19.74 -6.27
CA GLY E 225 -32.81 -19.52 -7.53
C GLY E 225 -32.53 -18.14 -8.09
N ARG E 226 -33.18 -17.83 -9.21
CA ARG E 226 -32.98 -16.57 -9.91
C ARG E 226 -33.78 -15.45 -9.26
N VAL E 227 -33.09 -14.36 -8.93
CA VAL E 227 -33.72 -13.13 -8.47
C VAL E 227 -33.53 -12.14 -9.61
N SER E 228 -34.58 -11.94 -10.42
CA SER E 228 -34.47 -11.18 -11.66
C SER E 228 -34.31 -9.69 -11.42
N ALA E 229 -33.88 -9.00 -12.48
CA ALA E 229 -33.79 -7.54 -12.46
C ALA E 229 -35.10 -6.93 -11.92
N GLY E 230 -34.97 -5.99 -10.98
CA GLY E 230 -36.14 -5.34 -10.40
C GLY E 230 -36.92 -6.16 -9.38
N VAL E 231 -36.25 -7.11 -8.74
CA VAL E 231 -36.89 -7.95 -7.71
C VAL E 231 -36.13 -7.89 -6.38
N PHE E 232 -36.86 -7.65 -5.30
CA PHE E 232 -36.28 -7.49 -3.99
C PHE E 232 -36.92 -8.49 -3.01
N VAL E 233 -36.09 -9.33 -2.44
CA VAL E 233 -36.54 -10.44 -1.61
C VAL E 233 -36.40 -10.06 -0.15
N GLY E 234 -37.54 -9.93 0.52
CA GLY E 234 -37.60 -9.48 1.91
C GLY E 234 -36.92 -10.39 2.93
N LYS E 235 -36.62 -9.81 4.08
CA LYS E 235 -35.87 -10.47 5.16
C LYS E 235 -36.38 -11.86 5.50
N GLY E 236 -35.46 -12.82 5.55
CA GLY E 236 -35.78 -14.16 6.06
C GLY E 236 -36.28 -15.14 5.02
N SER E 237 -36.49 -14.66 3.79
CA SER E 237 -37.01 -15.50 2.72
C SER E 237 -35.95 -16.45 2.17
N ASP E 238 -36.43 -17.59 1.66
CA ASP E 238 -35.58 -18.62 1.06
C ASP E 238 -36.08 -18.96 -0.34
N LEU E 239 -35.17 -18.93 -1.30
CA LEU E 239 -35.50 -19.21 -2.70
C LEU E 239 -34.92 -20.56 -3.12
N GLY E 240 -35.81 -21.51 -3.44
CA GLY E 240 -35.41 -22.88 -3.76
C GLY E 240 -34.52 -23.05 -4.98
N GLY E 241 -33.79 -24.16 -5.02
CA GLY E 241 -32.85 -24.47 -6.09
C GLY E 241 -33.48 -24.38 -7.46
N GLY E 242 -32.92 -23.52 -8.31
CA GLY E 242 -33.44 -23.31 -9.65
C GLY E 242 -34.82 -22.69 -9.71
N CYS E 243 -35.32 -22.17 -8.59
CA CYS E 243 -36.60 -21.44 -8.60
C CYS E 243 -36.40 -20.14 -9.37
N SER E 244 -37.49 -19.57 -9.86
CA SER E 244 -37.42 -18.38 -10.73
C SER E 244 -38.34 -17.27 -10.27
N THR E 245 -37.94 -16.04 -10.57
CA THR E 245 -38.83 -14.89 -10.52
C THR E 245 -38.90 -14.36 -11.95
N MET E 246 -40.04 -13.82 -12.33
CA MET E 246 -40.18 -13.20 -13.65
C MET E 246 -39.88 -11.69 -13.54
N GLY E 247 -39.21 -11.16 -14.56
CA GLY E 247 -38.90 -9.73 -14.62
C GLY E 247 -40.04 -8.95 -15.24
N ASN E 254 -47.25 -2.32 -15.93
CA ASN E 254 -46.84 -3.64 -15.48
C ASN E 254 -46.68 -3.74 -13.97
N ILE E 255 -46.79 -4.98 -13.47
CA ILE E 255 -46.56 -5.29 -12.06
C ILE E 255 -45.11 -5.75 -11.84
N VAL E 256 -44.40 -5.03 -10.98
CA VAL E 256 -43.05 -5.41 -10.59
C VAL E 256 -43.13 -6.54 -9.56
N ILE E 257 -42.38 -7.61 -9.81
CA ILE E 257 -42.38 -8.78 -8.93
C ILE E 257 -41.52 -8.53 -7.70
N SER E 258 -42.03 -8.93 -6.54
CA SER E 258 -41.32 -8.85 -5.28
C SER E 258 -41.68 -10.06 -4.43
N VAL E 259 -40.77 -10.42 -3.53
CA VAL E 259 -41.00 -11.47 -2.55
C VAL E 259 -40.99 -10.82 -1.18
N GLY E 260 -41.95 -11.18 -0.34
CA GLY E 260 -42.07 -10.63 1.00
C GLY E 260 -41.10 -11.26 1.98
N GLU E 261 -41.41 -11.10 3.27
CA GLU E 261 -40.56 -11.61 4.35
C GLU E 261 -40.92 -13.05 4.68
N GLY E 262 -39.92 -13.79 5.14
CA GLY E 262 -40.10 -15.18 5.59
C GLY E 262 -40.87 -16.05 4.62
N CYS E 263 -40.47 -16.07 3.35
CA CYS E 263 -41.05 -16.96 2.35
C CYS E 263 -40.21 -18.23 2.17
N LEU E 264 -40.85 -19.28 1.65
CA LEU E 264 -40.19 -20.54 1.34
C LEU E 264 -40.63 -21.02 -0.04
N ILE E 265 -39.86 -20.63 -1.05
CA ILE E 265 -40.12 -21.02 -2.44
C ILE E 265 -39.38 -22.33 -2.73
N GLY E 266 -40.09 -23.30 -3.30
CA GLY E 266 -39.52 -24.61 -3.59
C GLY E 266 -38.71 -24.64 -4.87
N ALA E 267 -37.84 -25.64 -4.99
CA ALA E 267 -36.95 -25.79 -6.15
C ALA E 267 -37.74 -25.86 -7.45
N ASN E 268 -37.21 -25.21 -8.49
CA ASN E 268 -37.84 -25.13 -9.82
C ASN E 268 -39.27 -24.56 -9.80
N ALA E 269 -39.54 -23.65 -8.87
CA ALA E 269 -40.82 -22.93 -8.82
C ALA E 269 -40.66 -21.56 -9.45
N GLY E 270 -41.71 -21.06 -10.08
CA GLY E 270 -41.65 -19.81 -10.84
C GLY E 270 -42.73 -18.81 -10.44
N ILE E 271 -42.34 -17.78 -9.70
CA ILE E 271 -43.30 -16.79 -9.23
C ILE E 271 -43.46 -15.68 -10.28
N GLY E 272 -44.70 -15.47 -10.71
CA GLY E 272 -45.05 -14.40 -11.64
C GLY E 272 -46.04 -13.41 -11.03
N ILE E 273 -46.20 -13.49 -9.71
CA ILE E 273 -47.00 -12.53 -8.95
C ILE E 273 -46.17 -11.98 -7.80
N PRO E 274 -46.44 -10.73 -7.37
CA PRO E 274 -45.82 -10.21 -6.16
C PRO E 274 -46.28 -10.96 -4.91
N LEU E 275 -45.38 -11.78 -4.36
CA LEU E 275 -45.74 -12.62 -3.22
C LEU E 275 -45.72 -11.82 -1.93
N GLY E 276 -46.76 -12.00 -1.12
CA GLY E 276 -46.83 -11.39 0.22
C GLY E 276 -45.94 -12.13 1.22
N ASP E 277 -46.05 -11.76 2.48
CA ASP E 277 -45.18 -12.31 3.53
C ASP E 277 -45.58 -13.74 3.92
N ARG E 278 -44.61 -14.51 4.37
CA ARG E 278 -44.85 -15.89 4.86
C ARG E 278 -45.56 -16.79 3.84
N ASN E 279 -45.21 -16.63 2.57
CA ASN E 279 -45.76 -17.47 1.51
C ASN E 279 -44.94 -18.73 1.26
N ILE E 280 -45.62 -19.80 0.85
CA ILE E 280 -44.97 -21.05 0.49
C ILE E 280 -45.40 -21.47 -0.91
N VAL E 281 -44.44 -21.78 -1.78
CA VAL E 281 -44.71 -22.28 -3.12
C VAL E 281 -44.02 -23.64 -3.28
N GLU E 282 -44.78 -24.65 -3.69
CA GLU E 282 -44.26 -26.02 -3.73
C GLU E 282 -43.29 -26.22 -4.90
N ALA E 283 -42.33 -27.13 -4.70
CA ALA E 283 -41.27 -27.38 -5.68
C ALA E 283 -41.82 -27.85 -7.03
N GLY E 284 -41.82 -26.94 -8.00
CA GLY E 284 -42.26 -27.25 -9.37
C GLY E 284 -43.34 -26.33 -9.91
N LEU E 285 -43.99 -25.58 -9.01
CA LEU E 285 -45.17 -24.80 -9.37
C LEU E 285 -44.82 -23.51 -10.12
N TYR E 286 -45.49 -23.28 -11.25
CA TYR E 286 -45.39 -22.02 -11.98
C TYR E 286 -46.71 -21.27 -11.91
N ILE E 287 -46.69 -20.12 -11.26
CA ILE E 287 -47.91 -19.38 -10.98
C ILE E 287 -47.80 -17.93 -11.44
N THR E 288 -48.11 -17.70 -12.72
CA THR E 288 -48.21 -16.36 -13.27
C THR E 288 -49.50 -15.70 -12.78
N ALA E 289 -49.73 -14.46 -13.20
CA ALA E 289 -50.97 -13.76 -12.88
C ALA E 289 -52.20 -14.50 -13.39
N GLY E 290 -52.13 -14.96 -14.63
CA GLY E 290 -53.28 -15.55 -15.32
C GLY E 290 -53.66 -16.98 -14.98
N THR E 291 -52.82 -17.68 -14.21
CA THR E 291 -53.12 -19.05 -13.81
C THR E 291 -54.30 -19.08 -12.82
N LYS E 292 -55.22 -20.03 -13.03
CA LYS E 292 -56.38 -20.18 -12.13
C LYS E 292 -56.03 -21.12 -10.98
N VAL E 293 -56.10 -20.60 -9.76
CA VAL E 293 -55.76 -21.35 -8.56
C VAL E 293 -57.02 -21.74 -7.79
N ALA E 294 -57.06 -22.99 -7.32
CA ALA E 294 -58.12 -23.45 -6.42
C ALA E 294 -57.86 -22.91 -5.02
N LEU E 295 -58.56 -21.83 -4.67
CA LEU E 295 -58.45 -21.22 -3.36
C LEU E 295 -59.19 -22.05 -2.31
N LEU E 296 -58.44 -22.62 -1.37
CA LEU E 296 -58.99 -23.40 -0.26
C LEU E 296 -59.05 -22.57 1.02
N ASP E 297 -59.64 -23.14 2.07
CA ASP E 297 -59.92 -22.41 3.32
C ASP E 297 -59.35 -23.14 4.55
N GLU E 298 -59.53 -22.52 5.73
CA GLU E 298 -59.17 -23.15 7.01
C GLU E 298 -60.14 -24.28 7.36
N ASN E 300 -58.98 -28.01 4.60
CA ASN E 300 -58.91 -27.57 3.21
C ASN E 300 -60.18 -27.91 2.41
N ALA E 301 -61.00 -26.89 2.15
CA ALA E 301 -62.20 -27.03 1.33
C ALA E 301 -62.30 -25.89 0.32
N LEU E 302 -62.90 -26.15 -0.84
CA LEU E 302 -62.93 -25.17 -1.93
C LEU E 302 -63.90 -24.01 -1.68
N VAL E 303 -63.35 -22.85 -1.34
CA VAL E 303 -64.14 -21.61 -1.28
C VAL E 303 -64.53 -21.22 -2.70
N LYS E 304 -63.52 -21.09 -3.55
CA LYS E 304 -63.73 -20.73 -4.96
C LYS E 304 -62.44 -20.92 -5.77
N VAL E 305 -62.54 -20.71 -7.08
CA VAL E 305 -61.36 -20.61 -7.95
C VAL E 305 -61.10 -19.13 -8.22
N VAL E 306 -59.83 -18.78 -8.36
CA VAL E 306 -59.43 -17.39 -8.64
C VAL E 306 -58.16 -17.34 -9.50
N LYS E 307 -57.96 -16.21 -10.17
CA LYS E 307 -56.71 -15.94 -10.89
C LYS E 307 -55.64 -15.56 -9.88
N ALA E 308 -54.43 -16.10 -10.04
CA ALA E 308 -53.34 -15.91 -9.06
C ALA E 308 -53.06 -14.44 -8.74
N ARG E 309 -53.20 -13.57 -9.74
CA ARG E 309 -52.92 -12.13 -9.58
C ARG E 309 -53.74 -11.48 -8.45
N ASP E 310 -54.93 -12.01 -8.19
CA ASP E 310 -55.78 -11.55 -7.08
C ASP E 310 -55.12 -11.84 -5.74
N LEU E 311 -54.44 -12.98 -5.65
CA LEU E 311 -53.77 -13.41 -4.41
C LEU E 311 -52.39 -12.74 -4.20
N ALA E 312 -52.04 -11.77 -5.04
CA ALA E 312 -50.75 -11.08 -4.95
C ALA E 312 -50.62 -10.25 -3.67
N GLY E 313 -49.47 -10.34 -3.02
CA GLY E 313 -49.16 -9.53 -1.85
C GLY E 313 -50.01 -9.81 -0.62
N GLN E 314 -50.55 -11.03 -0.52
CA GLN E 314 -51.40 -11.41 0.62
C GLN E 314 -50.63 -12.32 1.59
N PRO E 315 -50.62 -11.97 2.88
CA PRO E 315 -49.79 -12.71 3.84
C PRO E 315 -50.37 -14.07 4.23
N ASP E 316 -49.49 -15.01 4.58
CA ASP E 316 -49.86 -16.35 5.03
C ASP E 316 -50.61 -17.18 3.97
N LEU E 317 -49.95 -17.41 2.83
CA LEU E 317 -50.51 -18.27 1.78
C LEU E 317 -49.66 -19.54 1.61
N LEU E 318 -50.27 -20.59 1.09
CA LEU E 318 -49.56 -21.82 0.73
C LEU E 318 -50.05 -22.34 -0.62
N PHE E 319 -49.24 -22.14 -1.65
CA PHE E 319 -49.54 -22.65 -2.99
C PHE E 319 -48.99 -24.08 -3.12
N ARG E 320 -49.69 -24.89 -3.92
CA ARG E 320 -49.31 -26.30 -4.12
C ARG E 320 -50.11 -26.92 -5.25
N ARG E 321 -49.72 -28.14 -5.63
CA ARG E 321 -50.46 -28.92 -6.63
C ARG E 321 -50.90 -30.25 -6.03
N ASN E 322 -51.95 -30.82 -6.59
CA ASN E 322 -52.43 -32.14 -6.21
C ASN E 322 -51.73 -33.22 -7.04
N SER E 323 -51.29 -34.29 -6.39
CA SER E 323 -50.57 -35.37 -7.08
C SER E 323 -51.51 -36.43 -7.70
N GLN E 324 -52.81 -36.28 -7.49
CA GLN E 324 -53.82 -37.19 -8.07
C GLN E 324 -54.41 -36.62 -9.36
N ASN E 325 -55.11 -35.50 -9.25
CA ASN E 325 -55.84 -34.91 -10.39
C ASN E 325 -55.12 -33.74 -11.08
N GLY E 326 -54.19 -33.10 -10.36
CA GLY E 326 -53.41 -31.99 -10.92
C GLY E 326 -54.10 -30.65 -10.80
N ALA E 327 -54.54 -30.30 -9.59
CA ALA E 327 -55.15 -29.00 -9.31
C ALA E 327 -54.19 -28.09 -8.54
N VAL E 328 -54.03 -26.86 -9.03
CA VAL E 328 -53.22 -25.84 -8.36
C VAL E 328 -54.01 -25.27 -7.17
N GLU E 329 -53.55 -25.59 -5.96
CA GLU E 329 -54.26 -25.22 -4.73
C GLU E 329 -53.58 -24.09 -4.00
N CYS E 330 -54.36 -23.21 -3.39
CA CYS E 330 -53.85 -22.18 -2.50
C CYS E 330 -54.59 -22.23 -1.16
N LYS E 331 -53.93 -22.81 -0.15
CA LYS E 331 -54.52 -22.96 1.18
C LYS E 331 -54.25 -21.73 2.06
N THR E 332 -55.19 -21.42 2.94
CA THR E 332 -55.05 -20.35 3.93
C THR E 332 -55.40 -20.86 5.32
N GLN F 6 -1.01 -45.53 20.24
CA GLN F 6 -2.18 -45.90 19.39
C GLN F 6 -1.90 -45.70 17.91
N SER F 7 -2.76 -46.26 17.07
CA SER F 7 -2.72 -46.04 15.63
C SER F 7 -3.69 -44.90 15.30
N LEU F 8 -3.17 -43.78 14.81
CA LEU F 8 -4.00 -42.57 14.60
C LEU F 8 -5.09 -42.79 13.55
N PHE F 9 -6.13 -41.98 13.64
CA PHE F 9 -7.11 -41.89 12.56
C PHE F 9 -6.41 -41.30 11.33
N SER F 10 -5.77 -40.14 11.50
CA SER F 10 -5.20 -39.43 10.36
C SER F 10 -4.02 -38.53 10.71
N LEU F 11 -3.10 -38.39 9.76
CA LEU F 11 -2.05 -37.40 9.85
C LEU F 11 -1.90 -36.71 8.50
N ALA F 12 -1.61 -35.42 8.54
CA ALA F 12 -1.48 -34.62 7.33
C ALA F 12 -0.60 -33.41 7.58
N PHE F 13 0.38 -33.20 6.71
CA PHE F 13 1.25 -32.03 6.75
C PHE F 13 0.74 -30.99 5.76
N GLY F 14 0.39 -29.80 6.26
CA GLY F 14 -0.17 -28.75 5.43
C GLY F 14 0.66 -27.50 5.21
N VAL F 15 0.31 -26.76 4.17
CA VAL F 15 0.74 -25.38 3.98
C VAL F 15 -0.54 -24.60 3.64
N GLY F 16 -0.82 -23.56 4.43
CA GLY F 16 -2.08 -22.82 4.33
C GLY F 16 -1.83 -21.32 4.35
N THR F 17 -2.88 -20.55 4.60
CA THR F 17 -2.75 -19.09 4.69
C THR F 17 -3.45 -18.58 5.94
N GLN F 18 -2.87 -17.53 6.52
CA GLN F 18 -3.43 -16.90 7.70
C GLN F 18 -3.73 -15.43 7.40
N ASN F 19 -4.77 -14.89 8.04
CA ASN F 19 -5.10 -13.46 7.91
C ASN F 19 -4.17 -12.62 8.81
N ARG F 20 -4.12 -11.31 8.59
CA ARG F 20 -3.23 -10.41 9.34
C ARG F 20 -3.12 -10.74 10.84
N GLN F 21 -4.22 -11.25 11.42
CA GLN F 21 -4.25 -11.65 12.83
C GLN F 21 -3.88 -13.13 13.08
N GLU F 22 -3.42 -13.82 12.02
CA GLU F 22 -2.93 -15.21 12.11
C GLU F 22 -4.01 -16.30 12.33
N ALA F 23 -5.29 -15.94 12.16
CA ALA F 23 -6.36 -16.93 12.14
C ALA F 23 -6.28 -17.66 10.80
N TRP F 24 -6.38 -18.99 10.83
CA TRP F 24 -6.23 -19.81 9.62
C TRP F 24 -7.42 -19.59 8.70
N LEU F 25 -7.15 -19.33 7.43
CA LEU F 25 -8.21 -19.17 6.43
C LEU F 25 -8.46 -20.47 5.69
N GLU F 26 -7.38 -21.14 5.32
CA GLU F 26 -7.47 -22.42 4.62
C GLU F 26 -6.18 -23.19 4.83
N VAL F 27 -6.22 -24.49 4.52
CA VAL F 27 -5.03 -25.33 4.57
C VAL F 27 -5.04 -26.30 3.40
N PHE F 28 -3.89 -26.44 2.75
CA PHE F 28 -3.68 -27.37 1.61
C PHE F 28 -2.86 -28.57 2.08
N TYR F 29 -3.39 -29.77 1.90
CA TYR F 29 -2.71 -31.02 2.25
C TYR F 29 -2.44 -31.81 0.99
N ALA F 30 -1.20 -31.77 0.53
CA ALA F 30 -0.77 -32.43 -0.70
C ALA F 30 -0.94 -33.94 -0.65
N LEU F 31 -0.72 -34.52 0.54
CA LEU F 31 -0.73 -35.98 0.72
C LEU F 31 -1.25 -36.37 2.10
N PRO F 32 -2.57 -36.27 2.31
CA PRO F 32 -3.13 -36.67 3.60
C PRO F 32 -3.18 -38.20 3.77
N LEU F 33 -3.01 -38.65 5.01
CA LEU F 33 -3.01 -40.08 5.32
C LEU F 33 -4.17 -40.49 6.21
N LEU F 34 -4.87 -41.55 5.80
CA LEU F 34 -5.83 -42.25 6.64
C LEU F 34 -5.10 -43.41 7.31
N LYS F 35 -5.15 -43.45 8.63
CA LYS F 35 -4.47 -44.50 9.44
C LYS F 35 -2.98 -44.65 9.09
N PRO F 36 -2.15 -43.64 9.45
CA PRO F 36 -0.72 -43.71 9.18
C PRO F 36 -0.03 -44.81 9.97
N SER F 37 1.15 -45.19 9.52
CA SER F 37 1.93 -46.25 10.17
C SER F 37 2.52 -45.79 11.50
N SER F 38 2.81 -46.74 12.37
CA SER F 38 3.41 -46.43 13.67
C SER F 38 4.88 -46.00 13.50
N GLU F 39 5.48 -46.38 12.38
CA GLU F 39 6.84 -45.97 12.06
C GLU F 39 6.88 -44.53 11.53
N ILE F 40 5.78 -44.10 10.91
CA ILE F 40 5.63 -42.69 10.52
C ILE F 40 5.33 -41.86 11.76
N VAL F 41 4.36 -42.32 12.55
CA VAL F 41 3.91 -41.59 13.75
C VAL F 41 5.00 -41.44 14.82
N ALA F 42 5.98 -42.36 14.83
CA ALA F 42 7.09 -42.33 15.77
C ALA F 42 8.26 -41.45 15.31
N ALA F 43 8.51 -41.45 14.01
CA ALA F 43 9.56 -40.59 13.44
C ALA F 43 9.20 -39.12 13.49
N VAL F 44 7.88 -38.84 13.52
CA VAL F 44 7.36 -37.49 13.46
C VAL F 44 6.90 -36.98 14.84
N ALA F 45 6.42 -37.90 15.68
CA ALA F 45 5.75 -37.56 16.94
C ALA F 45 6.50 -36.58 17.86
N PRO F 46 7.78 -36.86 18.16
CA PRO F 46 8.51 -36.00 19.11
C PRO F 46 8.92 -34.65 18.49
N ILE F 47 9.24 -34.65 17.19
CA ILE F 47 9.73 -33.45 16.51
C ILE F 47 8.69 -32.32 16.54
N LEU F 48 7.43 -32.68 16.29
CA LEU F 48 6.31 -31.71 16.29
C LEU F 48 5.76 -31.43 17.69
N GLY F 49 6.10 -32.28 18.65
CA GLY F 49 5.63 -32.15 20.03
C GLY F 49 4.22 -32.64 20.22
N TYR F 50 3.87 -33.74 19.53
CA TYR F 50 2.55 -34.35 19.66
C TYR F 50 2.55 -35.47 20.69
N ALA F 51 1.46 -35.56 21.45
CA ALA F 51 1.32 -36.52 22.54
C ALA F 51 0.01 -37.33 22.48
N ALA F 52 -1.14 -36.66 22.33
CA ALA F 52 -2.44 -37.35 22.37
C ALA F 52 -3.63 -36.54 21.82
N GLY F 53 -4.73 -37.24 21.57
CA GLY F 53 -5.98 -36.62 21.10
C GLY F 53 -5.88 -36.11 19.67
N ASN F 54 -6.76 -35.17 19.32
CA ASN F 54 -6.76 -34.53 18.00
C ASN F 54 -6.20 -33.11 18.09
N GLN F 55 -5.09 -32.87 17.40
CA GLN F 55 -4.32 -31.63 17.52
C GLN F 55 -3.96 -31.04 16.16
N ALA F 56 -3.94 -29.71 16.08
CA ALA F 56 -3.45 -28.98 14.90
C ALA F 56 -2.19 -28.19 15.25
N LEU F 57 -1.03 -28.77 14.93
CA LEU F 57 0.27 -28.28 15.43
C LEU F 57 1.13 -27.64 14.36
N THR F 58 1.57 -26.41 14.60
CA THR F 58 2.42 -25.68 13.66
C THR F 58 3.88 -26.17 13.71
N PHE F 59 4.57 -26.08 12.57
CA PHE F 59 6.01 -26.35 12.54
C PHE F 59 6.76 -25.45 11.55
N THR F 60 8.07 -25.34 11.79
CA THR F 60 8.97 -24.39 11.14
C THR F 60 9.58 -25.04 9.90
N SER F 61 10.24 -24.22 9.09
CA SER F 61 11.09 -24.67 7.99
C SER F 61 12.12 -25.74 8.40
N GLN F 62 12.75 -25.55 9.56
CA GLN F 62 13.83 -26.44 10.02
C GLN F 62 13.28 -27.76 10.51
N GLN F 63 12.17 -27.71 11.25
CA GLN F 63 11.48 -28.91 11.69
C GLN F 63 10.96 -29.73 10.50
N ALA F 64 10.58 -29.04 9.42
CA ALA F 64 10.24 -29.70 8.17
C ALA F 64 11.45 -30.43 7.60
N TYR F 65 12.60 -29.76 7.61
CA TYR F 65 13.88 -30.38 7.23
C TYR F 65 14.21 -31.58 8.13
N GLN F 66 13.95 -31.46 9.43
CA GLN F 66 14.17 -32.55 10.38
C GLN F 66 13.24 -33.72 10.08
N LEU F 67 11.95 -33.43 10.01
CA LEU F 67 10.95 -34.43 9.59
C LEU F 67 11.38 -35.05 8.26
N ALA F 68 11.85 -34.20 7.33
CA ALA F 68 12.27 -34.64 6.00
C ALA F 68 13.37 -35.70 6.09
N ASP F 69 14.41 -35.41 6.86
CA ASP F 69 15.54 -36.33 7.03
C ASP F 69 15.09 -37.56 7.82
N ALA F 70 14.25 -37.33 8.84
CA ALA F 70 13.82 -38.39 9.75
C ALA F 70 12.89 -39.42 9.09
N LEU F 71 12.15 -39.00 8.07
CA LEU F 71 11.23 -39.88 7.36
C LEU F 71 11.86 -40.46 6.09
N LYS F 72 13.15 -40.24 5.90
CA LYS F 72 13.91 -41.00 4.92
C LYS F 72 13.94 -42.45 5.40
N GLY F 73 13.86 -43.37 4.44
CA GLY F 73 13.83 -44.80 4.74
C GLY F 73 12.44 -45.31 5.08
N ILE F 74 11.65 -44.49 5.77
CA ILE F 74 10.31 -44.88 6.22
C ILE F 74 9.27 -44.59 5.14
N ASP F 75 9.20 -43.35 4.68
CA ASP F 75 8.25 -42.95 3.63
C ASP F 75 8.85 -41.90 2.70
N ALA F 76 9.23 -42.33 1.50
CA ALA F 76 9.91 -41.47 0.54
C ALA F 76 9.06 -40.26 0.13
N ALA F 77 7.76 -40.48 -0.04
CA ALA F 77 6.85 -39.47 -0.56
C ALA F 77 6.54 -38.37 0.47
N GLN F 78 6.27 -38.78 1.70
CA GLN F 78 6.08 -37.82 2.79
C GLN F 78 7.38 -37.05 3.04
N SER F 79 8.49 -37.77 3.13
CA SER F 79 9.81 -37.15 3.26
C SER F 79 10.07 -36.11 2.16
N ALA F 80 9.75 -36.47 0.91
CA ALA F 80 9.98 -35.59 -0.23
C ALA F 80 9.08 -34.35 -0.22
N LEU F 81 7.86 -34.49 0.29
CA LEU F 81 6.96 -33.36 0.47
C LEU F 81 7.53 -32.40 1.51
N LEU F 82 7.92 -32.95 2.65
CA LEU F 82 8.46 -32.17 3.75
C LEU F 82 9.71 -31.39 3.34
N SER F 83 10.46 -31.93 2.37
CA SER F 83 11.58 -31.22 1.77
C SER F 83 11.10 -30.03 0.94
N ARG F 84 10.00 -30.20 0.23
CA ARG F 84 9.38 -29.10 -0.50
C ARG F 84 8.75 -28.09 0.45
N LEU F 85 8.06 -28.58 1.48
CA LEU F 85 7.39 -27.73 2.48
C LEU F 85 8.37 -26.80 3.21
N ALA F 86 9.61 -27.24 3.33
CA ALA F 86 10.66 -26.46 4.00
C ALA F 86 11.02 -25.16 3.28
N GLU F 87 10.79 -25.15 1.96
CA GLU F 87 11.04 -23.97 1.13
C GLU F 87 9.79 -23.08 1.07
N SER F 88 8.80 -23.36 1.91
CA SER F 88 7.53 -22.65 1.85
C SER F 88 7.63 -21.24 2.42
N GLN F 89 7.14 -20.31 1.62
CA GLN F 89 6.99 -18.94 2.02
C GLN F 89 5.77 -18.84 2.93
N LYS F 90 4.78 -19.69 2.66
CA LYS F 90 3.56 -19.76 3.47
C LYS F 90 3.73 -20.69 4.68
N PRO F 91 2.91 -20.48 5.73
CA PRO F 91 3.02 -21.22 7.00
C PRO F 91 2.63 -22.72 6.96
N LEU F 92 3.08 -23.48 7.95
CA LEU F 92 2.82 -24.92 8.03
C LEU F 92 2.07 -25.35 9.29
N VAL F 93 1.41 -26.51 9.20
CA VAL F 93 0.64 -27.07 10.30
C VAL F 93 0.50 -28.57 10.10
N ALA F 94 0.99 -29.33 11.09
CA ALA F 94 0.83 -30.77 11.11
C ALA F 94 -0.38 -31.09 11.98
N THR F 95 -1.42 -31.59 11.33
CA THR F 95 -2.62 -32.02 12.04
CA THR F 95 -2.64 -32.03 12.01
C THR F 95 -2.50 -33.52 12.30
N LEU F 96 -2.78 -33.93 13.54
CA LEU F 96 -2.74 -35.35 13.94
C LEU F 96 -4.01 -35.69 14.69
N LEU F 97 -4.81 -36.59 14.12
CA LEU F 97 -6.10 -37.00 14.65
C LEU F 97 -6.04 -38.44 15.20
N ALA F 98 -5.94 -38.56 16.52
CA ALA F 98 -5.93 -39.89 17.16
C ALA F 98 -7.33 -40.52 17.07
N GLU F 99 -8.34 -39.66 17.06
CA GLU F 99 -9.72 -40.08 16.92
C GLU F 99 -10.32 -39.36 15.74
N ASP F 100 -11.25 -40.05 15.07
CA ASP F 100 -12.21 -39.42 14.18
C ASP F 100 -13.37 -38.97 15.09
N ALA F 101 -13.58 -37.67 15.19
CA ALA F 101 -14.66 -37.12 16.02
C ALA F 101 -14.99 -35.69 15.59
N ALA F 102 -16.03 -35.12 16.19
CA ALA F 102 -16.43 -33.74 15.90
C ALA F 102 -15.20 -32.85 15.87
N PRO F 103 -14.90 -32.21 14.73
CA PRO F 103 -13.64 -31.49 14.56
C PRO F 103 -13.50 -30.28 15.47
N SER F 104 -12.28 -30.02 15.92
CA SER F 104 -12.00 -29.02 16.95
C SER F 104 -11.06 -27.90 16.46
N SER F 105 -10.94 -27.77 15.14
CA SER F 105 -10.17 -26.68 14.54
C SER F 105 -10.51 -26.49 13.06
N THR F 106 -10.06 -25.37 12.52
CA THR F 106 -10.12 -25.08 11.08
C THR F 106 -9.20 -26.00 10.30
N ALA F 107 -8.00 -26.21 10.81
CA ALA F 107 -7.02 -27.07 10.17
C ALA F 107 -7.45 -28.54 10.15
N GLU F 108 -8.31 -28.95 11.09
CA GLU F 108 -8.89 -30.30 11.09
C GLU F 108 -10.10 -30.36 10.16
N ALA F 109 -10.92 -29.30 10.15
CA ALA F 109 -12.07 -29.24 9.23
C ALA F 109 -11.60 -29.45 7.78
N TYR F 110 -10.45 -28.86 7.44
CA TYR F 110 -9.85 -28.95 6.10
C TYR F 110 -9.15 -30.28 5.87
N LEU F 111 -8.77 -30.99 6.93
CA LEU F 111 -8.14 -32.29 6.76
C LEU F 111 -9.21 -33.26 6.35
N LYS F 112 -10.32 -33.24 7.06
CA LYS F 112 -11.40 -34.17 6.83
C LYS F 112 -12.00 -34.00 5.45
N LEU F 113 -12.30 -32.76 5.08
CA LEU F 113 -12.77 -32.45 3.73
C LEU F 113 -11.81 -32.99 2.65
N HIS F 114 -10.50 -32.88 2.89
CA HIS F 114 -9.46 -33.48 2.03
C HIS F 114 -9.58 -35.00 1.99
N LEU F 115 -9.91 -35.62 3.14
CA LEU F 115 -10.02 -37.08 3.21
C LEU F 115 -11.11 -37.62 2.27
N LEU F 116 -12.25 -36.94 2.26
CA LEU F 116 -13.35 -37.27 1.34
C LEU F 116 -12.96 -37.01 -0.14
N SER F 117 -12.39 -35.86 -0.41
CA SER F 117 -12.07 -35.46 -1.79
C SER F 117 -10.85 -36.19 -2.37
N HIS F 118 -10.01 -36.74 -1.50
CA HIS F 118 -9.00 -37.71 -1.92
C HIS F 118 -9.56 -39.15 -1.97
N ARG F 119 -10.84 -39.30 -1.63
CA ARG F 119 -11.54 -40.59 -1.55
C ARG F 119 -10.87 -41.60 -0.62
N LEU F 120 -10.29 -41.13 0.48
CA LEU F 120 -9.75 -42.04 1.49
C LEU F 120 -10.89 -42.57 2.37
N VAL F 121 -11.96 -41.77 2.47
CA VAL F 121 -13.14 -42.08 3.25
C VAL F 121 -14.39 -41.71 2.43
N LYS F 122 -15.53 -42.33 2.72
CA LYS F 122 -16.77 -42.07 1.99
C LYS F 122 -17.66 -41.12 2.79
N PRO F 123 -18.61 -40.46 2.10
CA PRO F 123 -19.54 -39.62 2.82
C PRO F 123 -20.24 -40.39 3.93
N HIS F 124 -20.32 -39.79 5.12
CA HIS F 124 -20.85 -40.41 6.35
C HIS F 124 -19.90 -41.40 7.02
N ALA F 125 -18.67 -41.50 6.52
CA ALA F 125 -17.62 -42.28 7.16
C ALA F 125 -16.55 -41.36 7.74
N VAL F 126 -16.93 -40.12 8.03
CA VAL F 126 -16.09 -39.21 8.81
C VAL F 126 -17.00 -38.24 9.57
N ASN F 127 -16.60 -37.87 10.78
CA ASN F 127 -17.43 -37.02 11.64
C ASN F 127 -17.21 -35.53 11.34
N LEU F 128 -18.27 -34.88 10.87
CA LEU F 128 -18.22 -33.47 10.48
C LEU F 128 -19.22 -32.64 11.27
N SER F 129 -19.63 -33.17 12.43
CA SER F 129 -20.49 -32.44 13.35
C SER F 129 -19.82 -31.13 13.77
N GLY F 130 -20.52 -30.02 13.54
CA GLY F 130 -20.07 -28.69 13.97
C GLY F 130 -19.01 -28.02 13.10
N ILE F 131 -18.91 -28.45 11.84
CA ILE F 131 -17.82 -27.98 10.96
C ILE F 131 -17.97 -26.51 10.49
N PHE F 132 -19.18 -26.04 10.24
CA PHE F 132 -19.39 -24.70 9.66
C PHE F 132 -18.70 -23.57 10.43
N PRO F 133 -18.85 -23.52 11.76
CA PRO F 133 -18.11 -22.55 12.57
C PRO F 133 -16.59 -22.54 12.38
N LEU F 134 -16.05 -23.68 11.96
CA LEU F 134 -14.62 -23.86 11.84
C LEU F 134 -14.13 -23.52 10.44
N LEU F 135 -15.08 -23.32 9.52
CA LEU F 135 -14.79 -22.97 8.13
C LEU F 135 -15.14 -21.48 7.95
N PRO F 136 -14.13 -20.60 8.08
CA PRO F 136 -14.41 -19.16 7.95
C PRO F 136 -14.82 -18.76 6.54
N ASN F 137 -15.66 -17.73 6.46
CA ASN F 137 -16.06 -17.12 5.21
C ASN F 137 -14.89 -16.29 4.66
N VAL F 138 -14.43 -16.64 3.47
CA VAL F 138 -13.17 -16.16 2.91
C VAL F 138 -13.41 -15.63 1.48
N ALA F 139 -12.53 -14.74 1.03
CA ALA F 139 -12.46 -14.35 -0.38
C ALA F 139 -11.50 -15.27 -1.14
N TRP F 140 -12.07 -16.06 -2.04
CA TRP F 140 -11.29 -16.93 -2.90
C TRP F 140 -10.99 -16.20 -4.19
N THR F 141 -9.71 -15.95 -4.41
CA THR F 141 -9.23 -15.10 -5.48
C THR F 141 -8.16 -15.79 -6.30
N ASN F 142 -7.68 -15.11 -7.35
CA ASN F 142 -6.58 -15.66 -8.16
C ASN F 142 -5.23 -15.67 -7.46
N ILE F 143 -5.11 -14.96 -6.33
CA ILE F 143 -3.89 -15.07 -5.50
C ILE F 143 -4.14 -15.93 -4.24
N GLY F 144 -5.19 -16.74 -4.25
CA GLY F 144 -5.53 -17.59 -3.12
C GLY F 144 -6.54 -16.98 -2.16
N ALA F 145 -6.63 -17.56 -0.97
CA ALA F 145 -7.49 -17.03 0.09
C ALA F 145 -7.09 -15.61 0.48
N VAL F 146 -8.10 -14.78 0.72
CA VAL F 146 -7.93 -13.39 1.16
C VAL F 146 -9.00 -13.13 2.19
N ASP F 147 -8.62 -12.60 3.35
CA ASP F 147 -9.60 -12.29 4.39
C ASP F 147 -10.45 -11.08 3.97
N LEU F 148 -11.75 -11.15 4.25
CA LEU F 148 -12.71 -10.12 3.80
C LEU F 148 -12.45 -8.72 4.38
N ALA F 149 -11.59 -8.63 5.40
CA ALA F 149 -11.20 -7.32 5.97
C ALA F 149 -10.03 -6.69 5.20
N GLU F 150 -9.31 -7.51 4.44
CA GLU F 150 -8.13 -7.08 3.71
C GLU F 150 -8.41 -7.01 2.19
N LEU F 151 -9.58 -7.49 1.76
CA LEU F 151 -9.93 -7.59 0.33
C LEU F 151 -10.02 -6.24 -0.38
N ALA F 152 -10.84 -5.34 0.15
CA ALA F 152 -11.15 -4.06 -0.52
C ALA F 152 -9.88 -3.32 -0.91
N GLU F 153 -8.93 -3.33 0.02
CA GLU F 153 -7.66 -2.70 -0.20
C GLU F 153 -6.92 -3.31 -1.38
N LEU F 154 -6.83 -4.64 -1.40
CA LEU F 154 -6.12 -5.35 -2.47
C LEU F 154 -6.77 -5.18 -3.83
N GLN F 155 -8.09 -5.08 -3.83
CA GLN F 155 -8.83 -4.85 -5.07
C GLN F 155 -8.47 -3.52 -5.70
N LEU F 156 -8.40 -2.46 -4.90
CA LEU F 156 -8.01 -1.13 -5.40
C LEU F 156 -6.61 -1.17 -5.99
N GLU F 157 -5.67 -1.69 -5.21
CA GLU F 157 -4.25 -1.69 -5.59
C GLU F 157 -4.01 -2.42 -6.90
N ALA F 158 -4.70 -3.54 -7.10
CA ALA F 158 -4.65 -4.25 -8.36
C ALA F 158 -5.11 -3.33 -9.51
N ARG F 159 -6.19 -2.58 -9.29
CA ARG F 159 -6.74 -1.70 -10.32
C ARG F 159 -5.79 -0.55 -10.68
N LEU F 160 -5.07 -0.05 -9.68
CA LEU F 160 -4.08 1.00 -9.90
C LEU F 160 -2.96 0.56 -10.83
N LYS F 161 -2.60 -0.72 -10.77
CA LYS F 161 -1.54 -1.28 -11.60
C LYS F 161 -2.03 -1.74 -12.98
N GLY F 162 -3.33 -1.68 -13.22
CA GLY F 162 -3.91 -2.19 -14.46
C GLY F 162 -4.07 -3.70 -14.44
N LYS F 163 -4.33 -4.23 -13.25
CA LYS F 163 -4.58 -5.66 -13.07
C LYS F 163 -5.98 -5.87 -12.49
N LEU F 164 -6.37 -7.14 -12.39
CA LEU F 164 -7.62 -7.53 -11.76
C LEU F 164 -7.33 -8.49 -10.62
N LEU F 165 -7.91 -8.22 -9.45
CA LEU F 165 -8.00 -9.24 -8.41
C LEU F 165 -9.35 -9.93 -8.58
N GLU F 166 -9.32 -11.13 -9.15
CA GLU F 166 -10.58 -11.81 -9.42
C GLU F 166 -11.06 -12.50 -8.16
N VAL F 167 -12.32 -12.23 -7.81
CA VAL F 167 -12.95 -12.85 -6.66
C VAL F 167 -14.01 -13.78 -7.22
N PHE F 168 -13.68 -15.06 -7.32
CA PHE F 168 -14.54 -16.03 -8.01
C PHE F 168 -15.49 -16.77 -7.06
N SER F 169 -15.27 -16.59 -5.76
CA SER F 169 -16.16 -17.12 -4.73
C SER F 169 -15.91 -16.40 -3.42
N VAL F 170 -16.99 -16.13 -2.70
CA VAL F 170 -16.92 -15.76 -1.28
C VAL F 170 -17.72 -16.80 -0.48
N ASP F 171 -17.01 -17.71 0.19
CA ASP F 171 -17.67 -18.83 0.85
C ASP F 171 -16.79 -19.47 1.91
N LYS F 172 -17.44 -20.29 2.74
CA LYS F 172 -16.79 -21.12 3.76
C LYS F 172 -16.09 -22.35 3.14
N PHE F 173 -16.54 -22.77 1.96
CA PHE F 173 -15.96 -23.90 1.25
C PHE F 173 -15.32 -23.44 -0.05
N PRO F 174 -14.05 -23.81 -0.27
CA PRO F 174 -13.51 -23.58 -1.60
C PRO F 174 -13.95 -24.68 -2.57
N LYS F 175 -13.64 -24.51 -3.85
CA LYS F 175 -13.83 -25.59 -4.80
C LYS F 175 -12.71 -26.61 -4.67
N MET F 176 -13.10 -27.88 -4.79
CA MET F 176 -12.20 -29.01 -4.60
C MET F 176 -10.94 -28.98 -5.45
N THR F 177 -11.10 -28.74 -6.75
CA THR F 177 -10.02 -28.93 -7.72
C THR F 177 -8.83 -27.97 -7.53
N ASP F 178 -9.00 -26.96 -6.67
CA ASP F 178 -7.89 -26.11 -6.28
C ASP F 178 -7.00 -26.80 -5.23
N TYR F 179 -7.45 -27.95 -4.74
CA TYR F 179 -6.71 -28.77 -3.80
C TYR F 179 -6.40 -30.15 -4.37
N VAL F 180 -7.40 -30.77 -4.99
CA VAL F 180 -7.25 -32.13 -5.51
C VAL F 180 -8.18 -32.39 -6.71
N VAL F 181 -7.64 -33.10 -7.69
CA VAL F 181 -8.39 -33.67 -8.78
C VAL F 181 -8.12 -35.16 -8.69
N PRO F 182 -9.09 -35.92 -8.18
CA PRO F 182 -8.95 -37.36 -8.03
C PRO F 182 -9.09 -38.08 -9.37
N ALA F 183 -8.64 -39.33 -9.41
CA ALA F 183 -8.40 -40.04 -10.67
C ALA F 183 -9.68 -40.39 -11.42
N GLY F 184 -9.65 -40.23 -12.74
CA GLY F 184 -10.73 -40.71 -13.60
C GLY F 184 -12.04 -39.93 -13.57
N VAL F 185 -11.96 -38.64 -13.21
CA VAL F 185 -13.16 -37.82 -13.14
C VAL F 185 -13.11 -36.66 -14.13
N ARG F 186 -14.29 -36.21 -14.54
CA ARG F 186 -14.44 -34.95 -15.25
C ARG F 186 -15.36 -34.03 -14.45
N ILE F 187 -14.99 -32.75 -14.39
CA ILE F 187 -15.82 -31.74 -13.74
C ILE F 187 -15.80 -30.50 -14.63
N ALA F 188 -16.84 -30.34 -15.46
CA ALA F 188 -16.84 -29.32 -16.52
C ALA F 188 -16.66 -27.90 -15.98
N ASP F 189 -17.32 -27.61 -14.87
CA ASP F 189 -17.20 -26.31 -14.20
C ASP F 189 -16.95 -26.58 -12.72
N THR F 190 -15.69 -26.42 -12.33
CA THR F 190 -15.23 -26.85 -11.02
C THR F 190 -15.75 -25.95 -9.89
N ALA F 191 -16.24 -24.76 -10.21
CA ALA F 191 -16.94 -23.94 -9.22
C ALA F 191 -18.01 -24.75 -8.48
N ARG F 192 -18.60 -25.74 -9.16
CA ARG F 192 -19.77 -26.45 -8.63
C ARG F 192 -19.50 -27.74 -7.87
N VAL F 193 -18.24 -28.00 -7.53
CA VAL F 193 -17.91 -29.17 -6.73
C VAL F 193 -17.07 -28.68 -5.54
N ARG F 194 -17.65 -28.74 -4.35
CA ARG F 194 -16.98 -28.21 -3.16
C ARG F 194 -15.91 -29.16 -2.65
N LEU F 195 -14.86 -28.62 -2.05
CA LEU F 195 -13.94 -29.42 -1.28
C LEU F 195 -14.77 -30.20 -0.26
N GLY F 196 -14.54 -31.50 -0.18
CA GLY F 196 -15.35 -32.38 0.66
C GLY F 196 -16.22 -33.30 -0.16
N ALA F 197 -16.41 -32.96 -1.43
CA ALA F 197 -17.12 -33.81 -2.36
C ALA F 197 -16.25 -35.04 -2.63
N TYR F 198 -16.92 -36.18 -2.75
CA TYR F 198 -16.30 -37.45 -3.09
C TYR F 198 -16.77 -37.75 -4.50
N ILE F 199 -15.86 -37.68 -5.46
CA ILE F 199 -16.22 -37.93 -6.86
C ILE F 199 -15.51 -39.21 -7.32
N GLY F 200 -16.30 -40.27 -7.43
CA GLY F 200 -15.76 -41.61 -7.69
C GLY F 200 -15.24 -41.77 -9.10
N GLU F 201 -14.33 -42.73 -9.26
CA GLU F 201 -13.70 -42.99 -10.56
C GLU F 201 -14.76 -43.21 -11.62
N GLY F 202 -14.56 -42.59 -12.77
CA GLY F 202 -15.51 -42.71 -13.88
C GLY F 202 -16.69 -41.77 -13.82
N THR F 203 -16.72 -40.88 -12.83
CA THR F 203 -17.79 -39.89 -12.72
C THR F 203 -17.54 -38.72 -13.66
N THR F 204 -18.61 -38.26 -14.29
CA THR F 204 -18.58 -37.03 -15.05
C THR F 204 -19.59 -36.11 -14.36
N VAL F 205 -19.12 -34.93 -13.98
CA VAL F 205 -19.95 -33.89 -13.39
C VAL F 205 -20.05 -32.79 -14.45
N MET F 206 -21.21 -32.67 -15.06
CA MET F 206 -21.40 -31.71 -16.13
C MET F 206 -21.66 -30.32 -15.54
N HIS F 207 -21.74 -29.36 -16.44
CA HIS F 207 -21.84 -27.96 -16.08
C HIS F 207 -22.99 -27.68 -15.13
N GLU F 208 -24.14 -28.32 -15.37
CA GLU F 208 -25.32 -28.10 -14.56
C GLU F 208 -25.25 -28.89 -13.24
N GLY F 209 -24.34 -29.86 -13.18
CA GLY F 209 -24.12 -30.63 -11.96
C GLY F 209 -23.63 -29.82 -10.78
N PHE F 210 -23.84 -30.37 -9.60
CA PHE F 210 -23.34 -29.78 -8.36
C PHE F 210 -23.14 -30.89 -7.34
N VAL F 211 -22.01 -30.84 -6.62
CA VAL F 211 -21.72 -31.78 -5.53
C VAL F 211 -21.26 -31.04 -4.28
N ASN F 212 -22.05 -31.15 -3.23
CA ASN F 212 -21.75 -30.53 -1.93
C ASN F 212 -20.72 -31.34 -1.17
N PHE F 213 -20.21 -30.78 -0.08
CA PHE F 213 -19.31 -31.50 0.82
C PHE F 213 -20.06 -32.70 1.40
N ASN F 214 -19.33 -33.72 1.84
CA ASN F 214 -19.95 -34.95 2.38
C ASN F 214 -21.00 -35.53 1.46
N ALA F 215 -20.68 -35.60 0.19
CA ALA F 215 -21.62 -36.08 -0.79
C ALA F 215 -20.87 -36.50 -2.02
N GLY F 216 -21.58 -37.11 -2.96
CA GLY F 216 -20.99 -37.44 -4.24
C GLY F 216 -21.36 -38.82 -4.75
N THR F 217 -20.39 -39.46 -5.40
CA THR F 217 -20.65 -40.59 -6.28
C THR F 217 -19.70 -41.76 -6.03
N GLU F 218 -20.24 -42.97 -6.12
CA GLU F 218 -19.40 -44.17 -6.12
C GLU F 218 -18.51 -44.18 -7.35
N GLY F 219 -19.12 -43.90 -8.50
CA GLY F 219 -18.45 -44.03 -9.79
C GLY F 219 -18.75 -45.40 -10.38
N PRO F 220 -19.00 -45.45 -11.71
CA PRO F 220 -19.07 -44.32 -12.62
C PRO F 220 -20.43 -43.65 -12.47
N GLY F 221 -20.69 -42.64 -13.30
CA GLY F 221 -21.99 -41.95 -13.29
C GLY F 221 -21.94 -40.60 -13.97
N MET F 222 -23.10 -40.17 -14.47
CA MET F 222 -23.28 -38.85 -15.06
C MET F 222 -24.02 -38.01 -14.02
N ILE F 223 -23.46 -36.85 -13.68
CA ILE F 223 -24.07 -35.96 -12.71
C ILE F 223 -24.30 -34.60 -13.37
N GLU F 224 -25.53 -34.35 -13.78
CA GLU F 224 -25.92 -33.06 -14.37
C GLU F 224 -26.86 -32.31 -13.45
N GLY F 225 -27.10 -32.88 -12.26
CA GLY F 225 -28.02 -32.31 -11.29
C GLY F 225 -27.34 -32.09 -9.96
N ARG F 226 -28.13 -31.71 -8.96
CA ARG F 226 -27.62 -31.32 -7.65
C ARG F 226 -27.54 -32.52 -6.70
N VAL F 227 -26.32 -32.79 -6.22
CA VAL F 227 -26.07 -33.79 -5.19
C VAL F 227 -25.85 -33.03 -3.89
N SER F 228 -26.87 -33.09 -3.03
CA SER F 228 -26.89 -32.25 -1.84
C SER F 228 -25.98 -32.81 -0.77
N ALA F 229 -25.62 -31.98 0.21
CA ALA F 229 -24.82 -32.44 1.34
C ALA F 229 -25.44 -33.72 1.91
N GLY F 230 -24.62 -34.76 2.05
CA GLY F 230 -25.07 -36.03 2.60
C GLY F 230 -25.74 -36.97 1.62
N VAL F 231 -25.69 -36.67 0.32
CA VAL F 231 -26.31 -37.56 -0.65
C VAL F 231 -25.23 -38.32 -1.39
N PHE F 232 -25.31 -39.65 -1.35
CA PHE F 232 -24.41 -40.53 -2.09
C PHE F 232 -25.14 -41.17 -3.27
N VAL F 233 -24.50 -41.19 -4.44
CA VAL F 233 -25.12 -41.70 -5.65
C VAL F 233 -24.41 -42.97 -6.10
N GLY F 234 -25.17 -44.05 -6.24
CA GLY F 234 -24.62 -45.36 -6.52
C GLY F 234 -24.06 -45.55 -7.92
N LYS F 235 -23.26 -46.61 -8.04
CA LYS F 235 -22.64 -47.03 -9.30
C LYS F 235 -23.63 -47.04 -10.47
N GLY F 236 -23.23 -46.40 -11.57
CA GLY F 236 -23.96 -46.46 -12.84
C GLY F 236 -25.17 -45.54 -12.94
N SER F 237 -25.37 -44.68 -11.94
CA SER F 237 -26.54 -43.80 -11.90
C SER F 237 -26.33 -42.50 -12.66
N ASP F 238 -27.42 -41.94 -13.17
CA ASP F 238 -27.40 -40.71 -13.98
C ASP F 238 -28.41 -39.68 -13.49
N LEU F 239 -27.89 -38.58 -12.98
CA LEU F 239 -28.71 -37.45 -12.54
C LEU F 239 -28.77 -36.44 -13.68
N GLY F 240 -29.98 -36.24 -14.20
CA GLY F 240 -30.19 -35.40 -15.40
C GLY F 240 -30.08 -33.92 -15.12
N GLY F 241 -30.02 -33.13 -16.19
CA GLY F 241 -29.77 -31.70 -16.09
C GLY F 241 -30.74 -30.98 -15.17
N GLY F 242 -30.22 -30.40 -14.08
CA GLY F 242 -31.02 -29.56 -13.19
C GLY F 242 -31.91 -30.32 -12.23
N CYS F 243 -31.72 -31.64 -12.13
CA CYS F 243 -32.46 -32.44 -11.17
C CYS F 243 -31.99 -32.12 -9.77
N SER F 244 -32.81 -32.47 -8.80
CA SER F 244 -32.63 -32.05 -7.42
C SER F 244 -32.67 -33.26 -6.50
N THR F 245 -31.92 -33.15 -5.40
CA THR F 245 -32.08 -34.01 -4.25
C THR F 245 -32.40 -33.07 -3.08
N MET F 246 -33.19 -33.54 -2.12
CA MET F 246 -33.49 -32.74 -0.92
C MET F 246 -32.49 -33.04 0.19
N GLY F 247 -31.72 -32.02 0.60
CA GLY F 247 -30.73 -32.17 1.65
C GLY F 247 -31.36 -32.23 3.03
N ASN F 254 -35.60 -37.96 10.67
CA ASN F 254 -35.37 -37.61 9.28
C ASN F 254 -34.59 -38.70 8.52
N ILE F 255 -34.89 -38.81 7.23
CA ILE F 255 -34.27 -39.79 6.35
C ILE F 255 -33.33 -39.09 5.36
N VAL F 256 -32.06 -39.47 5.38
CA VAL F 256 -31.09 -38.92 4.43
C VAL F 256 -31.43 -39.47 3.05
N ILE F 257 -31.40 -38.59 2.04
CA ILE F 257 -31.67 -38.99 0.67
C ILE F 257 -30.44 -39.66 0.08
N SER F 258 -30.66 -40.72 -0.68
CA SER F 258 -29.59 -41.37 -1.44
C SER F 258 -30.15 -41.87 -2.75
N VAL F 259 -29.27 -42.13 -3.71
CA VAL F 259 -29.63 -42.71 -4.98
C VAL F 259 -28.88 -44.03 -5.14
N GLY F 260 -29.62 -45.08 -5.49
CA GLY F 260 -29.04 -46.42 -5.62
C GLY F 260 -28.25 -46.61 -6.90
N GLU F 261 -28.01 -47.87 -7.24
CA GLU F 261 -27.19 -48.22 -8.39
C GLU F 261 -28.06 -48.36 -9.65
N GLY F 262 -27.57 -47.83 -10.77
CA GLY F 262 -28.26 -47.97 -12.05
C GLY F 262 -29.53 -47.17 -12.19
N CYS F 263 -29.65 -46.06 -11.46
CA CYS F 263 -30.82 -45.20 -11.54
C CYS F 263 -30.72 -44.21 -12.70
N LEU F 264 -31.87 -43.69 -13.13
CA LEU F 264 -31.93 -42.70 -14.22
C LEU F 264 -32.91 -41.61 -13.85
N ILE F 265 -32.39 -40.47 -13.41
CA ILE F 265 -33.23 -39.35 -12.99
C ILE F 265 -33.23 -38.27 -14.09
N GLY F 266 -34.44 -37.93 -14.54
CA GLY F 266 -34.62 -37.00 -15.64
C GLY F 266 -34.32 -35.56 -15.25
N ALA F 267 -34.25 -34.69 -16.25
CA ALA F 267 -33.96 -33.29 -16.02
C ALA F 267 -35.02 -32.59 -15.17
N ASN F 268 -34.56 -31.78 -14.23
CA ASN F 268 -35.41 -31.00 -13.33
C ASN F 268 -36.28 -31.82 -12.36
N ALA F 269 -36.07 -33.14 -12.34
CA ALA F 269 -36.81 -34.00 -11.43
C ALA F 269 -36.35 -33.69 -10.01
N GLY F 270 -37.23 -33.91 -9.05
CA GLY F 270 -36.92 -33.66 -7.65
C GLY F 270 -37.17 -34.90 -6.84
N ILE F 271 -36.10 -35.48 -6.31
CA ILE F 271 -36.26 -36.65 -5.47
C ILE F 271 -36.24 -36.23 -3.99
N GLY F 272 -37.32 -36.56 -3.29
CA GLY F 272 -37.44 -36.28 -1.86
C GLY F 272 -37.60 -37.55 -1.05
N ILE F 273 -37.30 -38.69 -1.67
CA ILE F 273 -37.27 -39.98 -0.98
C ILE F 273 -36.00 -40.73 -1.39
N PRO F 274 -35.47 -41.59 -0.51
CA PRO F 274 -34.37 -42.45 -0.93
C PRO F 274 -34.77 -43.37 -2.08
N LEU F 275 -34.06 -43.27 -3.20
CA LEU F 275 -34.31 -44.12 -4.36
C LEU F 275 -33.53 -45.43 -4.25
N GLY F 276 -34.21 -46.55 -4.49
CA GLY F 276 -33.57 -47.85 -4.57
C GLY F 276 -32.88 -48.05 -5.90
N ASP F 277 -32.28 -49.21 -6.09
CA ASP F 277 -31.51 -49.50 -7.30
C ASP F 277 -32.42 -49.57 -8.51
N ARG F 278 -31.87 -49.22 -9.67
CA ARG F 278 -32.57 -49.32 -10.96
C ARG F 278 -33.91 -48.59 -10.98
N ASN F 279 -34.00 -47.48 -10.24
CA ASN F 279 -35.15 -46.60 -10.28
C ASN F 279 -35.03 -45.58 -11.40
N ILE F 280 -36.15 -45.28 -12.02
CA ILE F 280 -36.23 -44.29 -13.09
C ILE F 280 -37.25 -43.24 -12.67
N VAL F 281 -36.83 -41.98 -12.63
CA VAL F 281 -37.73 -40.88 -12.34
C VAL F 281 -37.85 -40.04 -13.60
N GLU F 282 -39.08 -39.80 -14.04
CA GLU F 282 -39.35 -39.04 -15.25
C GLU F 282 -38.87 -37.61 -15.08
N ALA F 283 -38.49 -36.99 -16.20
CA ALA F 283 -38.06 -35.60 -16.19
C ALA F 283 -39.19 -34.72 -15.67
N GLY F 284 -38.84 -33.76 -14.82
CA GLY F 284 -39.80 -32.78 -14.31
C GLY F 284 -40.73 -33.27 -13.21
N LEU F 285 -40.38 -34.39 -12.59
CA LEU F 285 -41.24 -35.02 -11.59
C LEU F 285 -40.71 -34.76 -10.18
N TYR F 286 -41.55 -34.17 -9.32
CA TYR F 286 -41.20 -33.96 -7.92
C TYR F 286 -41.93 -34.96 -7.05
N ILE F 287 -41.18 -35.65 -6.20
CA ILE F 287 -41.77 -36.60 -5.26
C ILE F 287 -41.15 -36.44 -3.88
N THR F 288 -41.99 -36.09 -2.92
CA THR F 288 -41.59 -35.99 -1.52
C THR F 288 -42.11 -37.20 -0.77
N ALA F 289 -41.80 -37.29 0.52
CA ALA F 289 -42.31 -38.38 1.35
C ALA F 289 -43.83 -38.45 1.33
N GLY F 290 -44.48 -37.29 1.42
CA GLY F 290 -45.94 -37.21 1.52
C GLY F 290 -46.69 -37.42 0.21
N THR F 291 -46.01 -37.27 -0.92
CA THR F 291 -46.64 -37.31 -2.24
C THR F 291 -47.40 -38.61 -2.48
N LYS F 292 -48.64 -38.49 -2.95
CA LYS F 292 -49.49 -39.66 -3.21
C LYS F 292 -49.20 -40.21 -4.61
N VAL F 293 -48.90 -41.51 -4.66
CA VAL F 293 -48.47 -42.17 -5.90
C VAL F 293 -49.46 -43.26 -6.31
N ALA F 294 -49.88 -43.24 -7.57
CA ALA F 294 -50.72 -44.30 -8.13
C ALA F 294 -49.85 -45.51 -8.42
N LEU F 295 -49.78 -46.43 -7.45
CA LEU F 295 -48.96 -47.62 -7.57
C LEU F 295 -49.60 -48.61 -8.54
N LEU F 296 -49.06 -48.68 -9.75
CA LEU F 296 -49.57 -49.59 -10.77
C LEU F 296 -48.85 -50.93 -10.69
N ASP F 297 -49.40 -51.93 -11.40
CA ASP F 297 -48.81 -53.27 -11.44
C ASP F 297 -48.23 -53.59 -12.82
N GLU F 298 -47.67 -54.78 -12.95
CA GLU F 298 -47.02 -55.26 -14.17
C GLU F 298 -47.92 -55.20 -15.43
N ASN F 300 -49.82 -52.12 -16.38
CA ASN F 300 -50.09 -50.87 -15.66
C ASN F 300 -51.56 -50.72 -15.27
N ALA F 301 -51.98 -51.52 -14.30
CA ALA F 301 -53.31 -51.41 -13.71
C ALA F 301 -53.17 -50.91 -12.27
N LEU F 302 -54.07 -50.02 -11.86
CA LEU F 302 -54.02 -49.44 -10.52
C LEU F 302 -54.19 -50.50 -9.44
N VAL F 303 -53.13 -50.69 -8.63
CA VAL F 303 -53.21 -51.56 -7.45
C VAL F 303 -53.84 -50.77 -6.31
N LYS F 304 -53.19 -49.67 -5.95
CA LYS F 304 -53.64 -48.80 -4.87
C LYS F 304 -52.88 -47.48 -4.92
N VAL F 305 -53.32 -46.53 -4.09
CA VAL F 305 -52.61 -45.27 -3.92
C VAL F 305 -51.79 -45.37 -2.63
N VAL F 306 -50.54 -44.95 -2.68
CA VAL F 306 -49.65 -45.02 -1.52
C VAL F 306 -48.79 -43.76 -1.40
N LYS F 307 -48.29 -43.50 -0.19
CA LYS F 307 -47.39 -42.38 0.05
C LYS F 307 -45.99 -42.76 -0.44
N ALA F 308 -45.35 -41.88 -1.20
CA ALA F 308 -44.05 -42.17 -1.80
C ALA F 308 -43.02 -42.70 -0.79
N ARG F 309 -43.11 -42.25 0.46
CA ARG F 309 -42.21 -42.71 1.53
C ARG F 309 -42.25 -44.23 1.70
N ASP F 310 -43.41 -44.83 1.43
CA ASP F 310 -43.58 -46.29 1.51
C ASP F 310 -42.86 -47.02 0.38
N LEU F 311 -42.54 -46.30 -0.69
CA LEU F 311 -41.79 -46.86 -1.83
C LEU F 311 -40.28 -46.65 -1.71
N ALA F 312 -39.83 -46.01 -0.64
CA ALA F 312 -38.42 -45.65 -0.45
C ALA F 312 -37.50 -46.86 -0.37
N GLY F 313 -36.34 -46.76 -1.02
CA GLY F 313 -35.31 -47.80 -0.98
C GLY F 313 -35.69 -49.10 -1.67
N GLN F 314 -36.71 -49.05 -2.53
CA GLN F 314 -37.20 -50.24 -3.21
C GLN F 314 -36.70 -50.26 -4.66
N PRO F 315 -36.19 -51.41 -5.12
CA PRO F 315 -35.60 -51.48 -6.45
C PRO F 315 -36.62 -51.56 -7.58
N ASP F 316 -36.16 -51.30 -8.80
CA ASP F 316 -36.93 -51.58 -10.02
C ASP F 316 -38.26 -50.84 -10.12
N LEU F 317 -38.27 -49.59 -9.67
CA LEU F 317 -39.45 -48.74 -9.74
C LEU F 317 -39.31 -47.75 -10.90
N LEU F 318 -40.44 -47.40 -11.49
CA LEU F 318 -40.48 -46.36 -12.51
C LEU F 318 -41.51 -45.32 -12.11
N PHE F 319 -41.05 -44.10 -11.80
CA PHE F 319 -41.93 -42.99 -11.49
C PHE F 319 -42.17 -42.16 -12.75
N ARG F 320 -43.39 -41.66 -12.89
CA ARG F 320 -43.77 -40.85 -14.04
C ARG F 320 -45.04 -40.06 -13.73
N ARG F 321 -45.38 -39.13 -14.61
CA ARG F 321 -46.65 -38.40 -14.51
C ARG F 321 -47.51 -38.71 -15.73
N ASN F 322 -48.80 -38.94 -15.50
CA ASN F 322 -49.76 -39.14 -16.57
C ASN F 322 -49.97 -37.82 -17.32
N SER F 323 -50.01 -37.89 -18.65
CA SER F 323 -50.12 -36.69 -19.49
C SER F 323 -51.54 -36.09 -19.63
N GLN F 324 -52.53 -36.75 -19.04
CA GLN F 324 -53.96 -36.52 -19.30
C GLN F 324 -54.75 -36.18 -18.01
N ASN F 325 -54.61 -37.02 -16.99
CA ASN F 325 -55.24 -36.77 -15.69
C ASN F 325 -54.27 -36.24 -14.63
N GLY F 326 -53.00 -36.08 -15.02
CA GLY F 326 -52.00 -35.43 -14.18
C GLY F 326 -51.55 -36.19 -12.94
N ALA F 327 -51.79 -37.50 -12.92
CA ALA F 327 -51.48 -38.32 -11.75
C ALA F 327 -50.03 -38.77 -11.73
N VAL F 328 -49.42 -38.78 -10.55
CA VAL F 328 -48.07 -39.33 -10.38
C VAL F 328 -48.17 -40.84 -10.23
N GLU F 329 -47.60 -41.57 -11.18
CA GLU F 329 -47.68 -43.03 -11.23
C GLU F 329 -46.35 -43.67 -10.86
N CYS F 330 -46.41 -44.92 -10.42
CA CYS F 330 -45.21 -45.73 -10.20
C CYS F 330 -45.41 -47.14 -10.73
N LYS F 331 -44.78 -47.43 -11.87
CA LYS F 331 -44.87 -48.76 -12.48
C LYS F 331 -43.83 -49.69 -11.90
N THR F 332 -44.26 -50.89 -11.52
CA THR F 332 -43.40 -51.89 -10.91
C THR F 332 -43.31 -53.14 -11.78
#